data_6GJ1
#
_entry.id   6GJ1
#
_cell.length_a   1.000
_cell.length_b   1.000
_cell.length_c   1.000
_cell.angle_alpha   90.00
_cell.angle_beta   90.00
_cell.angle_gamma   90.00
#
_symmetry.space_group_name_H-M   'P 1'
#
loop_
_entity.id
_entity.type
_entity.pdbx_description
1 polymer 'Putative type VI secretion protein'
2 polymer TssG
3 polymer TssE
#
loop_
_entity_poly.entity_id
_entity_poly.type
_entity_poly.pdbx_seq_one_letter_code
_entity_poly.pdbx_strand_id
1 'polypeptide(L)'
;MDDLTLRYFDAEMRYLREAGKAFAQAHPDRAAMLDLDKAGTPDPCVERLFEGFAFSMGRLRQKIDDDLPELTESLVSMLW
PHYLRTIPSLSVVALTPRLSVMKMAETVPAGLEVTSRPVGPGNTVCRYRTTRAIPLNPLAVEKVVMTTEPDGRSVLKIGF
ACSELADWSQVDLHRLSLYLAAEAPVSSTLHLMMTKRLAALYLRLPGNDERIRIDGWFSPGGFAEEDRLWPKGDSAFSGY
QLLLEYFTFREKFMFVHLNGLENVSLPAGISGFDLEVVLSQPWPADLPVTDDALCLHCVPVINLFTLEADPLIINGLESE
YLLRPKRLQDGYTEIYSVDAVTGSGRTGSAEYVPFTSFRHRGGMLRHDAPERYYHTRVKRGVTGMYDTWLILGGQRWEAD
RMPERETLSLRITGTNGQLPRRALQSTLLDRCEQVLQAPVSVRNLCKPTLPVYPPTEDRFHWRVMSHLGTGFLNMLSSAE
VLRGTLALYNWRDDELNHRRLDAILAVQHHRIQRFEKGFLLRGLDVEVTLDGNGFAGEGDIHLFGEMLNRFLALYADMNQ
FNQLTLIVQPEGKCIRWKENHNPRLPG
;
A,B
2 'polypeptide(L)'
;MHPVERKSQSAPARLITRYRKQLPYINFYRFCQLLEQSQPDQPPIGSGWQARQEAVRFCPYPGMGFPASEIKDAVIPEES
HLPPIVHVTFMGLYGVTSPLPAHYISDIAQQREGHEAAADFLDIFSHRLITQYYRIWRKYSYPATFEAGGQDKTSQYLLG
LARLGIPGCAQNIATPVSRFLALLPLMLLPGRTAEGLTSLVTLLAPGTQARVWHHDRRRIPLKTPLTMRVHHPVSLKSRP
VMGDHATDVNGQVLLQLSTQTGSEVQGWLPGGHLYSDLLALLHVYLGSRLDVRLQLCVERSLLPDARLSCRPAAGSPQLG
RTAVMRTQAKIATSAARVMTISLGRYQRVQEHYQRKETQENGDYRW
;
C
3 'polypeptide(L)'
;MPRPSLYEILYGNFTGGLELNQVGEEEQVILSVLDNMQRILNTRAGSLKHLPDYGLPDITTILQGMPGTAHQLMRVLSDV
LLKYEPRIKRVDVTMQEQTQPGELHYVIDAELKDAGLVRYGTTFIPEGRVLLRHLKQQRYVQT
;
D
#
# COMPACT_ATOMS: atom_id res chain seq x y z
N LEU A 4 -19.87 -7.19 21.66
CA LEU A 4 -20.30 -6.46 22.85
C LEU A 4 -19.46 -6.82 24.06
N THR A 5 -20.15 -7.15 25.16
CA THR A 5 -19.53 -7.40 26.46
C THR A 5 -18.71 -8.69 26.49
N LEU A 6 -18.83 -9.53 25.47
CA LEU A 6 -18.06 -10.75 25.42
C LEU A 6 -16.60 -10.46 25.13
N ARG A 7 -16.33 -9.83 23.98
CA ARG A 7 -14.96 -9.44 23.65
C ARG A 7 -14.43 -8.34 24.54
N TYR A 8 -15.32 -7.59 25.20
CA TYR A 8 -14.90 -6.76 26.32
C TYR A 8 -14.33 -7.64 27.42
N PHE A 9 -15.11 -8.62 27.87
CA PHE A 9 -14.65 -9.59 28.85
C PHE A 9 -13.49 -10.43 28.31
N ASP A 10 -13.47 -10.68 27.00
CA ASP A 10 -12.32 -11.38 26.43
C ASP A 10 -11.07 -10.52 26.52
N ALA A 11 -11.23 -9.20 26.36
CA ALA A 11 -10.11 -8.30 26.56
C ALA A 11 -9.62 -8.34 27.99
N GLU A 12 -10.54 -8.31 28.95
CA GLU A 12 -10.16 -8.33 30.36
C GLU A 12 -9.48 -9.64 30.75
N MET A 13 -9.97 -10.77 30.23
CA MET A 13 -9.38 -12.02 30.62
C MET A 13 -8.12 -12.34 29.85
N ARG A 14 -7.98 -11.82 28.63
CA ARG A 14 -6.69 -11.81 27.97
C ARG A 14 -5.68 -11.05 28.80
N TYR A 15 -6.05 -9.84 29.22
CA TYR A 15 -5.13 -8.96 29.92
C TYR A 15 -4.80 -9.50 31.30
N LEU A 16 -5.75 -10.19 31.92
CA LEU A 16 -5.52 -10.75 33.24
C LEU A 16 -4.44 -11.82 33.20
N ARG A 17 -4.55 -12.75 32.26
CA ARG A 17 -3.50 -13.76 32.11
C ARG A 17 -2.21 -13.15 31.63
N GLU A 18 -2.30 -12.10 30.80
CA GLU A 18 -1.12 -11.43 30.28
C GLU A 18 -0.32 -10.78 31.41
N ALA A 19 -0.94 -9.85 32.12
CA ALA A 19 -0.31 -9.22 33.27
C ALA A 19 -0.07 -10.18 34.43
N GLY A 20 -0.73 -11.33 34.45
CA GLY A 20 -0.46 -12.29 35.50
C GLY A 20 0.81 -13.06 35.24
N LYS A 21 0.99 -13.56 34.02
CA LYS A 21 2.14 -14.42 33.77
C LYS A 21 3.01 -13.97 32.63
N ALA A 22 2.43 -13.53 31.52
CA ALA A 22 3.25 -13.19 30.36
C ALA A 22 3.93 -11.85 30.54
N PHE A 23 3.31 -10.94 31.30
CA PHE A 23 3.91 -9.66 31.60
C PHE A 23 4.63 -9.66 32.94
N ALA A 24 4.42 -10.69 33.76
CA ALA A 24 5.18 -10.80 35.00
C ALA A 24 6.36 -11.76 34.88
N GLN A 25 6.08 -13.04 34.63
CA GLN A 25 7.08 -14.09 34.75
C GLN A 25 8.09 -14.08 33.62
N ALA A 26 7.79 -13.42 32.52
CA ALA A 26 8.73 -13.31 31.41
C ALA A 26 9.73 -12.18 31.60
N HIS A 27 9.88 -11.68 32.82
CA HIS A 27 10.83 -10.60 33.12
C HIS A 27 11.58 -10.97 34.37
N PRO A 28 12.53 -11.90 34.28
CA PRO A 28 13.30 -12.28 35.47
C PRO A 28 14.23 -11.19 35.94
N ASP A 29 14.68 -10.33 35.03
CA ASP A 29 15.54 -9.22 35.39
C ASP A 29 14.73 -8.14 36.09
N ARG A 30 13.45 -8.06 35.76
CA ARG A 30 12.51 -7.23 36.48
C ARG A 30 11.67 -8.03 37.46
N ALA A 31 11.83 -9.36 37.48
CA ALA A 31 11.55 -10.08 38.72
C ALA A 31 12.69 -9.93 39.70
N ALA A 32 13.83 -9.41 39.26
CA ALA A 32 14.80 -8.85 40.18
C ALA A 32 14.45 -7.42 40.58
N MET A 33 13.34 -6.88 40.08
CA MET A 33 12.89 -5.56 40.49
C MET A 33 11.40 -5.49 40.84
N LEU A 34 10.58 -6.44 40.38
CA LEU A 34 9.18 -6.45 40.80
C LEU A 34 8.70 -7.88 40.86
N ASP A 35 8.07 -8.26 41.97
CA ASP A 35 7.50 -9.58 42.15
C ASP A 35 5.99 -9.46 42.12
N LEU A 36 5.33 -10.44 41.50
CA LEU A 36 3.88 -10.51 41.53
C LEU A 36 3.37 -11.70 42.33
N ASP A 37 4.07 -12.83 42.28
CA ASP A 37 3.53 -14.08 42.81
C ASP A 37 3.87 -14.27 44.28
N LYS A 38 5.16 -14.22 44.62
CA LYS A 38 5.61 -14.61 45.96
C LYS A 38 5.26 -13.58 47.02
N ALA A 39 4.91 -12.36 46.63
CA ALA A 39 4.39 -11.40 47.58
C ALA A 39 2.98 -11.73 48.03
N GLY A 40 2.23 -12.47 47.22
CA GLY A 40 0.88 -12.85 47.58
C GLY A 40 -0.12 -11.74 47.34
N THR A 41 -1.38 -12.00 47.65
CA THR A 41 -2.40 -10.98 47.52
C THR A 41 -2.27 -9.95 48.65
N PRO A 42 -2.62 -8.69 48.39
CA PRO A 42 -2.72 -7.74 49.49
C PRO A 42 -3.91 -8.07 50.36
N ASP A 43 -3.84 -7.59 51.60
CA ASP A 43 -5.00 -7.65 52.49
C ASP A 43 -6.22 -6.88 51.95
N PRO A 44 -6.14 -5.62 51.49
CA PRO A 44 -7.38 -4.93 51.11
C PRO A 44 -7.92 -5.45 49.78
N CYS A 45 -9.14 -5.00 49.47
CA CYS A 45 -9.73 -5.20 48.16
C CYS A 45 -9.21 -4.10 47.23
N VAL A 46 -7.91 -4.16 46.99
CA VAL A 46 -7.21 -3.14 46.22
C VAL A 46 -6.67 -3.69 44.91
N GLU A 47 -6.33 -4.97 44.85
CA GLU A 47 -6.04 -5.61 43.59
C GLU A 47 -7.28 -5.73 42.73
N ARG A 48 -8.40 -6.06 43.35
CA ARG A 48 -9.63 -6.40 42.64
C ARG A 48 -10.22 -5.21 41.91
N LEU A 49 -10.05 -4.01 42.43
CA LEU A 49 -10.58 -2.86 41.74
C LEU A 49 -9.71 -2.45 40.56
N PHE A 50 -8.41 -2.43 40.76
CA PHE A 50 -7.58 -1.68 39.82
C PHE A 50 -7.19 -2.47 38.59
N GLU A 51 -7.06 -3.79 38.71
CA GLU A 51 -6.95 -4.61 37.51
C GLU A 51 -8.15 -4.45 36.61
N GLY A 52 -9.34 -4.66 37.16
CA GLY A 52 -10.56 -4.49 36.43
C GLY A 52 -10.89 -3.07 36.05
N PHE A 53 -10.18 -2.08 36.59
CA PHE A 53 -10.33 -0.71 36.13
C PHE A 53 -9.41 -0.40 34.97
N ALA A 54 -8.10 -0.65 35.16
CA ALA A 54 -7.10 -0.43 34.12
C ALA A 54 -7.37 -1.25 32.87
N PHE A 55 -7.80 -2.50 33.03
CA PHE A 55 -8.13 -3.31 31.87
C PHE A 55 -9.42 -2.91 31.22
N SER A 56 -10.39 -2.41 32.00
CA SER A 56 -11.61 -1.91 31.39
C SER A 56 -11.34 -0.66 30.58
N MET A 57 -10.31 0.09 30.95
CA MET A 57 -9.90 1.19 30.09
C MET A 57 -9.33 0.69 28.77
N GLY A 58 -8.42 -0.28 28.82
CA GLY A 58 -7.90 -0.86 27.60
C GLY A 58 -8.94 -1.58 26.76
N ARG A 59 -10.05 -1.98 27.38
CA ARG A 59 -11.19 -2.49 26.62
C ARG A 59 -11.67 -1.48 25.60
N LEU A 60 -12.09 -0.30 26.07
CA LEU A 60 -12.59 0.71 25.15
C LEU A 60 -11.47 1.25 24.28
N ARG A 61 -10.24 1.21 24.75
CA ARG A 61 -9.15 1.62 23.89
C ARG A 61 -8.89 0.61 22.78
N GLN A 62 -9.03 -0.69 23.10
CA GLN A 62 -9.05 -1.71 22.06
C GLN A 62 -10.15 -1.45 21.05
N LYS A 63 -11.33 -1.12 21.55
CA LYS A 63 -12.47 -0.98 20.67
C LYS A 63 -12.33 0.23 19.74
N ILE A 64 -11.79 1.32 20.25
CA ILE A 64 -11.56 2.47 19.37
C ILE A 64 -10.41 2.19 18.42
N ASP A 65 -9.44 1.37 18.84
CA ASP A 65 -8.45 0.88 17.89
C ASP A 65 -9.05 -0.01 16.83
N ASP A 66 -10.20 -0.61 17.10
CA ASP A 66 -10.91 -1.43 16.12
C ASP A 66 -11.90 -0.60 15.32
N ASP A 67 -11.62 0.68 15.15
CA ASP A 67 -12.43 1.54 14.30
C ASP A 67 -11.64 2.12 13.14
N LEU A 68 -10.56 2.81 13.43
CA LEU A 68 -9.81 3.58 12.44
C LEU A 68 -9.17 2.79 11.29
N PRO A 69 -8.79 1.51 11.44
CA PRO A 69 -8.53 0.72 10.24
C PRO A 69 -9.73 0.55 9.34
N GLU A 70 -10.95 0.70 9.82
CA GLU A 70 -12.02 0.79 8.85
C GLU A 70 -12.20 2.19 8.29
N LEU A 71 -11.47 3.16 8.81
CA LEU A 71 -11.71 4.53 8.38
C LEU A 71 -10.61 5.11 7.53
N THR A 72 -9.37 5.08 8.02
CA THR A 72 -8.28 5.66 7.26
C THR A 72 -8.00 4.80 6.04
N GLU A 73 -8.19 3.49 6.16
CA GLU A 73 -8.11 2.65 4.98
C GLU A 73 -9.21 2.95 4.00
N SER A 74 -10.40 3.30 4.49
CA SER A 74 -11.47 3.65 3.57
C SER A 74 -11.25 5.02 2.96
N LEU A 75 -10.43 5.86 3.57
CA LEU A 75 -10.32 7.21 3.05
C LEU A 75 -9.11 7.40 2.16
N VAL A 76 -7.96 6.84 2.55
CA VAL A 76 -6.75 7.02 1.76
C VAL A 76 -6.87 6.28 0.44
N SER A 77 -7.63 5.19 0.42
CA SER A 77 -8.00 4.53 -0.81
C SER A 77 -9.19 5.17 -1.48
N MET A 78 -9.44 6.45 -1.24
CA MET A 78 -10.34 7.23 -2.06
C MET A 78 -9.56 8.30 -2.81
N LEU A 79 -8.25 8.29 -2.69
CA LEU A 79 -7.47 9.37 -3.28
C LEU A 79 -7.03 9.01 -4.69
N TRP A 80 -6.39 7.86 -4.86
CA TRP A 80 -6.27 7.41 -6.24
C TRP A 80 -7.63 7.02 -6.80
N PRO A 81 -8.33 5.99 -6.31
CA PRO A 81 -9.55 5.60 -7.02
C PRO A 81 -10.68 6.50 -6.54
N HIS A 82 -11.80 6.40 -7.22
CA HIS A 82 -12.91 7.28 -6.88
C HIS A 82 -14.17 6.46 -6.86
N TYR A 83 -14.09 5.35 -6.15
CA TYR A 83 -15.08 4.30 -6.25
C TYR A 83 -15.65 3.96 -4.87
N LEU A 84 -16.07 4.98 -4.17
CA LEU A 84 -17.06 4.83 -3.13
C LEU A 84 -18.41 5.37 -3.55
N ARG A 85 -18.56 5.75 -4.81
CA ARG A 85 -19.76 6.42 -5.26
C ARG A 85 -20.88 5.42 -5.50
N THR A 86 -21.95 5.92 -6.09
CA THR A 86 -22.97 5.09 -6.71
C THR A 86 -23.27 5.65 -8.07
N ILE A 87 -24.13 4.94 -8.79
CA ILE A 87 -24.54 5.30 -10.13
C ILE A 87 -26.04 5.53 -10.09
N PRO A 88 -26.57 6.56 -10.71
CA PRO A 88 -28.02 6.67 -10.86
C PRO A 88 -28.57 5.73 -11.92
N SER A 89 -29.86 5.84 -12.19
CA SER A 89 -30.45 5.09 -13.28
C SER A 89 -30.62 6.00 -14.49
N LEU A 90 -30.95 5.38 -15.63
CA LEU A 90 -30.99 6.11 -16.89
C LEU A 90 -31.66 5.27 -17.96
N SER A 91 -32.17 5.95 -18.98
CA SER A 91 -32.70 5.35 -20.20
C SER A 91 -32.80 6.43 -21.28
N VAL A 92 -32.80 5.99 -22.53
CA VAL A 92 -32.56 6.86 -23.68
C VAL A 92 -33.77 7.76 -23.91
N VAL A 93 -33.51 8.99 -24.33
CA VAL A 93 -34.53 9.99 -24.52
C VAL A 93 -34.81 10.12 -26.02
N ALA A 94 -36.08 10.26 -26.38
CA ALA A 94 -36.47 10.55 -27.74
C ALA A 94 -37.47 11.69 -27.77
N LEU A 95 -37.24 12.65 -28.67
CA LEU A 95 -38.05 13.85 -28.75
C LEU A 95 -38.53 14.08 -30.16
N THR A 96 -39.73 14.66 -30.29
CA THR A 96 -40.26 14.91 -31.62
C THR A 96 -40.96 16.26 -31.69
N PRO A 97 -40.39 17.23 -32.38
CA PRO A 97 -41.04 18.53 -32.51
C PRO A 97 -42.15 18.49 -33.55
N ARG A 98 -42.90 19.58 -33.59
CA ARG A 98 -43.96 19.72 -34.56
C ARG A 98 -43.39 20.00 -35.94
N LEU A 99 -43.89 19.28 -36.92
CA LEU A 99 -43.35 19.34 -38.26
C LEU A 99 -43.75 20.61 -38.99
N SER A 100 -44.84 21.23 -38.55
CA SER A 100 -45.28 22.50 -39.13
C SER A 100 -44.36 23.65 -38.77
N VAL A 101 -43.50 23.49 -37.77
CA VAL A 101 -42.67 24.58 -37.27
C VAL A 101 -41.25 24.31 -37.74
N MET A 102 -41.12 23.59 -38.86
CA MET A 102 -39.82 23.17 -39.37
C MET A 102 -39.00 24.34 -39.94
N LYS A 103 -39.63 25.49 -40.15
CA LYS A 103 -39.04 26.61 -40.87
C LYS A 103 -37.89 27.20 -40.06
N MET A 104 -36.68 26.82 -40.46
CA MET A 104 -35.43 27.04 -39.73
C MET A 104 -35.55 26.53 -38.30
N ALA A 105 -35.68 25.21 -38.21
CA ALA A 105 -35.87 24.54 -36.92
C ALA A 105 -34.51 24.12 -36.32
N GLU A 106 -33.71 25.13 -36.02
CA GLU A 106 -32.37 24.90 -35.49
C GLU A 106 -32.45 24.61 -34.01
N THR A 107 -31.99 23.43 -33.62
CA THR A 107 -32.16 23.01 -32.23
C THR A 107 -31.21 23.78 -31.33
N VAL A 108 -31.78 24.41 -30.31
CA VAL A 108 -31.02 25.14 -29.31
C VAL A 108 -31.20 24.37 -28.01
N PRO A 109 -30.36 23.40 -27.73
CA PRO A 109 -30.58 22.47 -26.63
C PRO A 109 -29.98 22.95 -25.32
N ALA A 110 -30.26 24.20 -24.95
CA ALA A 110 -29.63 24.74 -23.77
C ALA A 110 -30.36 24.30 -22.50
N GLY A 111 -31.59 24.76 -22.33
CA GLY A 111 -32.30 24.54 -21.09
C GLY A 111 -33.50 23.63 -21.25
N LEU A 112 -33.42 22.45 -20.64
CA LEU A 112 -34.39 21.40 -20.88
C LEU A 112 -34.97 20.92 -19.54
N GLU A 113 -35.91 20.00 -19.62
CA GLU A 113 -36.36 19.29 -18.44
C GLU A 113 -36.25 17.80 -18.69
N VAL A 114 -36.77 17.02 -17.76
CA VAL A 114 -37.17 15.66 -18.05
C VAL A 114 -38.66 15.58 -17.84
N THR A 115 -39.22 14.47 -18.26
CA THR A 115 -40.59 14.14 -17.92
C THR A 115 -40.55 13.00 -16.92
N SER A 116 -41.59 12.88 -16.11
CA SER A 116 -41.48 12.09 -14.90
C SER A 116 -42.75 11.29 -14.68
N ARG A 117 -42.89 10.80 -13.46
CA ARG A 117 -43.93 9.82 -13.17
C ARG A 117 -44.18 9.74 -11.66
N PRO A 118 -45.43 9.62 -11.23
CA PRO A 118 -45.68 9.25 -9.83
C PRO A 118 -45.26 7.81 -9.58
N VAL A 119 -44.71 7.57 -8.39
CA VAL A 119 -44.16 6.25 -8.08
C VAL A 119 -44.15 6.10 -6.57
N GLY A 120 -44.39 4.87 -6.11
CA GLY A 120 -44.26 4.51 -4.71
C GLY A 120 -45.28 5.20 -3.84
N PRO A 121 -44.83 5.83 -2.78
CA PRO A 121 -45.73 6.65 -1.93
C PRO A 121 -46.00 8.02 -2.54
N GLY A 122 -46.52 8.02 -3.77
CA GLY A 122 -46.79 9.24 -4.48
C GLY A 122 -45.57 10.03 -4.89
N ASN A 123 -44.37 9.46 -4.76
CA ASN A 123 -43.15 10.17 -5.11
C ASN A 123 -43.06 10.37 -6.60
N THR A 124 -42.47 11.47 -7.01
CA THR A 124 -42.24 11.75 -8.41
C THR A 124 -40.76 11.92 -8.65
N VAL A 125 -40.41 12.07 -9.92
CA VAL A 125 -39.03 12.05 -10.37
C VAL A 125 -38.66 13.45 -10.80
N CYS A 126 -37.40 13.83 -10.60
CA CYS A 126 -36.82 14.94 -11.33
C CYS A 126 -35.45 14.46 -11.79
N ARG A 127 -35.42 13.79 -12.93
CA ARG A 127 -34.16 13.45 -13.55
C ARG A 127 -33.49 14.70 -14.09
N TYR A 128 -32.18 14.60 -14.27
CA TYR A 128 -31.41 15.67 -14.85
C TYR A 128 -31.72 15.75 -16.33
N ARG A 129 -31.95 16.94 -16.84
CA ARG A 129 -32.14 17.06 -18.27
C ARG A 129 -30.80 16.96 -18.97
N THR A 130 -30.85 16.84 -20.28
CA THR A 130 -29.67 17.09 -21.06
C THR A 130 -29.62 18.58 -21.38
N THR A 131 -28.46 19.17 -21.19
CA THR A 131 -28.12 20.38 -21.90
C THR A 131 -27.24 20.04 -23.08
N ARG A 132 -27.18 18.75 -23.45
CA ARG A 132 -26.24 18.24 -24.43
C ARG A 132 -26.59 18.74 -25.83
N ALA A 133 -25.57 19.03 -26.62
CA ALA A 133 -25.72 19.63 -27.94
C ALA A 133 -26.49 18.74 -28.91
N ILE A 134 -27.56 19.31 -29.45
CA ILE A 134 -28.22 18.83 -30.65
C ILE A 134 -28.23 20.00 -31.62
N PRO A 135 -27.58 19.90 -32.76
CA PRO A 135 -27.62 21.00 -33.72
C PRO A 135 -29.00 21.19 -34.34
N LEU A 136 -29.55 20.13 -34.91
CA LEU A 136 -30.81 20.25 -35.64
C LEU A 136 -31.77 19.16 -35.24
N ASN A 137 -33.05 19.51 -35.29
CA ASN A 137 -34.09 18.53 -35.46
C ASN A 137 -34.05 18.03 -36.90
N PRO A 138 -34.55 16.83 -37.18
CA PRO A 138 -34.47 16.33 -38.56
C PRO A 138 -35.58 16.93 -39.42
N LEU A 139 -35.58 16.50 -40.67
CA LEU A 139 -36.79 16.62 -41.47
C LEU A 139 -37.78 15.53 -41.11
N ALA A 140 -37.38 14.28 -41.29
CA ALA A 140 -38.26 13.17 -41.00
C ALA A 140 -37.42 11.92 -40.80
N VAL A 141 -38.01 10.96 -40.11
CA VAL A 141 -37.68 9.56 -40.26
C VAL A 141 -38.96 8.88 -40.73
N GLU A 142 -38.82 7.91 -41.64
CA GLU A 142 -40.00 7.27 -42.18
C GLU A 142 -40.01 5.79 -41.79
N LYS A 143 -41.07 5.09 -42.20
CA LYS A 143 -41.22 3.70 -41.79
C LYS A 143 -40.38 2.78 -42.65
N VAL A 144 -39.09 2.66 -42.33
CA VAL A 144 -38.13 2.07 -43.26
C VAL A 144 -38.35 0.57 -43.35
N VAL A 145 -37.95 -0.01 -44.49
CA VAL A 145 -38.09 -1.42 -44.78
C VAL A 145 -36.76 -1.93 -45.28
N MET A 146 -36.21 -2.94 -44.62
CA MET A 146 -34.90 -3.45 -44.97
C MET A 146 -34.96 -4.17 -46.30
N THR A 147 -34.73 -3.42 -47.38
CA THR A 147 -35.10 -3.82 -48.73
C THR A 147 -34.04 -4.73 -49.31
N THR A 148 -34.32 -6.03 -49.32
CA THR A 148 -33.37 -7.04 -49.73
C THR A 148 -33.06 -6.94 -51.22
N GLU A 149 -31.82 -7.19 -51.58
CA GLU A 149 -31.26 -6.86 -52.87
C GLU A 149 -30.37 -7.98 -53.39
N PRO A 150 -29.91 -7.88 -54.65
CA PRO A 150 -28.87 -8.82 -55.12
C PRO A 150 -27.57 -8.86 -54.33
N ASP A 151 -27.25 -7.89 -53.48
CA ASP A 151 -26.02 -7.96 -52.70
C ASP A 151 -26.24 -7.87 -51.21
N GLY A 152 -27.40 -8.31 -50.71
CA GLY A 152 -27.66 -8.26 -49.29
C GLY A 152 -27.97 -6.88 -48.74
N ARG A 153 -28.18 -5.90 -49.62
CA ARG A 153 -28.47 -4.53 -49.23
C ARG A 153 -29.85 -4.46 -48.58
N SER A 154 -30.09 -3.39 -47.82
CA SER A 154 -31.36 -3.22 -47.10
C SER A 154 -31.53 -1.76 -46.71
N VAL A 155 -32.44 -1.03 -47.35
CA VAL A 155 -32.40 0.43 -47.36
C VAL A 155 -33.32 1.04 -46.30
N LEU A 156 -33.08 2.32 -46.01
CA LEU A 156 -33.94 3.20 -45.25
C LEU A 156 -34.74 4.12 -46.17
N LYS A 157 -35.47 5.04 -45.54
CA LYS A 157 -36.12 6.17 -46.20
C LYS A 157 -36.37 7.27 -45.18
N ILE A 158 -36.04 8.51 -45.57
CA ILE A 158 -36.31 9.70 -44.76
C ILE A 158 -36.68 10.83 -45.73
N GLY A 159 -37.33 11.86 -45.20
CA GLY A 159 -37.60 13.07 -45.99
C GLY A 159 -38.85 13.86 -45.63
N PHE A 160 -38.76 15.20 -45.71
CA PHE A 160 -39.86 16.08 -45.30
C PHE A 160 -39.64 17.48 -45.89
N ALA A 161 -40.73 18.18 -46.21
CA ALA A 161 -40.62 19.51 -46.80
C ALA A 161 -41.84 20.36 -46.48
N CYS A 162 -41.67 21.29 -45.53
CA CYS A 162 -42.64 22.34 -45.28
C CYS A 162 -41.92 23.66 -44.98
N SER A 163 -40.67 23.78 -45.35
CA SER A 163 -39.81 24.70 -44.62
C SER A 163 -38.75 25.31 -45.53
N GLU A 164 -37.70 25.83 -44.91
CA GLU A 164 -36.73 26.77 -45.46
C GLU A 164 -35.48 26.06 -45.92
N LEU A 165 -35.65 24.89 -46.54
CA LEU A 165 -34.58 23.90 -46.67
C LEU A 165 -33.43 24.34 -47.57
N ALA A 166 -33.59 25.42 -48.33
CA ALA A 166 -32.43 25.99 -49.00
C ALA A 166 -31.52 26.68 -47.99
N ASP A 167 -32.07 27.05 -46.83
CA ASP A 167 -31.33 27.84 -45.86
C ASP A 167 -31.17 27.12 -44.54
N TRP A 168 -32.17 26.33 -44.14
CA TRP A 168 -32.07 25.62 -42.87
C TRP A 168 -31.17 24.40 -42.98
N SER A 169 -31.29 23.65 -44.08
CA SER A 169 -30.32 22.61 -44.36
C SER A 169 -28.95 23.17 -44.68
N GLN A 170 -28.90 24.41 -45.20
CA GLN A 170 -27.66 25.14 -45.38
C GLN A 170 -26.96 25.43 -44.05
N VAL A 171 -27.67 25.30 -42.93
CA VAL A 171 -27.02 25.47 -41.64
C VAL A 171 -26.22 24.22 -41.28
N ASP A 172 -26.90 23.10 -41.02
CA ASP A 172 -26.20 22.01 -40.35
C ASP A 172 -26.55 20.64 -40.90
N LEU A 173 -26.45 20.46 -42.21
CA LEU A 173 -26.30 19.11 -42.70
C LEU A 173 -24.91 18.54 -42.41
N HIS A 174 -23.91 19.41 -42.19
CA HIS A 174 -22.52 19.14 -42.54
C HIS A 174 -21.90 17.97 -41.80
N ARG A 175 -21.68 18.11 -40.51
CA ARG A 175 -21.15 16.98 -39.77
C ARG A 175 -22.24 16.50 -38.84
N LEU A 176 -23.43 16.34 -39.39
CA LEU A 176 -24.57 15.79 -38.64
C LEU A 176 -24.27 14.32 -38.36
N SER A 177 -23.41 14.12 -37.36
CA SER A 177 -22.90 12.81 -36.99
C SER A 177 -23.99 12.14 -36.14
N LEU A 178 -25.03 11.71 -36.84
CA LEU A 178 -26.32 11.44 -36.25
C LEU A 178 -26.74 10.00 -36.49
N TYR A 179 -27.04 9.31 -35.40
CA TYR A 179 -27.17 7.87 -35.40
C TYR A 179 -28.60 7.40 -35.28
N LEU A 180 -28.73 6.10 -35.04
CA LEU A 180 -29.96 5.50 -34.56
C LEU A 180 -29.60 4.55 -33.42
N ALA A 181 -30.61 3.84 -32.93
CA ALA A 181 -30.40 2.79 -31.95
C ALA A 181 -31.43 1.69 -32.19
N ALA A 182 -31.07 0.47 -31.83
CA ALA A 182 -31.93 -0.68 -32.03
C ALA A 182 -31.55 -1.75 -30.99
N GLU A 183 -32.00 -2.98 -31.21
CA GLU A 183 -31.84 -4.01 -30.19
C GLU A 183 -30.53 -4.79 -30.32
N ALA A 184 -30.39 -5.82 -29.48
CA ALA A 184 -29.08 -6.38 -29.20
C ALA A 184 -28.48 -7.23 -30.32
N PRO A 185 -29.19 -8.16 -30.98
CA PRO A 185 -28.56 -8.80 -32.15
C PRO A 185 -28.60 -7.91 -33.37
N VAL A 186 -29.32 -6.81 -33.31
CA VAL A 186 -29.76 -6.09 -34.49
C VAL A 186 -28.83 -4.93 -34.82
N SER A 187 -28.64 -4.02 -33.87
CA SER A 187 -27.90 -2.78 -34.16
C SER A 187 -26.41 -3.06 -34.28
N SER A 188 -25.89 -3.87 -33.38
CA SER A 188 -24.51 -4.31 -33.37
C SER A 188 -24.11 -5.01 -34.66
N THR A 189 -25.04 -5.74 -35.27
CA THR A 189 -24.86 -6.23 -36.63
C THR A 189 -24.61 -5.08 -37.58
N LEU A 190 -25.32 -3.98 -37.42
CA LEU A 190 -25.15 -2.88 -38.36
C LEU A 190 -23.87 -2.13 -38.09
N HIS A 191 -23.37 -2.18 -36.85
CA HIS A 191 -22.01 -1.69 -36.58
C HIS A 191 -21.00 -2.53 -37.33
N LEU A 192 -21.14 -3.84 -37.19
CA LEU A 192 -20.30 -4.81 -37.87
C LEU A 192 -20.33 -4.63 -39.38
N MET A 193 -21.44 -4.12 -39.91
CA MET A 193 -21.42 -3.70 -41.30
C MET A 193 -20.95 -2.27 -41.49
N MET A 194 -20.95 -1.43 -40.44
CA MET A 194 -20.41 -0.09 -40.59
C MET A 194 -18.90 -0.13 -40.82
N THR A 195 -18.24 -1.16 -40.30
CA THR A 195 -16.87 -1.31 -40.77
C THR A 195 -16.78 -1.93 -42.16
N LYS A 196 -17.89 -2.37 -42.76
CA LYS A 196 -17.86 -3.05 -44.05
C LYS A 196 -18.82 -2.44 -45.06
N ARG A 197 -19.05 -1.13 -44.98
CA ARG A 197 -19.99 -0.48 -45.89
C ARG A 197 -19.37 -0.34 -47.27
N LEU A 198 -20.17 -0.60 -48.30
CA LEU A 198 -19.72 -0.31 -49.64
C LEU A 198 -20.19 1.10 -50.01
N ALA A 199 -20.12 1.44 -51.31
CA ALA A 199 -19.97 2.81 -51.74
C ALA A 199 -21.20 3.66 -51.50
N ALA A 200 -22.34 3.03 -51.19
CA ALA A 200 -23.66 3.67 -51.15
C ALA A 200 -23.91 4.41 -52.46
N LEU A 201 -24.04 3.61 -53.52
CA LEU A 201 -23.89 4.13 -54.88
C LEU A 201 -25.05 5.06 -55.25
N TYR A 202 -26.19 4.86 -54.64
CA TYR A 202 -27.41 5.55 -55.01
C TYR A 202 -27.79 6.59 -53.97
N LEU A 203 -26.79 7.29 -53.44
CA LEU A 203 -26.84 7.94 -52.14
C LEU A 203 -27.75 9.16 -52.15
N ARG A 204 -29.02 8.98 -51.78
CA ARG A 204 -29.98 10.08 -51.70
C ARG A 204 -31.19 9.65 -50.89
N LEU A 205 -31.71 10.57 -50.08
CA LEU A 205 -32.95 10.30 -49.37
C LEU A 205 -34.13 10.60 -50.28
N PRO A 206 -35.20 9.83 -50.17
CA PRO A 206 -36.35 10.04 -51.05
C PRO A 206 -37.29 11.14 -50.58
N GLY A 207 -38.14 11.56 -51.51
CA GLY A 207 -39.42 12.19 -51.20
C GLY A 207 -39.52 13.70 -51.25
N ASN A 208 -38.57 14.41 -50.67
CA ASN A 208 -38.81 15.83 -50.43
C ASN A 208 -37.59 16.70 -50.67
N ASP A 209 -36.75 16.34 -51.64
CA ASP A 209 -35.59 17.15 -51.99
C ASP A 209 -35.95 18.27 -52.96
N GLU A 210 -37.23 18.69 -52.98
CA GLU A 210 -37.66 19.90 -53.66
C GLU A 210 -36.92 21.13 -53.18
N ARG A 211 -36.56 21.15 -51.90
CA ARG A 211 -36.22 22.40 -51.26
C ARG A 211 -34.79 22.46 -50.75
N ILE A 212 -34.10 21.33 -50.64
CA ILE A 212 -32.66 21.39 -50.39
C ILE A 212 -31.89 21.60 -51.68
N ARG A 213 -32.10 20.74 -52.68
CA ARG A 213 -31.57 20.79 -54.05
C ARG A 213 -30.05 20.71 -54.13
N ILE A 214 -29.35 20.63 -53.01
CA ILE A 214 -27.89 20.66 -52.94
C ILE A 214 -27.46 19.66 -51.88
N ASP A 215 -26.56 18.75 -52.25
CA ASP A 215 -26.07 17.70 -51.37
C ASP A 215 -24.58 17.81 -51.09
N GLY A 216 -24.09 19.03 -50.88
CA GLY A 216 -22.66 19.21 -50.73
C GLY A 216 -22.08 18.66 -49.45
N TRP A 217 -22.94 18.31 -48.50
CA TRP A 217 -22.51 17.85 -47.18
C TRP A 217 -22.95 16.43 -46.94
N PHE A 218 -22.10 15.70 -46.25
CA PHE A 218 -22.29 14.27 -46.06
C PHE A 218 -22.21 13.97 -44.57
N SER A 219 -23.18 13.23 -44.07
CA SER A 219 -23.32 13.16 -42.63
C SER A 219 -23.53 11.74 -42.13
N PRO A 220 -22.58 11.20 -41.40
CA PRO A 220 -22.65 9.81 -40.97
C PRO A 220 -23.38 9.63 -39.64
N GLY A 221 -23.33 8.40 -39.11
CA GLY A 221 -23.97 8.06 -37.86
C GLY A 221 -23.10 7.09 -37.08
N GLY A 222 -23.54 6.77 -35.87
CA GLY A 222 -22.82 5.83 -35.04
C GLY A 222 -23.19 5.89 -33.58
N PHE A 223 -23.35 4.74 -32.94
CA PHE A 223 -23.91 4.67 -31.61
C PHE A 223 -23.66 3.30 -31.02
N ALA A 224 -23.64 3.23 -29.70
CA ALA A 224 -23.59 1.94 -29.01
C ALA A 224 -24.47 1.98 -27.79
N GLU A 225 -24.73 0.79 -27.25
CA GLU A 225 -25.43 0.64 -25.98
C GLU A 225 -24.58 1.21 -24.88
N GLU A 226 -24.96 2.38 -24.39
CA GLU A 226 -24.06 3.14 -23.55
C GLU A 226 -24.26 2.87 -22.07
N ASP A 227 -24.56 1.62 -21.70
CA ASP A 227 -24.65 1.29 -20.30
C ASP A 227 -23.70 0.20 -19.85
N ARG A 228 -23.50 -0.87 -20.63
CA ARG A 228 -22.80 -2.05 -20.12
C ARG A 228 -21.29 -1.88 -20.13
N LEU A 229 -20.71 -1.79 -21.32
CA LEU A 229 -19.26 -1.77 -21.48
C LEU A 229 -18.65 -0.48 -21.01
N TRP A 230 -19.24 0.61 -21.41
CA TRP A 230 -18.71 1.95 -21.33
C TRP A 230 -18.23 2.46 -19.96
N PRO A 231 -18.63 1.92 -18.79
CA PRO A 231 -17.91 2.29 -17.56
C PRO A 231 -16.42 2.00 -17.56
N LYS A 232 -15.99 0.87 -18.12
CA LYS A 232 -14.57 0.57 -18.09
C LYS A 232 -13.79 1.49 -19.02
N GLY A 233 -14.35 1.79 -20.19
CA GLY A 233 -13.79 2.82 -21.02
C GLY A 233 -13.86 4.19 -20.40
N ASP A 234 -14.89 4.43 -19.59
CA ASP A 234 -15.02 5.62 -18.78
C ASP A 234 -14.37 5.44 -17.43
N SER A 235 -13.37 4.59 -17.34
CA SER A 235 -12.64 4.39 -16.11
C SER A 235 -11.14 4.52 -16.27
N ALA A 236 -10.65 4.78 -17.47
CA ALA A 236 -9.21 4.90 -17.65
C ALA A 236 -8.92 6.34 -18.02
N PHE A 237 -8.79 7.18 -17.00
CA PHE A 237 -8.72 8.61 -17.21
C PHE A 237 -8.14 9.26 -15.98
N SER A 238 -8.31 10.57 -15.88
CA SER A 238 -7.73 11.45 -14.87
C SER A 238 -8.55 11.41 -13.58
N GLY A 239 -8.32 12.40 -12.72
CA GLY A 239 -9.02 12.53 -11.45
C GLY A 239 -9.80 13.83 -11.28
N TYR A 240 -10.56 14.24 -12.30
CA TYR A 240 -11.39 15.44 -12.16
C TYR A 240 -12.73 15.37 -12.89
N GLN A 241 -13.17 14.20 -13.33
CA GLN A 241 -14.25 14.13 -14.29
C GLN A 241 -15.45 13.45 -13.64
N LEU A 242 -16.64 13.86 -14.06
CA LEU A 242 -17.86 13.26 -13.55
C LEU A 242 -18.09 11.89 -14.15
N LEU A 243 -18.80 11.04 -13.42
CA LEU A 243 -18.87 9.63 -13.81
C LEU A 243 -19.67 9.43 -15.06
N LEU A 244 -20.92 9.87 -15.07
CA LEU A 244 -21.64 9.94 -16.32
C LEU A 244 -22.21 11.31 -16.56
N GLU A 245 -21.52 12.35 -16.12
CA GLU A 245 -21.85 13.69 -16.58
C GLU A 245 -20.70 14.31 -17.35
N TYR A 246 -19.46 13.87 -17.10
CA TYR A 246 -18.38 14.19 -18.04
C TYR A 246 -18.54 13.43 -19.33
N PHE A 247 -18.43 12.10 -19.25
CA PHE A 247 -18.26 11.27 -20.45
C PHE A 247 -19.51 11.24 -21.29
N THR A 248 -20.67 11.37 -20.65
CA THR A 248 -21.94 11.27 -21.34
C THR A 248 -22.12 12.39 -22.35
N PHE A 249 -22.20 13.62 -21.87
CA PHE A 249 -22.56 14.73 -22.74
C PHE A 249 -21.40 15.16 -23.63
N ARG A 250 -20.17 14.89 -23.23
CA ARG A 250 -19.02 15.17 -24.07
C ARG A 250 -19.03 14.22 -25.25
N GLU A 251 -18.91 14.79 -26.44
CA GLU A 251 -18.64 14.03 -27.64
C GLU A 251 -17.19 13.57 -27.55
N LYS A 252 -16.99 12.43 -26.89
CA LYS A 252 -15.68 11.88 -26.68
C LYS A 252 -15.57 10.45 -27.19
N PHE A 253 -16.71 9.77 -27.33
CA PHE A 253 -16.77 8.33 -27.51
C PHE A 253 -16.16 7.89 -28.82
N MET A 254 -15.80 6.62 -28.86
CA MET A 254 -15.28 6.03 -30.08
C MET A 254 -16.47 5.56 -30.92
N PHE A 255 -16.99 6.46 -31.74
CA PHE A 255 -18.08 6.12 -32.65
C PHE A 255 -17.60 6.13 -34.09
N VAL A 256 -17.94 5.06 -34.78
CA VAL A 256 -17.52 4.93 -36.15
C VAL A 256 -18.50 5.74 -36.99
N HIS A 257 -18.17 7.00 -37.19
CA HIS A 257 -18.96 7.85 -38.08
C HIS A 257 -18.39 7.81 -39.48
N LEU A 258 -18.58 6.67 -40.14
CA LEU A 258 -18.04 6.47 -41.47
C LEU A 258 -18.86 7.24 -42.48
N ASN A 259 -18.20 8.14 -43.17
CA ASN A 259 -18.89 9.09 -44.02
C ASN A 259 -18.47 8.88 -45.46
N GLY A 260 -19.45 8.70 -46.35
CA GLY A 260 -19.18 8.53 -47.76
C GLY A 260 -19.36 9.81 -48.55
N LEU A 261 -19.18 9.70 -49.87
CA LEU A 261 -19.20 10.88 -50.74
C LEU A 261 -19.96 10.67 -52.04
N GLU A 262 -20.53 9.49 -52.26
CA GLU A 262 -20.96 9.09 -53.59
C GLU A 262 -22.20 9.84 -54.05
N ASN A 263 -22.15 10.31 -55.29
CA ASN A 263 -23.31 10.86 -55.95
C ASN A 263 -24.34 9.77 -56.21
N VAL A 264 -25.59 10.10 -55.96
CA VAL A 264 -26.68 9.20 -56.30
C VAL A 264 -26.78 9.06 -57.81
N SER A 265 -26.88 7.81 -58.26
CA SER A 265 -27.23 7.53 -59.64
C SER A 265 -28.71 7.19 -59.67
N LEU A 266 -29.46 7.97 -60.41
CA LEU A 266 -30.90 7.78 -60.32
C LEU A 266 -31.54 8.30 -61.60
N PRO A 267 -32.74 7.84 -61.93
CA PRO A 267 -33.51 8.51 -62.97
C PRO A 267 -33.85 9.91 -62.53
N ALA A 268 -33.90 10.84 -63.48
CA ALA A 268 -34.38 12.17 -63.16
C ALA A 268 -35.86 12.12 -62.81
N GLY A 269 -36.31 13.12 -62.05
CA GLY A 269 -37.67 13.09 -61.55
C GLY A 269 -37.86 12.25 -60.32
N ILE A 270 -36.92 11.38 -60.00
CA ILE A 270 -36.86 10.70 -58.72
C ILE A 270 -36.24 11.69 -57.75
N SER A 271 -37.03 12.18 -56.80
CA SER A 271 -36.54 13.12 -55.81
C SER A 271 -35.59 12.47 -54.81
N GLY A 272 -35.49 11.15 -54.81
CA GLY A 272 -34.44 10.46 -54.11
C GLY A 272 -34.44 8.98 -54.37
N PHE A 273 -33.29 8.43 -54.76
CA PHE A 273 -33.29 7.02 -55.10
C PHE A 273 -33.24 6.21 -53.82
N ASP A 274 -33.77 4.99 -53.87
CA ASP A 274 -34.03 4.24 -52.63
C ASP A 274 -33.03 3.11 -52.45
N LEU A 275 -31.76 3.37 -52.74
CA LEU A 275 -30.68 2.49 -52.31
C LEU A 275 -29.65 3.37 -51.62
N GLU A 276 -29.17 2.93 -50.46
CA GLU A 276 -28.25 3.72 -49.68
C GLU A 276 -27.20 2.81 -49.08
N VAL A 277 -27.31 1.52 -49.32
CA VAL A 277 -26.93 0.48 -48.38
C VAL A 277 -26.11 -0.59 -49.04
N VAL A 278 -25.30 -0.19 -50.02
CA VAL A 278 -24.44 -1.14 -50.72
C VAL A 278 -23.46 -1.73 -49.72
N LEU A 279 -23.29 -3.04 -49.75
CA LEU A 279 -22.52 -3.75 -48.74
C LEU A 279 -21.61 -4.79 -49.36
N SER A 280 -21.02 -5.61 -48.50
CA SER A 280 -20.09 -6.65 -48.90
C SER A 280 -20.45 -8.03 -48.39
N GLN A 281 -21.47 -8.14 -47.54
CA GLN A 281 -21.74 -9.39 -46.85
C GLN A 281 -23.18 -9.79 -47.05
N PRO A 282 -23.47 -11.08 -46.96
CA PRO A 282 -24.88 -11.51 -46.91
C PRO A 282 -25.50 -11.08 -45.59
N TRP A 283 -26.59 -10.37 -45.67
CA TRP A 283 -27.32 -10.02 -44.46
C TRP A 283 -27.97 -11.27 -43.91
N PRO A 284 -27.70 -11.65 -42.68
CA PRO A 284 -28.24 -12.91 -42.17
C PRO A 284 -29.73 -12.82 -41.91
N ALA A 285 -30.40 -13.93 -42.15
CA ALA A 285 -31.82 -14.02 -41.87
C ALA A 285 -32.05 -14.32 -40.39
N ASP A 286 -33.30 -14.71 -40.09
CA ASP A 286 -33.80 -14.95 -38.74
C ASP A 286 -33.71 -13.68 -37.89
N LEU A 287 -33.82 -12.54 -38.55
CA LEU A 287 -33.70 -11.24 -37.91
C LEU A 287 -34.85 -10.38 -38.42
N PRO A 288 -35.72 -9.88 -37.56
CA PRO A 288 -36.84 -9.07 -38.03
C PRO A 288 -36.38 -7.73 -38.58
N VAL A 289 -37.15 -7.24 -39.54
CA VAL A 289 -36.90 -5.95 -40.16
C VAL A 289 -38.02 -5.02 -39.72
N THR A 290 -37.66 -3.75 -39.51
CA THR A 290 -38.61 -2.74 -39.03
C THR A 290 -37.98 -1.37 -39.16
N ASP A 291 -38.71 -0.38 -38.67
CA ASP A 291 -38.20 0.97 -38.49
C ASP A 291 -37.76 1.19 -37.05
N ASP A 292 -36.80 0.37 -36.60
CA ASP A 292 -36.10 0.58 -35.33
C ASP A 292 -34.86 1.42 -35.56
N ALA A 293 -35.09 2.62 -36.11
CA ALA A 293 -33.99 3.44 -36.57
C ALA A 293 -34.40 4.90 -36.39
N LEU A 294 -33.96 5.48 -35.30
CA LEU A 294 -34.46 6.79 -34.92
C LEU A 294 -33.46 7.88 -35.28
N CYS A 295 -33.94 8.90 -35.98
CA CYS A 295 -33.04 9.99 -36.37
C CYS A 295 -32.63 10.85 -35.18
N LEU A 296 -33.55 11.62 -34.64
CA LEU A 296 -33.22 12.38 -33.45
C LEU A 296 -33.76 11.65 -32.24
N HIS A 297 -32.86 11.34 -31.33
CA HIS A 297 -33.21 10.85 -30.01
C HIS A 297 -32.00 11.12 -29.17
N CYS A 298 -32.19 11.81 -28.07
CA CYS A 298 -31.04 12.27 -27.32
C CYS A 298 -30.54 11.16 -26.43
N VAL A 299 -29.49 11.45 -25.69
CA VAL A 299 -28.78 10.41 -24.97
C VAL A 299 -29.57 10.05 -23.73
N PRO A 300 -29.35 8.89 -23.14
CA PRO A 300 -29.88 8.64 -21.80
C PRO A 300 -29.30 9.60 -20.78
N VAL A 301 -30.08 9.89 -19.75
CA VAL A 301 -29.70 10.88 -18.77
C VAL A 301 -30.29 10.47 -17.42
N ILE A 302 -29.72 11.01 -16.35
CA ILE A 302 -29.87 10.45 -15.01
C ILE A 302 -30.64 11.42 -14.14
N ASN A 303 -30.78 11.06 -12.87
CA ASN A 303 -31.27 11.98 -11.86
C ASN A 303 -30.18 12.95 -11.44
N LEU A 304 -30.48 14.25 -11.51
CA LEU A 304 -29.82 15.27 -10.69
C LEU A 304 -30.85 16.32 -10.32
N PHE A 305 -31.10 16.48 -9.04
CA PHE A 305 -31.85 17.63 -8.56
C PHE A 305 -30.93 18.85 -8.52
N THR A 306 -31.45 19.95 -7.99
CA THR A 306 -30.61 21.07 -7.58
C THR A 306 -31.02 21.38 -6.15
N LEU A 307 -30.40 20.72 -5.19
CA LEU A 307 -30.83 20.80 -3.80
C LEU A 307 -30.39 22.11 -3.17
N GLU A 308 -31.28 22.69 -2.37
CA GLU A 308 -31.08 24.01 -1.78
C GLU A 308 -31.55 24.01 -0.33
N ALA A 309 -30.89 24.84 0.48
CA ALA A 309 -31.19 24.94 1.91
C ALA A 309 -30.63 26.24 2.45
N ASP A 310 -30.62 26.32 3.79
CA ASP A 310 -30.17 27.48 4.55
C ASP A 310 -28.75 27.31 5.03
N PRO A 311 -27.94 28.35 4.89
CA PRO A 311 -26.61 28.33 5.51
C PRO A 311 -26.70 28.70 6.99
N LEU A 312 -26.14 27.84 7.83
CA LEU A 312 -26.18 28.04 9.27
C LEU A 312 -24.76 28.02 9.82
N ILE A 313 -24.40 29.06 10.55
CA ILE A 313 -23.03 29.33 10.95
C ILE A 313 -23.01 29.33 12.46
N ILE A 314 -22.30 28.37 13.05
CA ILE A 314 -22.08 28.31 14.49
C ILE A 314 -20.64 27.91 14.72
N ASN A 315 -19.94 28.59 15.60
CA ASN A 315 -18.65 28.07 16.04
C ASN A 315 -18.91 26.87 16.94
N GLY A 316 -18.41 25.71 16.53
CA GLY A 316 -18.79 24.43 17.07
C GLY A 316 -19.48 23.54 16.07
N LEU A 317 -20.27 24.14 15.17
CA LEU A 317 -20.86 23.45 14.03
C LEU A 317 -19.82 22.94 13.05
N GLU A 318 -18.64 23.55 13.03
CA GLU A 318 -17.61 23.17 12.09
C GLU A 318 -16.97 21.83 12.44
N SER A 319 -17.07 21.40 13.70
CA SER A 319 -16.47 20.14 14.12
C SER A 319 -17.26 18.98 13.49
N GLU A 320 -18.55 18.91 13.78
CA GLU A 320 -19.50 18.21 12.94
C GLU A 320 -20.78 19.03 12.96
N TYR A 321 -21.56 18.93 11.94
CA TYR A 321 -22.92 19.37 12.14
C TYR A 321 -23.97 18.42 11.60
N LEU A 322 -23.70 17.78 10.46
CA LEU A 322 -24.47 16.65 9.91
C LEU A 322 -25.90 17.08 9.56
N LEU A 323 -26.00 18.19 8.84
CA LEU A 323 -27.32 18.80 8.60
C LEU A 323 -28.13 18.00 7.61
N ARG A 324 -29.44 17.96 7.84
CA ARG A 324 -30.40 17.54 6.85
C ARG A 324 -31.14 18.76 6.32
N PRO A 325 -31.12 19.01 5.02
CA PRO A 325 -31.93 20.11 4.47
C PRO A 325 -33.42 19.85 4.50
N LYS A 326 -34.16 20.76 3.89
CA LYS A 326 -35.61 20.85 4.07
C LYS A 326 -36.34 19.69 3.40
N ARG A 327 -36.14 19.53 2.11
CA ARG A 327 -36.97 18.57 1.39
C ARG A 327 -36.37 17.18 1.41
N LEU A 328 -35.14 17.04 1.91
CA LEU A 328 -34.66 15.74 2.34
C LEU A 328 -35.58 15.13 3.37
N GLN A 329 -36.04 15.95 4.32
CA GLN A 329 -36.99 15.54 5.32
C GLN A 329 -38.36 15.29 4.72
N ASP A 330 -38.61 15.76 3.50
CA ASP A 330 -39.89 15.58 2.82
C ASP A 330 -39.93 14.30 2.01
N GLY A 331 -39.00 13.39 2.22
CA GLY A 331 -39.00 12.10 1.56
C GLY A 331 -37.94 11.94 0.49
N TYR A 332 -37.12 12.97 0.24
CA TYR A 332 -35.98 12.81 -0.64
C TYR A 332 -34.98 11.85 -0.01
N THR A 333 -34.81 10.69 -0.61
CA THR A 333 -34.09 9.62 0.06
C THR A 333 -32.59 9.69 -0.14
N GLU A 334 -32.09 10.69 -0.86
CA GLU A 334 -30.67 10.68 -1.17
C GLU A 334 -30.23 12.09 -1.53
N ILE A 335 -28.94 12.34 -1.36
CA ILE A 335 -28.33 13.55 -1.91
C ILE A 335 -27.22 13.13 -2.82
N TYR A 336 -26.53 14.11 -3.38
CA TYR A 336 -25.25 13.89 -4.00
C TYR A 336 -24.22 14.56 -3.10
N SER A 337 -22.95 14.34 -3.40
CA SER A 337 -21.87 15.02 -2.71
C SER A 337 -21.91 16.53 -2.95
N VAL A 338 -21.12 17.23 -2.15
CA VAL A 338 -21.20 18.69 -2.06
C VAL A 338 -20.58 19.30 -3.30
N ASP A 339 -21.28 20.26 -3.91
CA ASP A 339 -20.85 20.79 -5.19
C ASP A 339 -20.03 22.07 -5.05
N ALA A 340 -20.60 23.09 -4.43
CA ALA A 340 -19.84 24.33 -4.29
C ALA A 340 -20.31 25.06 -3.06
N VAL A 341 -19.36 25.66 -2.35
CA VAL A 341 -19.64 26.45 -1.16
C VAL A 341 -19.09 27.85 -1.37
N THR A 342 -19.91 28.85 -1.04
CA THR A 342 -19.55 30.27 -1.07
C THR A 342 -20.14 30.94 0.15
N GLY A 343 -20.27 32.25 0.12
CA GLY A 343 -21.12 32.93 1.07
C GLY A 343 -20.70 34.39 1.23
N SER A 344 -21.01 34.95 2.40
CA SER A 344 -20.70 36.34 2.68
C SER A 344 -19.83 36.41 3.93
N GLY A 345 -18.53 36.49 3.75
CA GLY A 345 -17.58 36.64 4.84
C GLY A 345 -17.28 38.09 5.11
N ARG A 346 -16.28 38.32 5.95
CA ARG A 346 -15.94 39.67 6.42
C ARG A 346 -14.68 40.21 5.77
N THR A 347 -13.56 39.53 5.95
CA THR A 347 -12.32 39.97 5.32
C THR A 347 -12.27 39.50 3.87
N GLY A 348 -12.24 38.19 3.67
CA GLY A 348 -12.58 37.61 2.40
C GLY A 348 -14.09 37.43 2.40
N SER A 349 -14.72 37.87 1.31
CA SER A 349 -16.17 37.76 1.22
C SER A 349 -16.60 36.30 1.06
N ALA A 350 -15.84 35.53 0.26
CA ALA A 350 -16.06 34.10 0.11
C ALA A 350 -14.78 33.48 -0.39
N GLU A 351 -14.30 32.44 0.29
CA GLU A 351 -13.09 31.72 -0.08
C GLU A 351 -13.33 30.25 0.19
N TYR A 352 -13.44 29.44 -0.86
CA TYR A 352 -13.61 28.00 -0.67
C TYR A 352 -12.85 27.24 -1.75
N VAL A 353 -12.01 26.29 -1.34
CA VAL A 353 -11.29 25.41 -2.25
C VAL A 353 -11.48 23.97 -1.78
N PRO A 354 -11.85 23.06 -2.67
CA PRO A 354 -11.88 21.64 -2.32
C PRO A 354 -10.53 21.08 -1.93
N PHE A 355 -10.61 20.15 -0.99
CA PHE A 355 -9.47 19.75 -0.19
C PHE A 355 -8.44 18.97 -1.00
N THR A 356 -8.88 18.28 -2.04
CA THR A 356 -7.95 17.62 -2.92
C THR A 356 -7.21 18.61 -3.80
N SER A 357 -7.88 19.67 -4.26
CA SER A 357 -7.23 20.60 -5.17
C SER A 357 -6.73 21.81 -4.41
N PHE A 358 -6.23 21.59 -3.21
CA PHE A 358 -5.85 22.71 -2.37
C PHE A 358 -4.60 23.37 -2.91
N ARG A 359 -4.72 24.65 -3.17
CA ARG A 359 -3.67 25.38 -3.85
C ARG A 359 -2.78 26.14 -2.89
N HIS A 360 -2.53 25.53 -1.73
CA HIS A 360 -1.31 25.73 -0.96
C HIS A 360 -1.17 27.16 -0.39
N ARG A 361 -2.05 27.49 0.53
CA ARG A 361 -1.53 28.33 1.59
C ARG A 361 -0.93 27.48 2.68
N GLY A 362 -1.63 26.43 3.09
CA GLY A 362 -1.07 25.42 3.96
C GLY A 362 -0.11 24.48 3.30
N GLY A 363 -0.06 24.49 1.96
CA GLY A 363 0.98 23.79 1.27
C GLY A 363 2.22 24.64 1.14
N MET A 364 2.72 24.84 -0.08
CA MET A 364 3.99 25.53 -0.25
C MET A 364 4.02 26.56 -1.36
N LEU A 365 2.95 26.71 -2.14
CA LEU A 365 2.94 27.73 -3.19
C LEU A 365 2.84 29.12 -2.58
N ARG A 366 2.04 29.26 -1.53
CA ARG A 366 2.14 30.32 -0.52
C ARG A 366 1.89 31.71 -1.07
N HIS A 367 1.22 31.84 -2.20
CA HIS A 367 0.93 33.15 -2.74
C HIS A 367 -0.54 33.23 -3.05
N ASP A 368 -1.26 33.97 -2.21
CA ASP A 368 -2.51 34.63 -2.57
C ASP A 368 -3.66 33.64 -2.77
N ALA A 369 -3.45 32.39 -2.39
CA ALA A 369 -4.50 31.37 -2.44
C ALA A 369 -4.73 30.89 -1.03
N PRO A 370 -5.69 31.50 -0.31
CA PRO A 370 -5.71 31.39 1.15
C PRO A 370 -6.05 30.04 1.78
N GLU A 371 -6.18 30.05 3.11
CA GLU A 371 -6.67 28.92 3.88
C GLU A 371 -8.09 28.58 3.51
N ARG A 372 -8.32 27.41 2.93
CA ARG A 372 -9.65 27.01 2.46
C ARG A 372 -9.85 25.52 2.74
N TYR A 373 -10.86 25.18 3.52
CA TYR A 373 -11.26 23.80 3.70
C TYR A 373 -12.64 23.55 3.16
N TYR A 374 -12.80 22.35 2.62
CA TYR A 374 -14.06 21.95 2.00
C TYR A 374 -13.99 20.43 1.97
N HIS A 375 -14.62 19.78 2.95
CA HIS A 375 -14.38 18.35 3.07
C HIS A 375 -15.48 17.69 3.87
N THR A 376 -15.91 16.51 3.41
CA THR A 376 -17.04 15.83 4.03
C THR A 376 -16.72 14.36 4.20
N ARG A 377 -17.68 13.66 4.79
CA ARG A 377 -17.76 12.22 4.79
C ARG A 377 -19.17 11.82 4.39
N VAL A 378 -19.41 10.51 4.38
CA VAL A 378 -20.69 9.95 3.97
C VAL A 378 -21.03 8.92 5.04
N LYS A 379 -20.34 9.05 6.17
CA LYS A 379 -20.35 8.09 7.27
C LYS A 379 -21.75 7.79 7.79
N ARG A 380 -22.01 6.51 8.00
CA ARG A 380 -23.31 6.04 8.44
C ARG A 380 -23.43 6.06 9.95
N GLY A 381 -24.44 5.34 10.44
CA GLY A 381 -24.96 5.50 11.77
C GLY A 381 -26.42 5.84 11.58
N VAL A 382 -26.94 5.44 10.42
CA VAL A 382 -28.20 5.97 9.91
C VAL A 382 -29.33 5.07 10.35
N THR A 383 -30.42 5.68 10.81
CA THR A 383 -31.67 5.00 11.07
C THR A 383 -32.39 4.76 9.73
N GLY A 384 -31.99 3.69 9.07
CA GLY A 384 -32.72 3.26 7.89
C GLY A 384 -31.95 3.30 6.60
N MET A 385 -30.81 4.00 6.58
CA MET A 385 -29.96 3.97 5.40
C MET A 385 -28.54 3.61 5.80
N TYR A 386 -27.59 3.81 4.90
CA TYR A 386 -26.20 3.48 5.16
C TYR A 386 -25.28 4.65 4.89
N ASP A 387 -25.83 5.86 4.85
CA ASP A 387 -25.09 7.07 4.55
C ASP A 387 -25.92 8.28 4.94
N THR A 388 -25.41 9.04 5.90
CA THR A 388 -25.97 10.35 6.26
C THR A 388 -24.88 11.10 6.98
N TRP A 389 -24.35 12.14 6.34
CA TRP A 389 -23.25 12.89 6.92
C TRP A 389 -23.22 14.24 6.23
N LEU A 390 -22.79 15.26 6.96
CA LEU A 390 -22.52 16.52 6.31
C LEU A 390 -21.24 17.07 6.92
N ILE A 391 -20.69 18.10 6.25
CA ILE A 391 -19.25 18.28 6.11
C ILE A 391 -18.56 18.67 7.41
N LEU A 392 -17.24 18.66 7.37
CA LEU A 392 -16.50 19.36 8.40
C LEU A 392 -15.26 19.95 7.74
N GLY A 393 -15.16 21.27 7.83
CA GLY A 393 -14.01 21.95 7.30
C GLY A 393 -13.76 23.18 8.13
N GLY A 394 -12.56 23.29 8.68
CA GLY A 394 -12.29 24.38 9.58
C GLY A 394 -10.82 24.59 9.82
N GLN A 395 -10.39 25.83 9.67
CA GLN A 395 -9.01 26.24 9.83
C GLN A 395 -9.04 27.69 10.33
N ARG A 396 -7.91 28.39 10.22
CA ARG A 396 -7.80 29.74 10.77
C ARG A 396 -8.57 30.75 9.93
N TRP A 397 -9.91 30.66 10.01
CA TRP A 397 -10.84 31.70 9.62
C TRP A 397 -11.35 32.40 10.88
N GLU A 398 -12.35 33.27 10.72
CA GLU A 398 -12.82 34.12 11.82
C GLU A 398 -14.08 33.56 12.46
N ALA A 399 -13.91 32.49 13.22
CA ALA A 399 -14.95 32.03 14.13
C ALA A 399 -14.74 32.57 15.54
N ASP A 400 -13.60 33.20 15.79
CA ASP A 400 -13.37 33.82 17.10
C ASP A 400 -14.28 35.01 17.33
N ARG A 401 -14.19 36.03 16.48
CA ARG A 401 -14.98 37.23 16.62
C ARG A 401 -16.34 37.13 15.96
N MET A 402 -16.49 36.26 14.97
CA MET A 402 -17.78 35.98 14.36
C MET A 402 -18.06 34.50 14.51
N PRO A 403 -18.51 34.06 15.69
CA PRO A 403 -18.82 32.63 15.84
C PRO A 403 -20.06 32.21 15.09
N GLU A 404 -20.91 33.17 14.73
CA GLU A 404 -22.23 32.88 14.21
C GLU A 404 -22.39 33.44 12.81
N ARG A 405 -21.29 33.95 12.26
CA ARG A 405 -21.31 34.52 10.91
C ARG A 405 -20.02 34.14 10.21
N GLU A 406 -20.14 33.76 8.94
CA GLU A 406 -19.03 33.42 8.07
C GLU A 406 -19.56 33.44 6.66
N THR A 407 -18.65 33.34 5.69
CA THR A 407 -19.06 33.03 4.32
C THR A 407 -19.73 31.66 4.24
N LEU A 408 -21.06 31.64 4.11
CA LEU A 408 -21.72 30.36 4.04
C LEU A 408 -22.86 30.48 3.04
N SER A 409 -22.74 29.74 1.93
CA SER A 409 -23.79 29.60 0.91
C SER A 409 -23.34 28.45 0.03
N LEU A 410 -24.28 27.56 -0.29
CA LEU A 410 -23.88 26.25 -0.78
C LEU A 410 -24.43 25.94 -2.16
N ARG A 411 -23.92 24.86 -2.74
CA ARG A 411 -24.49 24.20 -3.89
C ARG A 411 -24.39 22.70 -3.72
N ILE A 412 -25.50 22.02 -4.05
CA ILE A 412 -25.56 20.57 -3.92
C ILE A 412 -26.69 20.08 -4.82
N THR A 413 -26.46 18.91 -5.44
CA THR A 413 -27.46 18.17 -6.20
C THR A 413 -27.83 16.90 -5.45
N GLY A 414 -28.67 16.07 -6.08
CA GLY A 414 -29.07 14.85 -5.41
C GLY A 414 -29.69 13.84 -6.34
N THR A 415 -30.03 12.69 -5.75
CA THR A 415 -30.77 11.60 -6.39
C THR A 415 -31.75 11.07 -5.37
N ASN A 416 -32.32 9.88 -5.62
CA ASN A 416 -33.15 9.18 -4.65
C ASN A 416 -32.97 7.67 -4.75
N GLY A 417 -32.66 7.05 -3.61
CA GLY A 417 -32.32 5.64 -3.61
C GLY A 417 -33.43 4.68 -3.25
N GLN A 418 -34.06 4.89 -2.09
CA GLN A 418 -35.05 3.93 -1.60
C GLN A 418 -36.32 4.07 -2.43
N LEU A 419 -36.47 3.24 -3.43
CA LEU A 419 -37.57 3.35 -4.37
C LEU A 419 -38.05 1.96 -4.75
N PRO A 420 -39.32 1.81 -5.10
CA PRO A 420 -39.82 0.50 -5.53
C PRO A 420 -39.35 0.17 -6.94
N ARG A 421 -39.26 -1.12 -7.23
CA ARG A 421 -38.77 -1.61 -8.51
C ARG A 421 -39.90 -1.46 -9.52
N ARG A 422 -40.01 -0.27 -10.08
CA ARG A 422 -41.02 -0.03 -11.09
C ARG A 422 -40.33 0.50 -12.34
N ALA A 423 -40.59 -0.19 -13.44
CA ALA A 423 -40.13 0.24 -14.74
C ALA A 423 -41.31 0.91 -15.40
N LEU A 424 -41.21 2.23 -15.56
CA LEU A 424 -42.38 3.07 -15.81
C LEU A 424 -42.20 3.81 -17.12
N GLN A 425 -43.11 4.75 -17.34
CA GLN A 425 -42.97 5.72 -18.42
C GLN A 425 -42.65 7.08 -17.83
N SER A 426 -41.80 7.84 -18.52
CA SER A 426 -41.53 9.22 -18.16
C SER A 426 -42.65 10.10 -18.69
N THR A 427 -43.75 10.18 -17.95
CA THR A 427 -45.01 10.67 -18.49
C THR A 427 -45.32 12.10 -18.07
N LEU A 428 -45.43 12.37 -16.76
CA LEU A 428 -45.82 13.70 -16.32
C LEU A 428 -44.61 14.62 -16.43
N LEU A 429 -44.84 15.92 -16.23
CA LEU A 429 -43.85 16.99 -16.38
C LEU A 429 -43.24 17.02 -17.79
N ASP A 430 -44.13 17.11 -18.78
CA ASP A 430 -43.74 17.24 -20.18
C ASP A 430 -43.30 18.66 -20.56
N ARG A 431 -43.06 19.52 -19.57
CA ARG A 431 -42.84 20.95 -19.75
C ARG A 431 -41.41 21.30 -20.07
N CYS A 432 -40.68 20.38 -20.68
CA CYS A 432 -39.37 20.69 -21.21
C CYS A 432 -39.42 21.79 -22.28
N GLU A 433 -40.55 21.93 -22.95
CA GLU A 433 -40.75 22.64 -24.21
C GLU A 433 -40.79 24.16 -24.07
N GLN A 434 -40.25 24.73 -23.00
CA GLN A 434 -40.52 26.13 -22.75
C GLN A 434 -39.50 27.09 -23.36
N VAL A 435 -38.46 26.60 -24.03
CA VAL A 435 -37.57 27.56 -24.68
C VAL A 435 -37.95 27.59 -26.15
N LEU A 436 -37.55 26.56 -26.88
CA LEU A 436 -38.39 25.63 -27.61
C LEU A 436 -39.70 26.24 -28.10
N GLN A 437 -39.57 27.25 -28.95
CA GLN A 437 -40.70 27.86 -29.66
C GLN A 437 -41.59 26.85 -30.37
N ALA A 438 -41.06 25.70 -30.79
CA ALA A 438 -41.90 24.59 -31.17
C ALA A 438 -42.09 23.68 -29.96
N PRO A 439 -43.30 23.23 -29.68
CA PRO A 439 -43.48 22.17 -28.71
C PRO A 439 -42.98 20.84 -29.24
N VAL A 440 -42.79 19.89 -28.33
CA VAL A 440 -42.12 18.63 -28.65
C VAL A 440 -43.07 17.48 -28.41
N SER A 441 -42.57 16.30 -28.70
CA SER A 441 -43.11 15.06 -28.15
C SER A 441 -42.04 14.41 -27.29
N VAL A 442 -42.48 13.52 -26.40
CA VAL A 442 -41.59 12.87 -25.45
C VAL A 442 -41.80 11.37 -25.54
N ARG A 443 -40.73 10.63 -25.80
CA ARG A 443 -40.81 9.17 -25.80
C ARG A 443 -39.83 8.64 -24.78
N ASN A 444 -40.35 8.03 -23.72
CA ASN A 444 -39.51 7.16 -22.90
C ASN A 444 -39.16 5.96 -23.76
N LEU A 445 -37.89 5.82 -24.08
CA LEU A 445 -37.53 4.94 -25.18
C LEU A 445 -37.23 3.52 -24.70
N CYS A 446 -36.50 3.37 -23.59
CA CYS A 446 -36.14 2.06 -23.10
C CYS A 446 -36.26 2.02 -21.58
N LYS A 447 -35.84 0.91 -20.99
CA LYS A 447 -36.06 0.73 -19.57
C LYS A 447 -35.07 1.55 -18.77
N PRO A 448 -35.56 2.28 -17.77
CA PRO A 448 -34.67 2.86 -16.77
C PRO A 448 -34.02 1.77 -15.94
N THR A 449 -32.77 1.98 -15.58
CA THR A 449 -32.04 0.91 -14.92
C THR A 449 -32.25 0.97 -13.41
N LEU A 450 -31.40 0.29 -12.71
CA LEU A 450 -31.39 0.38 -11.27
C LEU A 450 -30.14 1.13 -10.82
N PRO A 451 -30.21 1.84 -9.70
CA PRO A 451 -29.03 2.57 -9.22
C PRO A 451 -27.98 1.59 -8.72
N VAL A 452 -26.76 1.75 -9.21
CA VAL A 452 -25.69 0.80 -8.94
C VAL A 452 -24.92 1.29 -7.73
N TYR A 453 -25.33 0.80 -6.58
CA TYR A 453 -24.58 0.89 -5.33
C TYR A 453 -24.37 -0.42 -4.57
N PRO A 454 -24.10 -1.57 -5.18
CA PRO A 454 -23.23 -2.54 -4.54
C PRO A 454 -21.78 -2.40 -5.01
N PRO A 455 -20.99 -1.54 -4.39
CA PRO A 455 -19.57 -1.48 -4.75
C PRO A 455 -18.80 -2.67 -4.25
N THR A 456 -17.48 -2.54 -4.26
CA THR A 456 -16.62 -3.48 -3.54
C THR A 456 -17.06 -3.61 -2.09
N GLU A 457 -17.34 -4.85 -1.68
CA GLU A 457 -18.05 -5.12 -0.42
C GLU A 457 -17.12 -5.49 0.72
N ASP A 458 -16.22 -6.44 0.51
CA ASP A 458 -15.31 -6.82 1.58
C ASP A 458 -13.92 -6.21 1.38
N ARG A 459 -13.12 -6.25 2.44
CA ARG A 459 -11.86 -5.54 2.55
C ARG A 459 -10.75 -6.17 1.73
N PHE A 460 -10.78 -7.49 1.58
CA PHE A 460 -9.76 -8.27 0.92
C PHE A 460 -9.63 -7.92 -0.55
N HIS A 461 -10.66 -7.33 -1.13
CA HIS A 461 -10.61 -6.89 -2.51
C HIS A 461 -9.92 -5.54 -2.63
N TRP A 462 -10.10 -4.67 -1.63
CA TRP A 462 -9.38 -3.40 -1.65
C TRP A 462 -7.87 -3.60 -1.49
N ARG A 463 -7.45 -4.74 -0.94
CA ARG A 463 -6.04 -5.11 -0.99
C ARG A 463 -5.58 -5.26 -2.44
N VAL A 464 -6.41 -5.86 -3.29
CA VAL A 464 -6.05 -5.99 -4.68
C VAL A 464 -6.13 -4.65 -5.36
N MET A 465 -7.09 -3.83 -4.97
CA MET A 465 -7.21 -2.49 -5.50
C MET A 465 -5.98 -1.64 -5.16
N SER A 466 -5.36 -1.87 -4.01
CA SER A 466 -4.08 -1.24 -3.70
C SER A 466 -2.92 -1.97 -4.35
N HIS A 467 -3.11 -3.23 -4.70
CA HIS A 467 -2.07 -3.95 -5.41
C HIS A 467 -1.89 -3.46 -6.83
N LEU A 468 -2.96 -2.93 -7.41
CA LEU A 468 -2.99 -2.44 -8.78
C LEU A 468 -1.87 -1.47 -9.14
N GLY A 469 -1.36 -0.71 -8.19
CA GLY A 469 -0.28 0.20 -8.52
C GLY A 469 1.04 -0.51 -8.68
N THR A 470 1.55 -1.04 -7.58
CA THR A 470 2.87 -1.67 -7.60
C THR A 470 2.86 -2.98 -8.36
N GLY A 471 1.84 -3.80 -8.19
CA GLY A 471 1.60 -4.87 -9.13
C GLY A 471 1.24 -4.26 -10.47
N PHE A 472 2.13 -4.46 -11.42
CA PHE A 472 2.25 -3.58 -12.57
C PHE A 472 1.18 -3.89 -13.60
N LEU A 473 1.29 -3.21 -14.75
CA LEU A 473 0.17 -3.06 -15.68
C LEU A 473 -0.33 -4.37 -16.23
N ASN A 474 -1.65 -4.50 -16.21
CA ASN A 474 -2.31 -5.67 -16.74
C ASN A 474 -2.23 -5.70 -18.26
N MET A 475 -1.03 -5.91 -18.77
CA MET A 475 -0.84 -5.99 -20.20
C MET A 475 0.21 -7.04 -20.56
N LEU A 476 0.83 -7.67 -19.56
CA LEU A 476 1.65 -8.85 -19.73
C LEU A 476 0.76 -10.08 -19.85
N SER A 477 1.30 -11.24 -19.45
CA SER A 477 0.59 -12.51 -19.36
C SER A 477 -0.83 -12.35 -18.86
N SER A 478 -1.76 -13.00 -19.56
CA SER A 478 -3.16 -12.66 -19.43
C SER A 478 -3.79 -13.13 -18.13
N ALA A 479 -3.03 -13.77 -17.24
CA ALA A 479 -3.47 -13.83 -15.86
C ALA A 479 -3.71 -12.44 -15.30
N GLU A 480 -2.89 -11.47 -15.70
CA GLU A 480 -3.15 -10.07 -15.35
C GLU A 480 -4.49 -9.60 -15.90
N VAL A 481 -4.70 -9.69 -17.21
CA VAL A 481 -5.88 -9.09 -17.83
C VAL A 481 -7.15 -9.83 -17.41
N LEU A 482 -7.03 -11.09 -17.00
CA LEU A 482 -8.08 -11.69 -16.19
C LEU A 482 -8.25 -10.90 -14.92
N ARG A 483 -7.19 -10.85 -14.11
CA ARG A 483 -7.30 -10.33 -12.75
C ARG A 483 -7.45 -8.81 -12.73
N GLY A 484 -6.59 -8.11 -13.46
CA GLY A 484 -6.59 -6.66 -13.44
C GLY A 484 -7.74 -6.02 -14.16
N THR A 485 -8.54 -6.82 -14.86
CA THR A 485 -9.87 -6.40 -15.20
C THR A 485 -10.64 -6.09 -13.93
N LEU A 486 -11.27 -4.94 -13.90
CA LEU A 486 -12.12 -4.57 -12.78
C LEU A 486 -13.27 -5.54 -12.62
N ALA A 487 -13.80 -5.56 -11.42
CA ALA A 487 -15.13 -6.08 -11.21
C ALA A 487 -16.20 -5.05 -11.45
N LEU A 488 -15.85 -3.98 -12.18
CA LEU A 488 -16.80 -2.95 -12.55
C LEU A 488 -17.95 -3.54 -13.36
N TYR A 489 -17.64 -4.46 -14.27
CA TYR A 489 -18.71 -5.20 -14.94
C TYR A 489 -19.38 -6.17 -13.99
N ASN A 490 -18.63 -6.72 -13.05
CA ASN A 490 -19.21 -7.62 -12.07
C ASN A 490 -20.03 -6.87 -11.03
N TRP A 491 -19.97 -5.54 -11.01
CA TRP A 491 -20.93 -4.79 -10.21
C TRP A 491 -22.35 -5.03 -10.69
N ARG A 492 -22.59 -5.06 -11.99
CA ARG A 492 -23.89 -5.48 -12.45
C ARG A 492 -24.06 -6.99 -12.35
N ASP A 493 -22.94 -7.70 -12.50
CA ASP A 493 -22.85 -9.16 -12.47
C ASP A 493 -23.75 -9.80 -13.54
N ASP A 494 -23.55 -9.35 -14.77
CA ASP A 494 -24.04 -10.13 -15.90
C ASP A 494 -23.15 -11.34 -16.06
N GLU A 495 -23.75 -12.52 -15.92
CA GLU A 495 -22.99 -13.75 -16.18
C GLU A 495 -22.60 -13.86 -17.64
N LEU A 496 -23.33 -13.16 -18.51
CA LEU A 496 -22.88 -12.90 -19.87
C LEU A 496 -21.47 -12.32 -19.85
N ASN A 497 -21.27 -11.26 -19.08
CA ASN A 497 -19.94 -10.67 -18.98
C ASN A 497 -18.98 -11.57 -18.26
N HIS A 498 -19.47 -12.37 -17.31
CA HIS A 498 -18.62 -13.32 -16.62
C HIS A 498 -18.11 -14.37 -17.59
N ARG A 499 -18.91 -14.73 -18.57
CA ARG A 499 -18.42 -15.57 -19.65
C ARG A 499 -17.59 -14.76 -20.63
N ARG A 500 -17.81 -13.46 -20.71
CA ARG A 500 -16.97 -12.67 -21.59
C ARG A 500 -15.56 -12.55 -21.07
N LEU A 501 -15.33 -12.77 -19.79
CA LEU A 501 -13.97 -12.83 -19.29
C LEU A 501 -13.40 -14.24 -19.41
N ASP A 502 -13.36 -14.76 -20.61
CA ASP A 502 -12.61 -15.97 -20.91
C ASP A 502 -11.53 -15.53 -21.87
N ALA A 503 -10.48 -14.96 -21.32
CA ALA A 503 -9.42 -14.37 -22.12
C ALA A 503 -8.15 -15.18 -21.91
N ILE A 504 -7.48 -15.46 -23.02
CA ILE A 504 -6.33 -16.36 -23.03
C ILE A 504 -5.13 -15.47 -23.33
N LEU A 505 -3.94 -16.08 -23.42
CA LEU A 505 -2.69 -15.39 -23.21
C LEU A 505 -2.39 -14.32 -24.25
N ALA A 506 -2.27 -13.09 -23.78
CA ALA A 506 -1.77 -12.01 -24.62
C ALA A 506 -0.27 -12.17 -24.82
N VAL A 507 0.17 -11.97 -26.05
CA VAL A 507 1.55 -12.17 -26.42
C VAL A 507 2.10 -10.85 -26.94
N GLN A 508 3.21 -10.41 -26.36
CA GLN A 508 3.76 -9.09 -26.61
C GLN A 508 4.83 -9.13 -27.69
N HIS A 509 4.80 -8.16 -28.61
CA HIS A 509 5.85 -7.98 -29.60
C HIS A 509 6.04 -6.51 -29.87
N HIS A 510 7.01 -6.19 -30.71
CA HIS A 510 7.21 -4.82 -31.13
C HIS A 510 7.75 -4.78 -32.55
N ARG A 511 7.67 -3.60 -33.13
CA ARG A 511 7.98 -3.44 -34.55
C ARG A 511 8.27 -1.99 -34.86
N ILE A 512 8.53 -1.75 -36.14
CA ILE A 512 8.81 -0.43 -36.66
C ILE A 512 7.88 -0.21 -37.85
N GLN A 513 7.18 0.91 -37.86
CA GLN A 513 6.40 1.34 -39.00
C GLN A 513 7.07 2.52 -39.67
N ARG A 514 7.10 2.50 -40.99
CA ARG A 514 7.55 3.66 -41.75
C ARG A 514 6.40 4.63 -41.93
N PHE A 515 6.71 5.91 -41.80
CA PHE A 515 5.71 6.96 -41.96
C PHE A 515 5.66 7.44 -43.40
N GLU A 516 4.54 8.10 -43.73
CA GLU A 516 4.32 8.89 -44.93
C GLU A 516 5.55 9.65 -45.39
N LYS A 517 6.06 10.50 -44.53
CA LYS A 517 7.24 11.30 -44.83
C LYS A 517 8.52 10.56 -44.56
N GLY A 518 8.43 9.25 -44.36
CA GLY A 518 9.62 8.44 -44.35
C GLY A 518 10.35 8.51 -43.05
N PHE A 519 9.74 8.10 -41.97
CA PHE A 519 10.43 8.08 -40.70
C PHE A 519 10.12 6.80 -39.96
N LEU A 520 11.08 6.39 -39.15
CA LEU A 520 10.95 5.20 -38.35
C LEU A 520 10.13 5.54 -37.12
N LEU A 521 9.07 4.79 -36.89
CA LEU A 521 8.22 5.02 -35.74
C LEU A 521 8.09 3.74 -34.96
N ARG A 522 8.15 3.84 -33.63
CA ARG A 522 8.00 2.66 -32.78
C ARG A 522 6.60 2.09 -32.89
N GLY A 523 6.55 0.76 -32.97
CA GLY A 523 5.29 0.08 -32.81
C GLY A 523 5.46 -1.07 -31.86
N LEU A 524 4.37 -1.47 -31.22
CA LEU A 524 4.37 -2.68 -30.43
C LEU A 524 3.47 -3.66 -31.17
N ASP A 525 3.31 -4.87 -30.61
CA ASP A 525 2.31 -5.82 -31.08
C ASP A 525 1.86 -6.71 -29.95
N VAL A 526 0.68 -6.45 -29.47
CA VAL A 526 -0.01 -7.39 -28.61
C VAL A 526 -0.53 -8.49 -29.51
N GLU A 527 -0.59 -9.70 -28.97
CA GLU A 527 -1.27 -10.79 -29.65
C GLU A 527 -2.21 -11.41 -28.63
N VAL A 528 -3.38 -10.85 -28.51
CA VAL A 528 -4.40 -11.45 -27.67
C VAL A 528 -5.02 -12.61 -28.41
N THR A 529 -5.21 -13.69 -27.70
CA THR A 529 -5.97 -14.80 -28.22
C THR A 529 -7.25 -14.87 -27.43
N LEU A 530 -8.38 -14.87 -28.15
CA LEU A 530 -9.69 -15.03 -27.54
C LEU A 530 -9.83 -16.30 -26.73
N ASP A 531 -9.13 -17.36 -27.13
CA ASP A 531 -9.72 -18.67 -27.41
C ASP A 531 -10.95 -19.01 -26.59
N GLY A 532 -12.01 -19.41 -27.29
CA GLY A 532 -13.25 -19.78 -26.66
C GLY A 532 -14.45 -19.33 -27.45
N ASN A 533 -15.21 -20.32 -27.88
CA ASN A 533 -16.43 -20.18 -28.65
C ASN A 533 -17.62 -20.31 -27.73
N GLY A 534 -18.69 -19.61 -28.05
CA GLY A 534 -19.65 -19.34 -27.01
C GLY A 534 -19.04 -18.35 -26.07
N PHE A 535 -18.23 -17.46 -26.65
CA PHE A 535 -17.88 -16.22 -25.99
C PHE A 535 -19.14 -15.48 -25.57
N ALA A 536 -19.99 -15.17 -26.54
CA ALA A 536 -21.24 -14.48 -26.28
C ALA A 536 -22.25 -14.97 -27.30
N GLY A 537 -23.29 -14.19 -27.52
CA GLY A 537 -24.33 -14.48 -28.49
C GLY A 537 -23.78 -14.68 -29.89
N GLU A 538 -23.21 -13.63 -30.45
CA GLU A 538 -22.49 -13.71 -31.72
C GLU A 538 -21.06 -13.29 -31.49
N GLY A 539 -20.11 -14.12 -31.93
CA GLY A 539 -18.75 -13.67 -32.02
C GLY A 539 -18.60 -12.47 -32.94
N ASP A 540 -19.31 -12.48 -34.07
CA ASP A 540 -19.16 -11.43 -35.07
C ASP A 540 -19.68 -10.09 -34.56
N ILE A 541 -20.81 -10.10 -33.87
CA ILE A 541 -21.29 -8.92 -33.17
C ILE A 541 -20.33 -8.50 -32.07
N HIS A 542 -19.99 -9.45 -31.20
CA HIS A 542 -19.52 -9.05 -29.90
C HIS A 542 -18.06 -8.71 -29.92
N LEU A 543 -17.29 -9.48 -30.68
CA LEU A 543 -15.88 -9.16 -30.80
C LEU A 543 -15.68 -7.86 -31.53
N PHE A 544 -16.57 -7.51 -32.45
CA PHE A 544 -16.47 -6.20 -33.09
C PHE A 544 -16.75 -5.09 -32.11
N GLY A 545 -17.93 -5.12 -31.48
CA GLY A 545 -18.29 -4.12 -30.49
C GLY A 545 -17.45 -4.16 -29.23
N GLU A 546 -16.61 -5.18 -29.10
CA GLU A 546 -15.76 -5.34 -27.94
C GLU A 546 -14.36 -4.83 -28.21
N MET A 547 -13.83 -5.08 -29.41
CA MET A 547 -12.57 -4.45 -29.78
C MET A 547 -12.70 -2.95 -29.89
N LEU A 548 -13.86 -2.47 -30.34
CA LEU A 548 -14.07 -1.03 -30.39
C LEU A 548 -14.01 -0.40 -29.02
N ASN A 549 -14.44 -1.14 -27.99
CA ASN A 549 -14.17 -0.76 -26.61
C ASN A 549 -12.68 -0.82 -26.33
N ARG A 550 -12.11 -2.02 -26.42
CA ARG A 550 -10.86 -2.30 -25.74
C ARG A 550 -9.69 -1.58 -26.39
N PHE A 551 -9.84 -1.10 -27.61
CA PHE A 551 -8.71 -0.43 -28.19
C PHE A 551 -8.57 1.00 -27.69
N LEU A 552 -9.69 1.64 -27.36
CA LEU A 552 -9.58 2.97 -26.77
C LEU A 552 -9.00 2.89 -25.37
N ALA A 553 -9.09 1.76 -24.70
CA ALA A 553 -8.45 1.60 -23.41
C ALA A 553 -7.00 1.20 -23.53
N LEU A 554 -6.37 1.58 -24.63
CA LEU A 554 -4.96 1.34 -24.88
C LEU A 554 -4.25 2.69 -24.99
N TYR A 555 -4.49 3.55 -24.02
CA TYR A 555 -3.61 4.68 -23.81
C TYR A 555 -2.62 4.30 -22.73
N ALA A 556 -1.40 3.99 -23.13
CA ALA A 556 -0.37 3.54 -22.20
C ALA A 556 1.01 4.15 -22.41
N ASP A 557 1.25 4.91 -23.48
CA ASP A 557 2.47 5.70 -23.60
C ASP A 557 2.20 6.83 -24.59
N MET A 558 3.27 7.46 -25.09
CA MET A 558 3.19 8.71 -25.82
C MET A 558 3.78 8.67 -27.22
N ASN A 559 4.68 7.74 -27.49
CA ASN A 559 5.37 7.66 -28.77
C ASN A 559 5.27 6.27 -29.33
N GLN A 560 4.06 5.75 -29.34
CA GLN A 560 3.83 4.35 -29.65
C GLN A 560 2.82 4.29 -30.78
N PHE A 561 3.19 3.68 -31.90
CA PHE A 561 2.19 3.36 -32.88
C PHE A 561 1.56 2.02 -32.51
N ASN A 562 0.23 1.97 -32.53
CA ASN A 562 -0.49 0.90 -31.86
C ASN A 562 -0.51 -0.38 -32.66
N GLN A 563 -1.25 -1.35 -32.14
CA GLN A 563 -0.85 -2.73 -32.32
C GLN A 563 -1.95 -3.76 -32.42
N LEU A 564 -3.22 -3.37 -32.36
CA LEU A 564 -4.24 -4.31 -31.91
C LEU A 564 -4.59 -5.31 -33.01
N THR A 565 -4.23 -6.57 -32.77
CA THR A 565 -4.54 -7.68 -33.66
C THR A 565 -5.28 -8.68 -32.81
N LEU A 566 -6.58 -8.81 -33.00
CA LEU A 566 -7.33 -9.83 -32.30
C LEU A 566 -7.25 -11.14 -33.05
N ILE A 567 -6.86 -12.20 -32.36
CA ILE A 567 -6.79 -13.52 -32.95
C ILE A 567 -7.80 -14.39 -32.21
N VAL A 568 -8.76 -14.89 -32.96
CA VAL A 568 -9.77 -15.83 -32.45
C VAL A 568 -9.09 -17.17 -32.19
N GLN A 569 -9.84 -18.13 -31.61
CA GLN A 569 -9.43 -19.51 -31.78
C GLN A 569 -9.39 -19.81 -33.28
N PRO A 570 -8.51 -20.71 -33.73
CA PRO A 570 -8.36 -20.94 -35.18
C PRO A 570 -9.61 -21.53 -35.81
N GLU A 571 -10.55 -20.63 -36.02
CA GLU A 571 -11.92 -20.90 -36.39
C GLU A 571 -12.21 -20.19 -37.69
N GLY A 572 -11.18 -19.52 -38.22
CA GLY A 572 -11.22 -19.00 -39.57
C GLY A 572 -10.52 -17.68 -39.79
N LYS A 573 -10.37 -16.82 -38.79
CA LYS A 573 -9.91 -15.48 -39.12
C LYS A 573 -9.24 -14.80 -37.95
N CYS A 574 -8.59 -13.67 -38.27
CA CYS A 574 -7.84 -12.86 -37.32
C CYS A 574 -8.07 -11.40 -37.70
N ILE A 575 -8.47 -10.59 -36.73
CA ILE A 575 -8.96 -9.25 -36.99
C ILE A 575 -7.97 -8.23 -36.44
N ARG A 576 -7.51 -7.33 -37.31
CA ARG A 576 -6.57 -6.31 -36.89
C ARG A 576 -7.25 -4.97 -36.64
N TRP A 577 -6.48 -4.06 -36.05
CA TRP A 577 -6.96 -2.71 -35.73
C TRP A 577 -5.75 -1.79 -35.80
N LYS A 578 -5.91 -0.67 -36.49
CA LYS A 578 -4.90 0.38 -36.53
C LYS A 578 -5.55 1.68 -36.92
N GLU A 579 -4.96 2.79 -36.48
CA GLU A 579 -5.50 4.11 -36.76
C GLU A 579 -4.39 5.03 -37.25
N ASN A 580 -4.78 6.25 -37.61
CA ASN A 580 -3.85 7.23 -38.13
C ASN A 580 -3.25 7.99 -36.97
N HIS A 581 -2.33 7.33 -36.28
CA HIS A 581 -1.63 7.91 -35.16
C HIS A 581 -0.50 8.78 -35.70
N ASN A 582 -0.64 10.09 -35.53
CA ASN A 582 0.07 11.09 -36.32
C ASN A 582 0.85 12.00 -35.39
N PRO A 583 1.80 12.85 -35.92
CA PRO A 583 2.53 13.76 -35.03
C PRO A 583 1.62 14.80 -34.42
N ARG A 584 0.47 15.01 -35.06
CA ARG A 584 -0.56 15.86 -34.51
C ARG A 584 -1.48 15.11 -33.55
N LEU A 585 -2.19 14.11 -34.04
CA LEU A 585 -3.28 13.51 -33.28
C LEU A 585 -3.32 12.03 -33.57
N PRO A 586 -3.77 11.21 -32.62
CA PRO A 586 -4.08 9.82 -32.95
C PRO A 586 -5.30 9.73 -33.86
N GLY A 587 -5.43 8.60 -34.53
CA GLY A 587 -6.50 8.41 -35.50
C GLY A 587 -7.90 8.33 -34.94
N LEU B 4 12.71 -1.59 22.62
CA LEU B 4 12.54 -2.68 23.58
C LEU B 4 11.17 -2.65 24.19
N THR B 5 10.70 -3.81 24.61
CA THR B 5 9.55 -3.83 25.52
C THR B 5 9.92 -3.15 26.83
N LEU B 6 11.16 -3.36 27.28
CA LEU B 6 11.64 -2.69 28.48
C LEU B 6 11.85 -1.20 28.27
N ARG B 7 11.95 -0.74 27.02
CA ARG B 7 12.15 0.68 26.75
C ARG B 7 10.93 1.49 27.18
N TYR B 8 9.76 1.13 26.68
CA TYR B 8 8.54 1.85 27.02
C TYR B 8 8.11 1.59 28.45
N PHE B 9 8.49 0.41 28.97
CA PHE B 9 8.47 0.16 30.40
C PHE B 9 9.29 1.18 31.17
N ASP B 10 10.54 1.40 30.75
CA ASP B 10 11.41 2.35 31.42
C ASP B 10 10.97 3.79 31.25
N ALA B 11 10.15 4.08 30.24
CA ALA B 11 9.52 5.39 30.16
C ALA B 11 8.56 5.61 31.33
N GLU B 12 7.63 4.68 31.52
CA GLU B 12 6.62 4.85 32.55
C GLU B 12 7.20 4.72 33.96
N MET B 13 8.28 3.95 34.10
CA MET B 13 8.93 3.86 35.41
C MET B 13 9.55 5.20 35.80
N ARG B 14 10.01 5.97 34.83
CA ARG B 14 10.35 7.36 35.09
C ARG B 14 9.11 8.18 35.37
N TYR B 15 8.07 7.97 34.58
CA TYR B 15 6.95 8.88 34.49
C TYR B 15 6.17 8.96 35.79
N LEU B 16 5.84 7.80 36.36
CA LEU B 16 5.03 7.76 37.57
C LEU B 16 5.73 8.41 38.75
N ARG B 17 7.04 8.18 38.87
CA ARG B 17 7.80 8.81 39.94
C ARG B 17 7.91 10.30 39.76
N GLU B 18 8.13 10.76 38.51
CA GLU B 18 8.15 12.21 38.29
C GLU B 18 6.79 12.84 38.43
N ALA B 19 5.72 12.07 38.29
CA ALA B 19 4.42 12.58 38.68
C ALA B 19 4.33 12.75 40.18
N GLY B 20 4.67 11.69 40.93
CA GLY B 20 4.45 11.70 42.37
C GLY B 20 5.38 12.61 43.15
N LYS B 21 6.56 12.89 42.60
CA LYS B 21 7.49 13.80 43.28
C LYS B 21 6.97 15.23 43.24
N ALA B 22 6.18 15.58 42.23
CA ALA B 22 5.49 16.85 42.22
C ALA B 22 4.23 16.82 43.08
N PHE B 23 3.83 15.66 43.59
CA PHE B 23 2.55 15.55 44.26
C PHE B 23 2.72 15.52 45.77
N ALA B 24 3.52 14.57 46.26
CA ALA B 24 3.77 14.44 47.69
C ALA B 24 4.63 15.55 48.26
N GLN B 25 5.16 16.43 47.41
CA GLN B 25 5.92 17.58 47.90
C GLN B 25 5.01 18.61 48.52
N ALA B 26 4.11 19.19 47.72
CA ALA B 26 3.32 20.32 48.20
C ALA B 26 1.85 20.14 47.84
N HIS B 27 1.58 19.32 46.86
CA HIS B 27 0.25 19.23 46.30
C HIS B 27 -0.65 18.39 47.21
N PRO B 28 -1.96 18.74 47.34
CA PRO B 28 -2.75 18.32 48.50
C PRO B 28 -2.97 16.83 48.74
N ASP B 29 -2.38 15.96 47.93
CA ASP B 29 -2.24 14.59 48.38
C ASP B 29 -1.07 14.40 49.33
N ARG B 30 -0.31 15.46 49.65
CA ARG B 30 0.59 15.41 50.80
C ARG B 30 -0.11 15.77 52.11
N ALA B 31 -1.44 15.86 52.11
CA ALA B 31 -2.14 15.85 53.38
C ALA B 31 -2.12 14.48 54.02
N ALA B 32 -1.97 13.43 53.22
CA ALA B 32 -2.04 12.06 53.74
C ALA B 32 -0.86 11.20 53.32
N MET B 33 -0.38 11.35 52.09
CA MET B 33 0.72 10.52 51.61
C MET B 33 2.07 11.12 51.98
N LEU B 34 2.13 12.38 52.39
CA LEU B 34 3.35 12.87 53.02
C LEU B 34 3.60 12.14 54.33
N ASP B 35 2.51 11.77 55.02
CA ASP B 35 2.61 10.89 56.17
C ASP B 35 3.04 9.48 55.78
N LEU B 36 2.90 9.12 54.50
CA LEU B 36 3.42 7.85 54.00
C LEU B 36 4.87 7.93 53.58
N ASP B 37 5.30 9.03 52.95
CA ASP B 37 6.65 9.07 52.41
C ASP B 37 7.66 9.66 53.39
N LYS B 38 7.19 10.41 54.40
CA LYS B 38 8.09 10.76 55.51
C LYS B 38 8.38 9.55 56.37
N ALA B 39 7.35 8.75 56.67
CA ALA B 39 7.59 7.43 57.24
C ALA B 39 8.24 6.50 56.24
N GLY B 40 8.04 6.75 54.94
CA GLY B 40 8.72 6.02 53.90
C GLY B 40 7.90 4.87 53.37
N THR B 41 7.34 5.01 52.18
CA THR B 41 6.60 3.93 51.53
C THR B 41 7.18 3.58 50.17
N PRO B 42 8.25 2.74 50.14
CA PRO B 42 8.52 1.94 48.94
C PRO B 42 7.79 0.59 49.01
N ASP B 43 6.48 0.65 49.08
CA ASP B 43 5.74 -0.51 49.55
C ASP B 43 5.56 -1.53 48.44
N PRO B 44 5.64 -2.82 48.75
CA PRO B 44 4.93 -3.80 47.94
C PRO B 44 3.44 -3.67 48.06
N CYS B 45 2.96 -3.00 49.11
CA CYS B 45 1.55 -2.67 49.23
C CYS B 45 1.10 -1.74 48.12
N VAL B 46 1.88 -0.69 47.84
CA VAL B 46 1.48 0.29 46.85
C VAL B 46 2.41 0.37 45.64
N GLU B 47 3.74 0.40 45.83
CA GLU B 47 4.58 0.80 44.71
C GLU B 47 4.82 -0.31 43.70
N ARG B 48 4.66 -1.57 44.08
CA ARG B 48 4.84 -2.60 43.08
C ARG B 48 3.63 -2.70 42.17
N LEU B 49 2.47 -3.00 42.75
CA LEU B 49 1.26 -3.25 41.98
C LEU B 49 0.78 -2.06 41.18
N PHE B 50 0.90 -0.84 41.71
CA PHE B 50 0.27 0.28 41.02
C PHE B 50 1.12 0.74 39.85
N GLU B 51 2.44 0.68 40.02
CA GLU B 51 3.33 0.85 38.89
C GLU B 51 3.10 -0.23 37.84
N GLY B 52 2.97 -1.49 38.27
CA GLY B 52 2.70 -2.56 37.33
C GLY B 52 1.37 -2.41 36.61
N PHE B 53 0.38 -1.80 37.29
CA PHE B 53 -0.91 -1.52 36.67
C PHE B 53 -0.78 -0.46 35.59
N ALA B 54 0.04 0.57 35.83
CA ALA B 54 0.25 1.54 34.77
C ALA B 54 1.16 1.00 33.67
N PHE B 55 1.95 -0.02 33.98
CA PHE B 55 2.96 -0.50 33.03
C PHE B 55 2.37 -1.23 31.85
N SER B 56 1.22 -1.88 32.02
CA SER B 56 0.60 -2.54 30.88
C SER B 56 0.09 -1.55 29.84
N MET B 57 -0.56 -0.48 30.29
CA MET B 57 -1.06 0.53 29.37
C MET B 57 0.08 1.39 28.84
N GLY B 58 1.14 1.54 29.62
CA GLY B 58 2.32 2.19 29.11
C GLY B 58 3.15 1.28 28.24
N ARG B 59 2.81 0.00 28.19
CA ARG B 59 3.43 -0.86 27.20
C ARG B 59 2.63 -0.93 25.91
N LEU B 60 1.42 -1.48 25.96
CA LEU B 60 0.80 -1.95 24.73
C LEU B 60 0.25 -0.81 23.90
N ARG B 61 -0.58 0.04 24.51
CA ARG B 61 -1.18 1.13 23.77
C ARG B 61 -0.14 2.14 23.35
N GLN B 62 0.84 2.36 24.23
CA GLN B 62 1.96 3.21 23.91
C GLN B 62 2.78 2.65 22.75
N LYS B 63 3.02 1.35 22.74
CA LYS B 63 3.88 0.78 21.71
C LYS B 63 3.15 0.71 20.38
N ILE B 64 1.84 0.52 20.42
CA ILE B 64 1.09 0.49 19.17
C ILE B 64 0.96 1.89 18.60
N ASP B 65 0.56 2.85 19.41
CA ASP B 65 0.40 4.20 18.91
C ASP B 65 1.71 4.89 18.58
N ASP B 66 2.82 4.40 19.11
CA ASP B 66 4.10 4.98 18.75
C ASP B 66 4.47 4.66 17.31
N ASP B 67 4.05 3.49 16.83
CA ASP B 67 4.55 3.02 15.55
C ASP B 67 3.43 2.87 14.53
N LEU B 68 2.27 2.41 14.99
CA LEU B 68 1.09 2.01 14.22
C LEU B 68 1.43 0.99 13.13
N PRO B 69 1.65 -0.28 13.49
CA PRO B 69 1.91 -1.35 12.49
C PRO B 69 0.64 -1.78 11.79
N GLU B 70 0.29 -1.01 10.77
CA GLU B 70 -0.97 -1.10 10.06
C GLU B 70 -1.09 -2.43 9.31
N LEU B 71 -2.32 -2.77 8.96
CA LEU B 71 -2.59 -4.06 8.34
C LEU B 71 -2.06 -4.13 6.93
N THR B 72 -2.10 -3.03 6.19
CA THR B 72 -1.73 -3.03 4.77
C THR B 72 -0.24 -3.13 4.56
N GLU B 73 0.54 -3.30 5.62
CA GLU B 73 1.96 -3.60 5.59
C GLU B 73 2.20 -5.10 5.39
N SER B 74 1.13 -5.89 5.34
CA SER B 74 1.18 -7.32 5.08
C SER B 74 1.08 -7.65 3.60
N LEU B 75 1.42 -6.71 2.73
CA LEU B 75 1.35 -6.96 1.30
C LEU B 75 2.71 -7.13 0.67
N VAL B 76 3.78 -7.15 1.47
CA VAL B 76 5.04 -7.72 1.02
C VAL B 76 4.92 -9.24 0.95
N SER B 77 3.93 -9.79 1.67
CA SER B 77 3.51 -11.17 1.56
C SER B 77 3.17 -11.56 0.14
N MET B 78 2.45 -10.71 -0.59
CA MET B 78 2.18 -10.99 -1.98
C MET B 78 3.33 -10.58 -2.88
N LEU B 79 4.32 -9.87 -2.35
CA LEU B 79 5.55 -9.68 -3.10
C LEU B 79 6.52 -10.82 -2.87
N TRP B 80 6.53 -11.36 -1.64
CA TRP B 80 7.25 -12.58 -1.28
C TRP B 80 8.75 -12.57 -1.60
N PRO B 81 9.53 -11.68 -1.01
CA PRO B 81 10.86 -12.13 -0.61
C PRO B 81 10.81 -12.43 0.86
N HIS B 82 9.68 -12.07 1.46
CA HIS B 82 9.56 -11.71 2.86
C HIS B 82 9.64 -12.91 3.80
N TYR B 83 9.90 -14.11 3.27
CA TYR B 83 10.28 -15.24 4.12
C TYR B 83 11.61 -14.97 4.82
N LEU B 84 12.39 -14.03 4.30
CA LEU B 84 13.62 -13.46 4.86
C LEU B 84 13.49 -12.99 6.29
N ARG B 85 12.29 -12.83 6.84
CA ARG B 85 12.17 -12.16 8.12
C ARG B 85 12.55 -13.05 9.30
N THR B 86 12.89 -14.31 9.05
CA THR B 86 13.52 -15.18 10.05
C THR B 86 14.64 -15.96 9.36
N ILE B 87 15.86 -15.43 9.42
CA ILE B 87 17.02 -16.07 8.82
C ILE B 87 17.75 -16.86 9.90
N PRO B 88 18.01 -18.14 9.70
CA PRO B 88 18.70 -18.93 10.74
C PRO B 88 20.17 -18.60 10.88
N SER B 89 20.85 -19.29 11.78
CA SER B 89 22.29 -19.14 11.90
C SER B 89 23.00 -19.73 10.69
N LEU B 90 23.88 -18.94 10.10
CA LEU B 90 24.72 -19.42 9.01
C LEU B 90 25.70 -20.39 9.65
N SER B 91 25.32 -21.65 9.60
CA SER B 91 26.25 -22.72 9.91
C SER B 91 27.29 -22.69 8.80
N VAL B 92 28.56 -22.87 9.16
CA VAL B 92 29.63 -22.67 8.20
C VAL B 92 29.73 -23.85 7.26
N VAL B 93 30.58 -23.74 6.25
CA VAL B 93 30.81 -24.85 5.34
C VAL B 93 31.50 -25.98 6.09
N ALA B 94 30.94 -27.18 5.98
CA ALA B 94 31.46 -28.33 6.70
C ALA B 94 32.45 -29.09 5.83
N LEU B 95 33.18 -30.01 6.46
CA LEU B 95 34.29 -30.68 5.82
C LEU B 95 34.18 -32.19 5.99
N THR B 96 34.94 -32.91 5.16
CA THR B 96 34.78 -34.33 4.90
C THR B 96 36.09 -34.96 4.44
N PRO B 97 36.57 -36.00 5.12
CA PRO B 97 37.86 -36.61 4.78
C PRO B 97 37.71 -37.73 3.77
N ARG B 98 38.83 -38.39 3.53
CA ARG B 98 38.87 -39.64 2.78
C ARG B 98 38.12 -40.73 3.52
N LEU B 99 37.80 -41.80 2.79
CA LEU B 99 37.40 -43.05 3.43
C LEU B 99 38.01 -44.21 2.63
N SER B 100 39.28 -44.53 2.94
CA SER B 100 40.01 -45.69 2.43
C SER B 100 40.02 -45.71 0.89
N VAL B 101 40.85 -44.82 0.33
CA VAL B 101 40.81 -44.54 -1.09
C VAL B 101 41.31 -45.73 -1.90
N MET B 102 40.38 -46.49 -2.45
CA MET B 102 40.70 -47.62 -3.32
C MET B 102 39.52 -47.87 -4.24
N LYS B 103 39.61 -47.33 -5.46
CA LYS B 103 38.65 -47.57 -6.55
C LYS B 103 37.25 -47.11 -6.18
N MET B 104 37.16 -45.93 -5.60
CA MET B 104 35.90 -45.42 -5.05
C MET B 104 35.52 -44.12 -5.74
N ALA B 105 34.22 -43.85 -5.75
CA ALA B 105 33.68 -42.55 -6.10
C ALA B 105 32.48 -42.30 -5.20
N GLU B 106 32.56 -41.24 -4.40
CA GLU B 106 31.55 -40.97 -3.39
C GLU B 106 30.30 -40.46 -4.09
N THR B 107 29.15 -40.68 -3.46
CA THR B 107 27.89 -40.16 -3.97
C THR B 107 27.03 -39.78 -2.77
N VAL B 108 26.91 -38.49 -2.52
CA VAL B 108 26.41 -37.99 -1.24
C VAL B 108 25.11 -37.23 -1.49
N PRO B 109 23.98 -37.75 -1.07
CA PRO B 109 22.74 -36.98 -1.11
C PRO B 109 22.69 -35.98 0.03
N ALA B 110 21.82 -34.99 -0.12
CA ALA B 110 21.68 -33.92 0.87
C ALA B 110 20.88 -34.41 2.08
N GLY B 111 20.58 -33.48 2.98
CA GLY B 111 19.83 -33.85 4.15
C GLY B 111 20.63 -34.59 5.19
N LEU B 112 21.90 -34.26 5.35
CA LEU B 112 22.71 -34.92 6.35
C LEU B 112 22.61 -34.15 7.66
N GLU B 113 22.01 -34.77 8.66
CA GLU B 113 22.02 -34.19 9.99
C GLU B 113 23.41 -34.34 10.57
N VAL B 114 23.86 -33.31 11.28
CA VAL B 114 25.22 -33.27 11.81
C VAL B 114 25.18 -32.79 13.25
N THR B 115 26.35 -32.88 13.90
CA THR B 115 26.63 -32.33 15.23
C THR B 115 25.68 -32.89 16.29
N SER B 116 25.85 -34.19 16.54
CA SER B 116 25.17 -34.90 17.62
C SER B 116 25.76 -34.61 19.00
N ARG B 117 26.96 -34.06 19.07
CA ARG B 117 27.61 -33.68 20.33
C ARG B 117 27.15 -32.39 21.00
N PRO B 118 27.12 -31.19 20.32
CA PRO B 118 27.18 -29.92 21.09
C PRO B 118 25.93 -29.58 21.89
N VAL B 119 25.79 -30.24 23.04
CA VAL B 119 24.88 -29.76 24.06
C VAL B 119 25.54 -28.60 24.79
N GLY B 120 24.75 -27.76 25.44
CA GLY B 120 25.29 -26.67 26.20
C GLY B 120 24.73 -26.58 27.60
N PRO B 121 24.99 -25.45 28.30
CA PRO B 121 24.54 -25.30 29.69
C PRO B 121 23.03 -25.27 29.85
N GLY B 122 22.40 -24.29 29.20
CA GLY B 122 20.96 -24.26 29.08
C GLY B 122 20.63 -24.52 27.63
N ASN B 123 21.58 -25.12 26.94
CA ASN B 123 21.54 -25.33 25.51
C ASN B 123 21.59 -26.83 25.24
N THR B 124 20.99 -27.23 24.14
CA THR B 124 20.91 -28.63 23.77
C THR B 124 21.77 -28.89 22.54
N VAL B 125 21.74 -30.12 22.06
CA VAL B 125 22.35 -30.52 20.81
C VAL B 125 21.51 -30.01 19.67
N CYS B 126 22.13 -29.38 18.69
CA CYS B 126 21.43 -28.88 17.52
C CYS B 126 21.74 -29.77 16.33
N ARG B 127 20.73 -30.49 15.87
CA ARG B 127 20.80 -31.17 14.59
C ARG B 127 20.39 -30.21 13.50
N TYR B 128 21.11 -30.23 12.38
CA TYR B 128 20.74 -29.35 11.28
C TYR B 128 21.34 -29.84 9.97
N ARG B 129 20.73 -29.38 8.89
CA ARG B 129 20.83 -29.99 7.57
C ARG B 129 21.94 -29.37 6.76
N THR B 130 22.34 -30.08 5.72
CA THR B 130 23.11 -29.53 4.63
C THR B 130 22.18 -29.14 3.51
N THR B 131 22.74 -28.50 2.49
CA THR B 131 22.00 -28.14 1.29
C THR B 131 22.74 -28.66 0.07
N ARG B 132 22.12 -29.60 -0.63
CA ARG B 132 22.58 -30.13 -1.93
C ARG B 132 23.98 -30.72 -1.85
N ALA B 133 24.06 -31.82 -1.12
CA ALA B 133 25.34 -32.49 -0.96
C ALA B 133 25.79 -33.12 -2.27
N ILE B 134 27.09 -33.27 -2.39
CA ILE B 134 27.74 -33.52 -3.67
C ILE B 134 28.43 -34.87 -3.63
N PRO B 135 28.26 -35.71 -4.63
CA PRO B 135 29.18 -36.82 -4.88
C PRO B 135 30.63 -36.39 -4.99
N LEU B 136 31.52 -36.96 -4.19
CA LEU B 136 32.90 -36.52 -4.12
C LEU B 136 33.83 -37.56 -4.74
N ASN B 137 35.08 -37.18 -4.91
CA ASN B 137 36.06 -38.06 -5.55
C ASN B 137 37.31 -38.12 -4.71
N PRO B 138 37.76 -39.30 -4.34
CA PRO B 138 38.74 -39.41 -3.25
C PRO B 138 40.15 -39.06 -3.69
N LEU B 139 40.56 -37.84 -3.36
CA LEU B 139 41.91 -37.30 -3.53
C LEU B 139 41.93 -35.95 -2.84
N ALA B 140 43.05 -35.62 -2.20
CA ALA B 140 43.22 -34.31 -1.57
C ALA B 140 44.71 -34.04 -1.45
N VAL B 141 45.21 -33.07 -2.21
CA VAL B 141 46.61 -32.69 -2.12
C VAL B 141 46.82 -31.92 -0.82
N GLU B 142 47.92 -32.20 -0.14
CA GLU B 142 48.11 -31.71 1.22
C GLU B 142 49.18 -30.63 1.35
N LYS B 143 49.81 -30.20 0.26
CA LYS B 143 50.78 -29.11 0.32
C LYS B 143 50.39 -28.04 -0.68
N VAL B 144 50.06 -26.86 -0.17
CA VAL B 144 49.62 -25.73 -0.97
C VAL B 144 50.66 -24.64 -0.82
N VAL B 145 51.54 -24.53 -1.80
CA VAL B 145 52.76 -23.74 -1.67
C VAL B 145 52.80 -22.72 -2.79
N MET B 146 53.02 -21.46 -2.41
CA MET B 146 53.42 -20.41 -3.33
C MET B 146 54.86 -20.66 -3.77
N THR B 147 55.06 -20.73 -5.09
CA THR B 147 56.40 -20.90 -5.64
C THR B 147 56.63 -19.95 -6.80
N THR B 148 57.63 -19.09 -6.67
CA THR B 148 58.00 -18.16 -7.72
C THR B 148 58.98 -18.81 -8.70
N GLU B 149 58.88 -18.40 -9.94
CA GLU B 149 59.65 -18.90 -11.07
C GLU B 149 61.09 -18.41 -11.00
N PRO B 150 61.97 -18.95 -11.84
CA PRO B 150 63.17 -18.20 -12.23
C PRO B 150 62.85 -16.88 -12.90
N ASP B 151 61.74 -16.81 -13.64
CA ASP B 151 61.20 -15.54 -14.10
C ASP B 151 60.28 -14.89 -13.07
N GLY B 152 60.31 -15.37 -11.82
CA GLY B 152 59.73 -14.68 -10.69
C GLY B 152 58.22 -14.62 -10.65
N ARG B 153 57.55 -15.75 -10.83
CA ARG B 153 56.10 -15.76 -10.85
C ARG B 153 55.56 -16.85 -9.93
N SER B 154 54.86 -16.40 -8.90
CA SER B 154 54.41 -17.23 -7.79
C SER B 154 53.33 -18.21 -8.25
N VAL B 155 53.65 -19.50 -8.27
CA VAL B 155 52.69 -20.50 -8.73
C VAL B 155 52.46 -21.54 -7.64
N LEU B 156 51.68 -22.57 -7.96
CA LEU B 156 51.00 -23.40 -6.99
C LEU B 156 51.19 -24.87 -7.34
N LYS B 157 50.44 -25.75 -6.66
CA LYS B 157 50.85 -27.14 -6.55
C LYS B 157 49.94 -28.10 -7.30
N ILE B 158 50.43 -29.33 -7.47
CA ILE B 158 49.92 -30.26 -8.47
C ILE B 158 48.93 -31.22 -7.82
N GLY B 159 48.14 -31.88 -8.68
CA GLY B 159 47.20 -32.90 -8.27
C GLY B 159 47.77 -34.30 -8.26
N PHE B 160 48.56 -34.63 -7.24
CA PHE B 160 49.24 -35.91 -7.17
C PHE B 160 48.91 -36.60 -5.83
N ALA B 161 47.61 -36.68 -5.54
CA ALA B 161 47.15 -37.12 -4.22
C ALA B 161 46.87 -38.62 -4.15
N CYS B 162 45.90 -39.11 -4.93
CA CYS B 162 45.39 -40.47 -4.80
C CYS B 162 45.17 -41.12 -6.16
N SER B 163 46.09 -40.87 -7.09
CA SER B 163 45.91 -41.30 -8.46
C SER B 163 46.33 -42.74 -8.71
N GLU B 164 47.12 -43.31 -7.81
CA GLU B 164 47.69 -44.64 -7.99
C GLU B 164 46.88 -45.72 -7.30
N LEU B 165 45.69 -45.39 -6.80
CA LEU B 165 44.91 -46.30 -5.99
C LEU B 165 43.54 -46.61 -6.59
N ALA B 166 43.02 -45.73 -7.44
CA ALA B 166 41.62 -45.77 -7.79
C ALA B 166 41.46 -45.80 -9.30
N ASP B 167 40.25 -46.14 -9.72
CA ASP B 167 39.91 -46.31 -11.12
C ASP B 167 39.41 -44.97 -11.63
N TRP B 168 40.33 -44.08 -11.95
CA TRP B 168 39.88 -42.78 -12.40
C TRP B 168 39.44 -42.80 -13.86
N SER B 169 39.65 -43.91 -14.56
CA SER B 169 38.93 -44.16 -15.78
C SER B 169 37.46 -44.49 -15.54
N GLN B 170 37.10 -44.89 -14.32
CA GLN B 170 35.71 -45.13 -13.95
C GLN B 170 35.08 -43.90 -13.30
N VAL B 171 35.89 -42.93 -12.93
CA VAL B 171 35.42 -41.80 -12.15
C VAL B 171 35.47 -40.56 -13.05
N ASP B 172 34.33 -39.91 -13.21
CA ASP B 172 34.19 -38.83 -14.19
C ASP B 172 34.42 -37.50 -13.50
N LEU B 173 35.48 -36.81 -13.90
CA LEU B 173 35.93 -35.60 -13.21
C LEU B 173 35.52 -34.41 -14.06
N HIS B 174 34.34 -33.88 -13.78
CA HIS B 174 33.93 -32.61 -14.36
C HIS B 174 33.39 -31.74 -13.26
N ARG B 175 33.95 -30.54 -13.16
CA ARG B 175 33.50 -29.50 -12.25
C ARG B 175 33.58 -29.90 -10.78
N LEU B 176 34.81 -30.09 -10.30
CA LEU B 176 35.08 -30.45 -8.90
C LEU B 176 35.47 -29.23 -8.09
N SER B 177 34.49 -28.59 -7.47
CA SER B 177 34.62 -27.31 -6.80
C SER B 177 35.56 -27.38 -5.60
N LEU B 178 35.95 -26.21 -5.12
CA LEU B 178 36.66 -26.06 -3.86
C LEU B 178 36.49 -24.64 -3.33
N TYR B 179 35.89 -24.51 -2.15
CA TYR B 179 35.68 -23.22 -1.52
C TYR B 179 36.89 -22.88 -0.70
N LEU B 180 37.33 -21.63 -0.81
CA LEU B 180 38.61 -21.22 -0.23
C LEU B 180 38.58 -21.33 1.28
N ALA B 181 39.68 -21.83 1.82
CA ALA B 181 39.78 -22.22 3.22
C ALA B 181 40.14 -21.05 4.11
N ALA B 182 40.60 -21.35 5.31
CA ALA B 182 40.75 -20.37 6.37
C ALA B 182 41.97 -19.45 6.21
N GLU B 183 42.55 -19.36 5.02
CA GLU B 183 43.55 -18.32 4.79
C GLU B 183 42.91 -17.03 4.27
N ALA B 184 41.68 -17.11 3.75
CA ALA B 184 40.90 -15.90 3.45
C ALA B 184 40.60 -15.00 4.64
N PRO B 185 40.64 -15.45 5.90
CA PRO B 185 40.82 -14.49 7.01
C PRO B 185 41.96 -13.51 6.84
N VAL B 186 43.05 -13.88 6.17
CA VAL B 186 43.81 -12.81 5.54
C VAL B 186 42.90 -12.33 4.43
N SER B 187 42.25 -11.19 4.65
CA SER B 187 41.17 -10.80 3.76
C SER B 187 41.70 -10.08 2.52
N SER B 188 42.69 -10.67 1.91
CA SER B 188 43.07 -10.40 0.53
C SER B 188 43.30 -11.70 -0.20
N THR B 189 43.37 -12.80 0.54
CA THR B 189 43.60 -14.12 0.00
C THR B 189 42.47 -14.53 -0.93
N LEU B 190 41.23 -14.50 -0.44
CA LEU B 190 40.11 -14.73 -1.34
C LEU B 190 39.97 -13.60 -2.33
N HIS B 191 40.45 -12.41 -1.99
CA HIS B 191 40.38 -11.31 -2.93
C HIS B 191 41.36 -11.53 -4.08
N LEU B 192 42.65 -11.70 -3.77
CA LEU B 192 43.63 -11.95 -4.82
C LEU B 192 43.33 -13.25 -5.55
N MET B 193 43.32 -14.36 -4.82
CA MET B 193 43.22 -15.70 -5.37
C MET B 193 41.98 -15.90 -6.21
N MET B 194 40.90 -15.18 -5.95
CA MET B 194 39.82 -15.16 -6.94
C MET B 194 40.13 -14.22 -8.09
N THR B 195 40.60 -13.00 -7.80
CA THR B 195 40.83 -12.10 -8.93
C THR B 195 42.12 -12.43 -9.66
N LYS B 196 42.99 -13.25 -9.08
CA LYS B 196 44.10 -13.77 -9.86
C LYS B 196 43.57 -14.75 -10.88
N ARG B 197 42.53 -15.49 -10.52
CA ARG B 197 41.79 -16.34 -11.43
C ARG B 197 40.79 -15.58 -12.26
N LEU B 198 40.79 -14.25 -12.17
CA LEU B 198 40.28 -13.49 -13.31
C LEU B 198 41.30 -13.38 -14.40
N ALA B 199 42.53 -13.79 -14.13
CA ALA B 199 43.60 -13.65 -15.10
C ALA B 199 44.50 -14.88 -15.08
N ALA B 200 43.91 -16.04 -15.33
CA ALA B 200 44.66 -17.28 -15.29
C ALA B 200 45.50 -17.47 -16.56
N LEU B 201 46.41 -18.44 -16.49
CA LEU B 201 47.08 -19.02 -17.64
C LEU B 201 47.04 -20.55 -17.45
N TYR B 202 47.58 -21.30 -18.41
CA TYR B 202 47.41 -22.74 -18.40
C TYR B 202 48.34 -23.40 -17.39
N LEU B 203 48.30 -24.73 -17.40
CA LEU B 203 48.92 -25.55 -16.37
C LEU B 203 49.85 -26.57 -16.99
N ARG B 204 50.81 -27.02 -16.19
CA ARG B 204 51.82 -27.98 -16.62
C ARG B 204 52.12 -28.87 -15.42
N LEU B 205 51.76 -30.15 -15.47
CA LEU B 205 51.94 -30.93 -14.28
C LEU B 205 52.79 -32.17 -14.50
N PRO B 206 53.74 -32.43 -13.62
CA PRO B 206 54.41 -33.74 -13.64
C PRO B 206 53.71 -34.73 -12.72
N GLY B 207 53.17 -35.82 -13.28
CA GLY B 207 52.64 -36.83 -12.40
C GLY B 207 53.19 -38.21 -12.65
N ASN B 208 53.50 -38.47 -13.92
CA ASN B 208 53.93 -39.77 -14.44
C ASN B 208 52.96 -40.89 -14.04
N ASP B 209 51.66 -40.60 -14.16
CA ASP B 209 50.62 -41.61 -13.92
C ASP B 209 49.59 -41.50 -15.03
N GLU B 210 49.61 -42.47 -15.94
CA GLU B 210 48.67 -42.52 -17.06
C GLU B 210 47.31 -43.02 -16.55
N ARG B 211 46.63 -42.13 -15.85
CA ARG B 211 45.35 -42.45 -15.25
C ARG B 211 44.27 -41.44 -15.55
N ILE B 212 44.61 -40.15 -15.61
CA ILE B 212 43.66 -39.07 -15.49
C ILE B 212 43.89 -38.10 -16.64
N ARG B 213 42.96 -38.03 -17.58
CA ARG B 213 43.01 -37.07 -18.67
C ARG B 213 41.60 -36.53 -18.88
N ILE B 214 41.26 -35.45 -18.20
CA ILE B 214 39.93 -34.90 -18.21
C ILE B 214 39.95 -33.54 -18.89
N ASP B 215 38.78 -32.94 -18.94
CA ASP B 215 38.69 -31.51 -19.07
C ASP B 215 37.55 -31.06 -18.17
N GLY B 216 36.97 -29.90 -18.47
CA GLY B 216 35.85 -29.39 -17.70
C GLY B 216 36.24 -28.87 -16.34
N TRP B 217 37.04 -27.80 -16.34
CA TRP B 217 37.48 -27.20 -15.10
C TRP B 217 36.32 -26.51 -14.39
N PHE B 218 36.42 -26.45 -13.07
CA PHE B 218 35.31 -26.18 -12.19
C PHE B 218 35.12 -24.72 -11.84
N SER B 219 34.10 -24.52 -11.00
CA SER B 219 33.88 -23.30 -10.28
C SER B 219 34.57 -23.43 -8.93
N PRO B 220 35.58 -22.67 -8.63
CA PRO B 220 35.95 -22.49 -7.23
C PRO B 220 35.02 -21.51 -6.54
N GLY B 221 35.20 -21.29 -5.25
CA GLY B 221 34.32 -20.37 -4.56
C GLY B 221 34.72 -20.07 -3.14
N GLY B 222 33.75 -19.72 -2.31
CA GLY B 222 34.04 -19.28 -0.96
C GLY B 222 33.40 -17.95 -0.65
N PHE B 223 32.45 -17.56 -1.48
CA PHE B 223 31.66 -16.37 -1.21
C PHE B 223 30.79 -16.54 0.03
N ALA B 224 30.30 -17.76 0.29
CA ALA B 224 29.11 -17.93 1.10
C ALA B 224 29.40 -17.84 2.57
N GLU B 225 30.67 -17.63 2.91
CA GLU B 225 31.03 -17.03 4.17
C GLU B 225 30.21 -15.79 4.45
N GLU B 226 30.10 -14.89 3.48
CA GLU B 226 29.43 -13.62 3.69
C GLU B 226 27.92 -13.79 3.59
N ASP B 227 27.20 -12.95 4.33
CA ASP B 227 25.76 -12.98 4.37
C ASP B 227 25.11 -11.61 4.43
N ARG B 228 25.89 -10.54 4.24
CA ARG B 228 25.32 -9.21 4.04
C ARG B 228 25.43 -8.80 2.59
N LEU B 229 26.49 -9.24 1.93
CA LEU B 229 26.57 -9.15 0.49
C LEU B 229 25.56 -10.08 -0.15
N TRP B 230 25.23 -11.14 0.53
CA TRP B 230 24.34 -12.15 0.01
C TRP B 230 22.88 -11.72 -0.23
N PRO B 231 22.20 -10.97 0.65
CA PRO B 231 20.82 -10.59 0.31
C PRO B 231 20.76 -9.58 -0.80
N LYS B 232 21.85 -8.87 -1.07
CA LYS B 232 21.91 -8.02 -2.25
C LYS B 232 21.82 -8.86 -3.50
N GLY B 233 22.53 -9.98 -3.54
CA GLY B 233 22.38 -10.90 -4.65
C GLY B 233 21.12 -11.71 -4.59
N ASP B 234 20.40 -11.65 -3.47
CA ASP B 234 19.16 -12.39 -3.39
C ASP B 234 18.07 -11.74 -4.21
N SER B 235 17.74 -10.49 -3.89
CA SER B 235 16.58 -9.87 -4.54
C SER B 235 16.90 -9.42 -5.95
N ALA B 236 18.15 -9.63 -6.41
CA ALA B 236 18.48 -9.41 -7.81
C ALA B 236 17.93 -10.51 -8.71
N PHE B 237 17.41 -11.58 -8.14
CA PHE B 237 16.76 -12.61 -8.93
C PHE B 237 15.36 -12.81 -8.37
N SER B 238 14.57 -11.73 -8.40
CA SER B 238 13.14 -11.92 -8.17
C SER B 238 12.65 -12.86 -9.26
N GLY B 239 12.33 -14.07 -8.84
CA GLY B 239 12.40 -15.25 -9.68
C GLY B 239 12.86 -16.36 -8.77
N TYR B 240 13.14 -16.00 -7.51
CA TYR B 240 13.56 -16.93 -6.46
C TYR B 240 12.43 -17.72 -5.85
N GLN B 241 11.18 -17.58 -6.34
CA GLN B 241 9.99 -17.75 -5.50
C GLN B 241 9.89 -19.13 -4.87
N LEU B 242 10.45 -20.15 -5.53
CA LEU B 242 10.52 -21.48 -4.93
C LEU B 242 11.90 -21.81 -4.40
N LEU B 243 12.95 -21.19 -4.94
CA LEU B 243 14.32 -21.52 -4.57
C LEU B 243 14.74 -20.87 -3.27
N LEU B 244 13.93 -19.95 -2.76
CA LEU B 244 14.16 -19.32 -1.47
C LEU B 244 13.61 -20.15 -0.32
N GLU B 245 13.16 -21.36 -0.57
CA GLU B 245 12.37 -22.01 0.45
C GLU B 245 13.19 -22.90 1.34
N TYR B 246 14.40 -23.25 0.93
CA TYR B 246 15.38 -23.70 1.91
C TYR B 246 16.29 -22.52 2.17
N PHE B 247 16.37 -21.64 1.17
CA PHE B 247 17.08 -20.38 1.23
C PHE B 247 18.55 -20.58 1.58
N THR B 248 19.25 -21.15 0.62
CA THR B 248 20.61 -20.70 0.43
C THR B 248 20.97 -20.56 -1.04
N PHE B 249 20.20 -21.15 -1.95
CA PHE B 249 20.28 -20.99 -3.40
C PHE B 249 21.71 -21.15 -3.93
N ARG B 250 22.21 -22.37 -3.84
CA ARG B 250 23.50 -22.65 -4.42
C ARG B 250 23.39 -23.05 -5.88
N GLU B 251 22.31 -22.67 -6.55
CA GLU B 251 22.12 -23.06 -7.93
C GLU B 251 22.90 -22.17 -8.89
N LYS B 252 23.01 -20.87 -8.63
CA LYS B 252 23.83 -20.04 -9.49
C LYS B 252 25.29 -20.00 -9.05
N PHE B 253 25.58 -20.47 -7.84
CA PHE B 253 26.92 -20.66 -7.30
C PHE B 253 27.73 -19.37 -7.15
N MET B 254 27.12 -18.18 -7.31
CA MET B 254 27.80 -16.89 -7.20
C MET B 254 28.95 -16.83 -8.20
N PHE B 255 28.63 -16.58 -9.49
CA PHE B 255 29.39 -16.96 -10.69
C PHE B 255 30.91 -16.93 -10.58
N VAL B 256 31.55 -18.08 -10.65
CA VAL B 256 33.01 -18.16 -10.70
C VAL B 256 33.38 -19.17 -11.76
N HIS B 257 34.14 -18.73 -12.75
CA HIS B 257 34.49 -19.56 -13.88
C HIS B 257 35.99 -19.58 -14.05
N LEU B 258 36.48 -20.74 -14.47
CA LEU B 258 37.64 -20.86 -15.32
C LEU B 258 37.30 -21.92 -16.34
N ASN B 259 37.64 -21.66 -17.60
CA ASN B 259 37.20 -22.50 -18.71
C ASN B 259 38.04 -23.78 -18.73
N GLY B 260 37.98 -24.51 -19.85
CA GLY B 260 38.84 -25.67 -19.97
C GLY B 260 40.31 -25.29 -19.96
N LEU B 261 40.97 -25.54 -18.83
CA LEU B 261 42.34 -25.09 -18.60
C LEU B 261 43.23 -26.23 -19.01
N GLU B 262 44.10 -25.98 -19.98
CA GLU B 262 44.81 -27.06 -20.64
C GLU B 262 46.13 -27.38 -19.95
N ASN B 263 46.21 -28.59 -19.43
CA ASN B 263 47.47 -29.13 -18.92
C ASN B 263 48.39 -29.36 -20.09
N VAL B 264 49.43 -28.56 -20.23
CA VAL B 264 50.54 -29.02 -21.04
C VAL B 264 51.42 -29.78 -20.06
N SER B 265 51.01 -31.00 -19.74
CA SER B 265 51.63 -31.72 -18.66
C SER B 265 52.98 -32.26 -19.10
N LEU B 266 53.87 -32.40 -18.13
CA LEU B 266 55.28 -32.54 -18.44
C LEU B 266 55.83 -33.78 -17.75
N PRO B 267 56.96 -34.32 -18.22
CA PRO B 267 57.59 -35.47 -17.54
C PRO B 267 58.18 -35.13 -16.19
N ALA B 268 58.91 -36.09 -15.62
CA ALA B 268 59.46 -36.02 -14.28
C ALA B 268 60.36 -34.82 -14.07
N GLY B 269 59.87 -33.84 -13.32
CA GLY B 269 60.64 -32.66 -12.95
C GLY B 269 60.11 -31.36 -13.48
N ILE B 270 59.42 -31.34 -14.63
CA ILE B 270 59.11 -30.09 -15.33
C ILE B 270 57.65 -29.75 -15.05
N SER B 271 57.34 -28.47 -14.95
CA SER B 271 56.03 -28.06 -14.44
C SER B 271 55.71 -26.64 -14.88
N GLY B 272 54.64 -26.11 -14.28
CA GLY B 272 54.25 -24.71 -14.34
C GLY B 272 52.76 -24.45 -14.34
N PHE B 273 52.28 -23.66 -13.38
CA PHE B 273 50.86 -23.38 -13.17
C PHE B 273 50.69 -21.86 -13.15
N ASP B 274 50.68 -21.24 -14.32
CA ASP B 274 50.74 -19.80 -14.33
C ASP B 274 49.38 -19.15 -14.37
N LEU B 275 49.36 -17.90 -13.92
CA LEU B 275 48.20 -17.02 -14.02
C LEU B 275 48.69 -15.63 -14.40
N GLU B 276 49.56 -15.57 -15.42
CA GLU B 276 50.58 -14.53 -15.55
C GLU B 276 50.07 -13.10 -15.64
N VAL B 277 48.80 -12.88 -15.96
CA VAL B 277 48.34 -11.52 -16.21
C VAL B 277 48.16 -10.76 -14.89
N VAL B 278 47.44 -11.35 -13.92
CA VAL B 278 47.51 -10.78 -12.58
C VAL B 278 48.85 -11.15 -11.95
N LEU B 279 49.38 -12.34 -12.23
CA LEU B 279 50.66 -12.78 -11.69
C LEU B 279 51.84 -11.96 -12.22
N SER B 280 51.62 -11.13 -13.24
CA SER B 280 52.48 -9.99 -13.52
C SER B 280 52.69 -9.12 -12.30
N GLN B 281 51.68 -8.95 -11.46
CA GLN B 281 51.85 -8.37 -10.13
C GLN B 281 51.67 -9.48 -9.10
N PRO B 282 52.76 -10.09 -8.63
CA PRO B 282 52.64 -11.15 -7.62
C PRO B 282 52.30 -10.61 -6.24
N TRP B 283 52.42 -11.49 -5.24
CA TRP B 283 51.87 -11.23 -3.93
C TRP B 283 52.61 -10.09 -3.24
N PRO B 284 51.96 -9.40 -2.32
CA PRO B 284 52.70 -8.57 -1.38
C PRO B 284 53.51 -9.42 -0.42
N ALA B 285 54.51 -8.78 0.18
CA ALA B 285 55.31 -9.44 1.21
C ALA B 285 54.49 -9.69 2.47
N ASP B 286 53.47 -8.86 2.70
CA ASP B 286 52.50 -9.10 3.75
C ASP B 286 51.33 -9.96 3.27
N LEU B 287 51.49 -10.63 2.15
CA LEU B 287 50.60 -11.71 1.78
C LEU B 287 51.37 -13.00 1.99
N PRO B 288 51.17 -13.73 3.08
CA PRO B 288 51.91 -14.96 3.30
C PRO B 288 51.20 -16.15 2.67
N VAL B 289 51.94 -17.25 2.61
CA VAL B 289 51.37 -18.53 2.19
C VAL B 289 51.12 -19.34 3.45
N THR B 290 50.13 -20.23 3.40
CA THR B 290 49.82 -21.13 4.49
C THR B 290 49.25 -22.40 3.89
N ASP B 291 49.64 -23.56 4.44
CA ASP B 291 49.10 -24.84 4.00
C ASP B 291 47.68 -25.11 4.48
N ASP B 292 46.95 -24.10 4.95
CA ASP B 292 45.52 -24.21 5.16
C ASP B 292 44.71 -23.45 4.12
N ALA B 293 45.11 -23.51 2.86
CA ALA B 293 44.18 -23.30 1.75
C ALA B 293 43.70 -24.66 1.24
N LEU B 294 43.25 -25.49 2.18
CA LEU B 294 42.84 -26.85 1.91
C LEU B 294 41.33 -26.91 1.79
N CYS B 295 40.84 -27.29 0.62
CA CYS B 295 39.54 -26.82 0.19
C CYS B 295 38.64 -27.90 -0.39
N LEU B 296 38.94 -29.18 -0.18
CA LEU B 296 38.44 -30.22 -1.08
C LEU B 296 36.95 -30.45 -1.02
N HIS B 297 36.38 -30.56 0.16
CA HIS B 297 34.99 -30.99 0.29
C HIS B 297 34.20 -30.01 1.15
N CYS B 298 34.37 -28.71 0.88
CA CYS B 298 33.73 -27.65 1.65
C CYS B 298 32.27 -27.58 1.24
N VAL B 299 31.38 -28.04 2.11
CA VAL B 299 29.96 -28.11 1.82
C VAL B 299 29.21 -27.33 2.88
N PRO B 300 28.34 -26.40 2.53
CA PRO B 300 27.61 -25.63 3.54
C PRO B 300 26.46 -26.40 4.16
N VAL B 301 26.23 -26.08 5.43
CA VAL B 301 25.08 -26.53 6.20
C VAL B 301 24.43 -25.27 6.75
N ILE B 302 23.15 -25.35 7.07
CA ILE B 302 22.51 -24.24 7.76
C ILE B 302 21.87 -24.81 9.00
N ASN B 303 21.44 -23.93 9.90
CA ASN B 303 20.80 -24.36 11.13
C ASN B 303 19.32 -24.57 10.88
N LEU B 304 18.98 -25.65 10.19
CA LEU B 304 17.60 -26.02 9.96
C LEU B 304 17.31 -27.38 10.55
N PHE B 305 16.43 -27.43 11.54
CA PHE B 305 16.05 -28.65 12.22
C PHE B 305 14.67 -29.10 11.74
N THR B 306 14.39 -30.38 11.85
CA THR B 306 13.14 -30.92 11.34
C THR B 306 12.43 -31.75 12.39
N LEU B 307 11.11 -31.84 12.20
CA LEU B 307 10.17 -32.63 12.99
C LEU B 307 8.85 -32.56 12.27
N GLU B 308 7.88 -33.35 12.72
CA GLU B 308 6.47 -33.21 12.35
C GLU B 308 5.62 -33.57 13.57
N ALA B 309 4.89 -32.61 14.11
CA ALA B 309 4.16 -32.83 15.34
C ALA B 309 2.86 -33.59 15.10
N ASP B 310 2.10 -33.75 16.18
CA ASP B 310 0.90 -34.59 16.14
C ASP B 310 -0.28 -33.80 15.58
N PRO B 311 -1.08 -34.41 14.71
CA PRO B 311 -2.31 -33.75 14.27
C PRO B 311 -3.37 -33.75 15.35
N LEU B 312 -3.49 -32.64 16.06
CA LEU B 312 -4.46 -32.51 17.15
C LEU B 312 -5.33 -31.32 16.76
N ILE B 313 -6.27 -31.58 15.86
CA ILE B 313 -6.97 -30.63 15.02
C ILE B 313 -8.15 -31.38 14.42
N ILE B 314 -9.26 -30.71 14.10
CA ILE B 314 -9.54 -29.34 14.47
C ILE B 314 -10.88 -29.41 15.17
N ASN B 315 -11.18 -28.42 16.00
CA ASN B 315 -12.54 -28.28 16.52
C ASN B 315 -12.81 -26.79 16.67
N GLY B 316 -13.84 -26.31 15.97
CA GLY B 316 -14.27 -24.94 16.12
C GLY B 316 -13.94 -24.10 14.91
N LEU B 317 -13.06 -23.13 15.11
CA LEU B 317 -12.77 -22.12 14.09
C LEU B 317 -11.26 -22.10 13.85
N GLU B 318 -10.79 -21.10 13.12
CA GLU B 318 -9.42 -21.03 12.62
C GLU B 318 -8.40 -20.69 13.69
N SER B 319 -8.83 -20.41 14.92
CA SER B 319 -7.96 -19.83 15.94
C SER B 319 -6.93 -20.80 16.51
N GLU B 320 -6.80 -22.01 15.97
CA GLU B 320 -5.76 -22.90 16.43
C GLU B 320 -4.46 -22.54 15.75
N TYR B 321 -3.37 -22.49 16.51
CA TYR B 321 -2.14 -21.93 15.99
C TYR B 321 -0.92 -22.74 16.40
N LEU B 322 -1.11 -24.01 16.74
CA LEU B 322 -0.09 -25.06 16.71
C LEU B 322 1.02 -24.83 17.73
N LEU B 323 0.62 -24.74 18.99
CA LEU B 323 1.53 -24.90 20.12
C LEU B 323 1.57 -26.39 20.46
N ARG B 324 2.64 -27.06 20.07
CA ARG B 324 2.66 -28.51 20.10
C ARG B 324 3.68 -29.03 21.11
N PRO B 325 3.39 -30.18 21.73
CA PRO B 325 4.27 -30.67 22.82
C PRO B 325 5.64 -31.13 22.36
N LYS B 326 5.86 -31.38 21.08
CA LYS B 326 7.23 -31.51 20.61
C LYS B 326 7.98 -30.20 20.70
N ARG B 327 7.31 -29.09 20.47
CA ARG B 327 7.88 -27.78 20.73
C ARG B 327 7.62 -27.33 22.15
N LEU B 328 6.48 -27.68 22.75
CA LEU B 328 6.24 -27.41 24.16
C LEU B 328 7.01 -28.39 25.05
N GLN B 329 7.74 -29.33 24.46
CA GLN B 329 8.89 -29.95 25.11
C GLN B 329 9.85 -28.86 25.57
N ASP B 330 10.45 -29.09 26.74
CA ASP B 330 11.00 -28.00 27.54
C ASP B 330 12.24 -27.40 26.91
N GLY B 331 13.20 -28.23 26.50
CA GLY B 331 14.35 -27.74 25.75
C GLY B 331 14.00 -27.19 24.39
N TYR B 332 12.82 -27.51 23.87
CA TYR B 332 12.28 -26.85 22.70
C TYR B 332 11.40 -25.68 23.05
N THR B 333 10.84 -25.65 24.26
CA THR B 333 10.05 -24.51 24.69
C THR B 333 10.93 -23.28 24.82
N GLU B 334 12.09 -23.45 25.43
CA GLU B 334 12.91 -22.33 25.87
C GLU B 334 13.53 -21.57 24.70
N ILE B 335 13.97 -22.30 23.68
CA ILE B 335 14.79 -21.74 22.62
C ILE B 335 14.23 -22.03 21.23
N TYR B 336 13.72 -23.24 21.00
CA TYR B 336 13.36 -23.68 19.66
C TYR B 336 12.09 -23.00 19.16
N SER B 337 12.06 -22.75 17.86
CA SER B 337 10.92 -22.10 17.23
C SER B 337 10.64 -22.77 15.91
N VAL B 338 9.71 -22.17 15.15
CA VAL B 338 9.20 -22.74 13.92
C VAL B 338 9.53 -21.78 12.79
N ASP B 339 10.08 -22.30 11.70
CA ASP B 339 10.40 -21.46 10.54
C ASP B 339 9.28 -21.45 9.53
N ALA B 340 8.92 -22.61 9.01
CA ALA B 340 7.95 -22.65 7.92
C ALA B 340 6.94 -23.74 8.19
N VAL B 341 5.78 -23.58 7.55
CA VAL B 341 4.68 -24.52 7.65
C VAL B 341 4.26 -24.88 6.24
N THR B 342 4.43 -26.15 5.86
CA THR B 342 4.14 -26.56 4.50
C THR B 342 3.14 -27.69 4.51
N GLY B 343 2.56 -27.93 3.33
CA GLY B 343 2.04 -29.21 2.91
C GLY B 343 1.09 -29.94 3.84
N SER B 344 -0.12 -29.45 3.98
CA SER B 344 -1.08 -30.16 4.81
C SER B 344 -2.48 -30.02 4.26
N GLY B 345 -3.44 -30.50 5.04
CA GLY B 345 -4.80 -30.53 4.56
C GLY B 345 -5.25 -31.84 3.96
N ARG B 346 -5.18 -32.90 4.76
CA ARG B 346 -5.46 -34.25 4.29
C ARG B 346 -6.50 -34.94 5.18
N THR B 347 -7.52 -34.21 5.60
CA THR B 347 -8.52 -34.73 6.52
C THR B 347 -9.86 -34.96 5.84
N GLY B 348 -10.60 -35.94 6.36
CA GLY B 348 -11.88 -36.31 5.80
C GLY B 348 -11.72 -37.08 4.50
N SER B 349 -11.28 -36.37 3.47
CA SER B 349 -10.85 -36.97 2.22
C SER B 349 -9.35 -36.76 2.10
N ALA B 350 -8.79 -36.98 0.92
CA ALA B 350 -7.37 -36.79 0.73
C ALA B 350 -6.99 -35.37 0.31
N GLU B 351 -7.97 -34.47 0.11
CA GLU B 351 -7.72 -33.21 -0.59
C GLU B 351 -8.39 -32.00 0.06
N TYR B 352 -8.72 -32.07 1.35
CA TYR B 352 -9.43 -30.97 2.00
C TYR B 352 -8.46 -29.87 2.38
N VAL B 353 -8.57 -28.71 1.73
CA VAL B 353 -7.86 -27.47 2.06
C VAL B 353 -6.34 -27.69 2.00
N PRO B 354 -5.75 -27.82 0.81
CA PRO B 354 -4.29 -27.93 0.76
C PRO B 354 -3.66 -26.56 0.96
N PHE B 355 -2.41 -26.58 1.41
CA PHE B 355 -1.70 -25.33 1.69
C PHE B 355 -1.23 -24.71 0.38
N THR B 356 -2.17 -24.12 -0.34
CA THR B 356 -1.87 -23.45 -1.58
C THR B 356 -2.42 -22.04 -1.56
N SER B 357 -3.68 -21.95 -1.15
CA SER B 357 -4.53 -20.80 -1.42
C SER B 357 -4.22 -19.63 -0.51
N PHE B 358 -3.37 -19.84 0.49
CA PHE B 358 -2.82 -18.75 1.27
C PHE B 358 -2.10 -17.74 0.39
N ARG B 359 -1.44 -18.20 -0.67
CA ARG B 359 -0.66 -17.34 -1.55
C ARG B 359 -1.13 -17.44 -2.99
N HIS B 360 -1.75 -18.56 -3.36
CA HIS B 360 -2.00 -18.90 -4.76
C HIS B 360 -2.87 -17.87 -5.47
N ARG B 361 -3.97 -17.50 -4.85
CA ARG B 361 -4.83 -16.45 -5.38
C ARG B 361 -4.09 -15.13 -5.30
N GLY B 362 -3.97 -14.47 -6.44
CA GLY B 362 -3.35 -13.16 -6.51
C GLY B 362 -4.15 -12.21 -7.36
N GLY B 363 -5.48 -12.34 -7.34
CA GLY B 363 -6.30 -11.43 -8.10
C GLY B 363 -7.78 -11.68 -7.95
N MET B 364 -8.52 -11.25 -8.98
CA MET B 364 -9.89 -10.80 -8.76
C MET B 364 -10.90 -11.93 -8.76
N LEU B 365 -10.68 -12.97 -9.59
CA LEU B 365 -11.68 -14.03 -9.74
C LEU B 365 -11.65 -14.97 -8.53
N ARG B 366 -12.11 -14.44 -7.41
CA ARG B 366 -12.20 -15.25 -6.21
C ARG B 366 -13.45 -16.11 -6.23
N HIS B 367 -14.54 -15.62 -6.82
CA HIS B 367 -15.70 -16.48 -6.96
C HIS B 367 -15.48 -17.55 -8.01
N ASP B 368 -14.56 -17.34 -8.94
CA ASP B 368 -14.06 -18.43 -9.76
C ASP B 368 -12.93 -19.14 -9.02
N ALA B 369 -13.34 -19.98 -8.07
CA ALA B 369 -12.40 -20.79 -7.31
C ALA B 369 -13.10 -22.02 -6.75
N PRO B 370 -12.58 -23.22 -7.00
CA PRO B 370 -13.16 -24.43 -6.40
C PRO B 370 -12.92 -24.48 -4.89
N GLU B 371 -13.65 -25.38 -4.24
CA GLU B 371 -13.68 -25.41 -2.78
C GLU B 371 -12.41 -26.02 -2.22
N ARG B 372 -12.44 -26.21 -0.89
CA ARG B 372 -11.33 -26.76 -0.10
C ARG B 372 -10.07 -25.92 -0.29
N TYR B 373 -10.20 -24.65 0.05
CA TYR B 373 -9.11 -23.69 -0.07
C TYR B 373 -8.76 -23.15 1.31
N TYR B 374 -7.75 -22.27 1.34
CA TYR B 374 -6.90 -22.11 2.50
C TYR B 374 -6.44 -20.68 2.64
N HIS B 375 -6.14 -20.26 3.88
CA HIS B 375 -5.27 -19.12 4.10
C HIS B 375 -4.49 -19.26 5.39
N THR B 376 -3.27 -18.74 5.38
CA THR B 376 -2.39 -18.60 6.55
C THR B 376 -2.39 -17.15 6.99
N ARG B 377 -2.72 -16.91 8.25
CA ARG B 377 -2.32 -15.65 8.88
C ARG B 377 -1.26 -15.96 9.93
N VAL B 378 -0.56 -14.92 10.37
CA VAL B 378 0.55 -15.05 11.30
C VAL B 378 0.37 -14.02 12.41
N LYS B 379 1.26 -14.10 13.41
CA LYS B 379 1.31 -13.17 14.52
C LYS B 379 2.76 -13.01 14.96
N ARG B 380 2.93 -12.47 16.16
CA ARG B 380 4.11 -12.72 16.96
C ARG B 380 3.82 -13.71 18.07
N GLY B 381 4.78 -13.80 18.99
CA GLY B 381 4.62 -14.65 20.14
C GLY B 381 5.02 -14.02 21.45
N VAL B 382 5.81 -14.75 22.22
CA VAL B 382 6.07 -14.42 23.62
C VAL B 382 6.99 -13.22 23.67
N THR B 383 6.71 -12.30 24.58
CA THR B 383 7.66 -11.27 24.95
C THR B 383 8.94 -11.90 25.46
N GLY B 384 10.06 -11.47 24.89
CA GLY B 384 11.35 -12.02 25.21
C GLY B 384 12.01 -12.75 24.07
N MET B 385 11.24 -13.34 23.15
CA MET B 385 11.85 -14.00 22.00
C MET B 385 11.21 -13.53 20.71
N TYR B 386 11.66 -14.10 19.58
CA TYR B 386 11.16 -13.78 18.25
C TYR B 386 10.02 -14.70 17.82
N ASP B 387 9.22 -15.16 18.78
CA ASP B 387 8.22 -16.17 18.53
C ASP B 387 7.09 -15.61 17.68
N THR B 388 6.51 -16.46 16.85
CA THR B 388 5.37 -16.08 16.02
C THR B 388 4.32 -17.17 16.13
N TRP B 389 3.05 -16.79 15.93
CA TRP B 389 1.98 -17.77 15.96
C TRP B 389 1.04 -17.56 14.80
N LEU B 390 0.40 -18.63 14.38
CA LEU B 390 -0.24 -18.68 13.06
C LEU B 390 -1.67 -19.16 13.20
N ILE B 391 -2.56 -18.22 13.46
CA ILE B 391 -3.98 -18.43 13.23
C ILE B 391 -4.16 -18.64 11.73
N LEU B 392 -4.79 -19.74 11.35
CA LEU B 392 -4.93 -20.04 9.94
C LEU B 392 -6.16 -20.91 9.75
N GLY B 393 -6.76 -20.81 8.58
CA GLY B 393 -7.94 -21.60 8.37
C GLY B 393 -8.30 -21.78 6.92
N GLY B 394 -9.46 -22.39 6.68
CA GLY B 394 -9.97 -22.62 5.36
C GLY B 394 -10.60 -21.39 4.77
N GLN B 395 -11.29 -21.58 3.64
CA GLN B 395 -11.96 -20.49 2.95
C GLN B 395 -13.45 -20.70 2.78
N ARG B 396 -13.88 -21.92 2.46
CA ARG B 396 -15.33 -22.09 2.33
C ARG B 396 -15.93 -23.07 3.30
N TRP B 397 -15.16 -24.00 3.84
CA TRP B 397 -15.79 -24.95 4.75
C TRP B 397 -15.96 -24.37 6.15
N GLU B 398 -15.14 -23.41 6.55
CA GLU B 398 -15.42 -22.71 7.79
C GLU B 398 -16.62 -21.79 7.62
N ALA B 399 -16.86 -21.32 6.39
CA ALA B 399 -18.13 -20.70 6.07
C ALA B 399 -19.28 -21.71 6.09
N ASP B 400 -18.98 -23.01 6.02
CA ASP B 400 -19.99 -24.05 6.17
C ASP B 400 -20.12 -24.53 7.61
N ARG B 401 -19.08 -24.31 8.44
CA ARG B 401 -19.07 -24.57 9.88
C ARG B 401 -19.36 -26.03 10.24
N MET B 402 -18.46 -26.91 9.82
CA MET B 402 -18.47 -28.29 10.31
C MET B 402 -17.07 -28.61 10.83
N PRO B 403 -16.88 -28.70 12.14
CA PRO B 403 -15.54 -28.97 12.68
C PRO B 403 -15.16 -30.44 12.67
N GLU B 404 -15.81 -31.24 11.83
CA GLU B 404 -15.65 -32.69 11.79
C GLU B 404 -14.46 -33.14 10.96
N ARG B 405 -13.49 -32.27 10.72
CA ARG B 405 -12.31 -32.58 9.95
C ARG B 405 -11.12 -32.71 10.88
N GLU B 406 -10.52 -33.90 10.89
CA GLU B 406 -9.61 -34.28 11.96
C GLU B 406 -8.20 -34.60 11.49
N THR B 407 -8.05 -35.47 10.50
CA THR B 407 -6.76 -36.09 10.18
C THR B 407 -5.96 -35.22 9.21
N LEU B 408 -5.85 -33.95 9.57
CA LEU B 408 -5.16 -32.95 8.75
C LEU B 408 -3.69 -33.07 9.07
N SER B 409 -2.86 -33.18 8.05
CA SER B 409 -1.45 -33.51 8.29
C SER B 409 -0.66 -32.30 8.77
N LEU B 410 0.65 -32.50 8.92
CA LEU B 410 1.54 -31.46 9.40
C LEU B 410 2.92 -31.64 8.79
N ARG B 411 3.48 -30.56 8.26
CA ARG B 411 4.85 -30.56 7.77
C ARG B 411 5.52 -29.28 8.23
N ILE B 412 6.28 -29.38 9.31
CA ILE B 412 6.63 -28.23 10.13
C ILE B 412 8.13 -28.18 10.30
N THR B 413 8.75 -27.12 9.82
CA THR B 413 10.19 -26.97 9.96
C THR B 413 10.49 -25.84 10.93
N GLY B 414 11.60 -25.97 11.64
CA GLY B 414 11.92 -24.91 12.59
C GLY B 414 13.36 -24.96 13.06
N THR B 415 13.74 -23.92 13.81
CA THR B 415 15.10 -23.79 14.31
C THR B 415 15.05 -23.30 15.75
N ASN B 416 16.22 -23.19 16.36
CA ASN B 416 16.34 -22.93 17.78
C ASN B 416 17.28 -21.76 18.07
N GLY B 417 16.94 -21.01 19.11
CA GLY B 417 17.76 -19.95 19.61
C GLY B 417 18.79 -20.47 20.60
N GLN B 418 19.63 -19.56 21.09
CA GLN B 418 20.65 -19.91 22.05
C GLN B 418 21.07 -18.66 22.80
N LEU B 419 22.16 -18.79 23.54
CA LEU B 419 22.86 -17.72 24.20
C LEU B 419 24.28 -17.67 23.63
N PRO B 420 24.92 -16.49 23.60
CA PRO B 420 26.22 -16.38 22.94
C PRO B 420 27.37 -17.04 23.69
N ARG B 421 28.58 -16.77 23.20
CA ARG B 421 29.86 -17.37 23.61
C ARG B 421 29.90 -18.86 23.35
N ARG B 422 29.09 -19.34 22.42
CA ARG B 422 29.13 -20.74 22.02
C ARG B 422 30.38 -21.00 21.19
N ALA B 423 30.75 -22.27 21.13
CA ALA B 423 31.78 -22.78 20.24
C ALA B 423 31.48 -24.25 20.10
N LEU B 424 31.13 -24.68 18.89
CA LEU B 424 30.42 -25.95 18.75
C LEU B 424 31.34 -27.15 18.89
N GLN B 425 30.70 -28.31 18.85
CA GLN B 425 31.35 -29.60 18.93
C GLN B 425 31.07 -30.32 17.62
N SER B 426 32.08 -30.43 16.78
CA SER B 426 31.92 -30.97 15.44
C SER B 426 31.95 -32.49 15.49
N THR B 427 30.91 -33.10 14.94
CA THR B 427 30.90 -34.54 14.70
C THR B 427 29.94 -34.81 13.56
N LEU B 428 30.09 -35.99 12.98
CA LEU B 428 29.13 -36.49 12.01
C LEU B 428 28.06 -37.26 12.77
N LEU B 429 26.81 -36.94 12.50
CA LEU B 429 25.72 -37.55 13.23
C LEU B 429 25.23 -38.82 12.55
N ASP B 430 25.10 -38.79 11.23
CA ASP B 430 24.54 -39.91 10.49
C ASP B 430 25.41 -40.18 9.28
N ARG B 431 25.45 -41.45 8.85
CA ARG B 431 26.26 -41.87 7.73
C ARG B 431 25.41 -42.55 6.69
N CYS B 432 25.72 -42.29 5.42
CA CYS B 432 24.97 -42.85 4.32
C CYS B 432 25.29 -44.34 4.18
N GLU B 433 24.33 -45.06 3.61
CA GLU B 433 24.37 -46.51 3.59
C GLU B 433 25.15 -47.00 2.37
N GLN B 434 26.09 -47.93 2.61
CA GLN B 434 26.94 -48.61 1.63
C GLN B 434 27.90 -47.69 0.90
N VAL B 435 27.91 -46.40 1.23
CA VAL B 435 28.74 -45.42 0.56
C VAL B 435 29.95 -45.07 1.41
N LEU B 436 29.73 -44.83 2.70
CA LEU B 436 30.84 -44.61 3.61
C LEU B 436 31.46 -45.96 3.90
N GLN B 437 32.41 -46.34 3.04
CA GLN B 437 33.25 -47.51 3.26
C GLN B 437 33.97 -47.39 4.59
N ALA B 438 34.49 -46.24 4.87
CA ALA B 438 34.92 -45.77 6.17
C ALA B 438 34.14 -44.51 6.53
N PRO B 439 34.02 -44.15 7.81
CA PRO B 439 33.28 -42.93 8.16
C PRO B 439 33.95 -41.62 7.77
N VAL B 440 33.33 -40.53 8.20
CA VAL B 440 33.65 -39.18 7.78
C VAL B 440 33.71 -38.30 9.02
N SER B 441 34.82 -37.58 9.17
CA SER B 441 35.00 -36.56 10.19
C SER B 441 34.43 -35.22 9.72
N VAL B 442 34.11 -34.38 10.69
CA VAL B 442 33.57 -33.05 10.45
C VAL B 442 34.49 -32.04 11.11
N ARG B 443 34.89 -31.01 10.35
CA ARG B 443 35.89 -30.09 10.87
C ARG B 443 35.32 -28.77 11.36
N ASN B 444 34.14 -28.37 10.87
CA ASN B 444 33.42 -27.16 11.33
C ASN B 444 34.28 -25.91 11.12
N LEU B 445 34.44 -25.58 9.84
CA LEU B 445 35.54 -24.74 9.35
C LEU B 445 35.62 -23.37 10.04
N CYS B 446 34.48 -22.73 10.30
CA CYS B 446 34.50 -21.46 11.00
C CYS B 446 33.44 -21.42 12.10
N LYS B 447 33.26 -20.25 12.72
CA LYS B 447 32.22 -20.14 13.74
C LYS B 447 30.90 -19.77 13.10
N PRO B 448 29.79 -20.36 13.54
CA PRO B 448 28.49 -20.00 13.00
C PRO B 448 28.10 -18.59 13.42
N THR B 449 27.14 -18.04 12.73
CA THR B 449 26.64 -16.73 13.07
C THR B 449 25.43 -16.86 13.98
N LEU B 450 24.76 -15.79 14.18
CA LEU B 450 23.61 -15.78 15.06
C LEU B 450 22.34 -15.95 14.25
N PRO B 451 21.19 -16.03 14.88
CA PRO B 451 19.96 -15.64 14.18
C PRO B 451 19.95 -14.15 13.93
N VAL B 452 19.26 -13.74 12.88
CA VAL B 452 19.25 -12.35 12.47
C VAL B 452 17.87 -12.03 11.89
N TYR B 453 17.43 -10.80 12.09
CA TYR B 453 16.05 -10.41 11.89
C TYR B 453 16.01 -9.04 11.24
N PRO B 454 15.02 -8.76 10.41
CA PRO B 454 15.03 -7.54 9.62
C PRO B 454 14.64 -6.35 10.46
N PRO B 455 15.06 -5.17 10.07
CA PRO B 455 14.58 -3.97 10.75
C PRO B 455 13.14 -3.66 10.42
N THR B 456 12.27 -3.94 11.38
CA THR B 456 10.88 -3.53 11.36
C THR B 456 10.67 -2.30 12.21
N GLU B 457 11.74 -1.64 12.61
CA GLU B 457 11.69 -0.64 13.64
C GLU B 457 11.46 0.77 13.12
N ASP B 458 10.95 0.90 11.90
CA ASP B 458 10.80 2.20 11.30
C ASP B 458 9.79 2.13 10.18
N ARG B 459 8.77 3.01 10.25
CA ARG B 459 7.84 3.22 9.15
C ARG B 459 8.55 3.63 7.88
N PHE B 460 9.64 4.41 8.00
CA PHE B 460 10.56 4.56 6.89
C PHE B 460 11.12 3.21 6.47
N HIS B 461 11.92 2.60 7.35
CA HIS B 461 12.64 1.39 6.97
C HIS B 461 11.76 0.16 6.86
N TRP B 462 10.45 0.28 7.05
CA TRP B 462 9.58 -0.73 6.50
C TRP B 462 9.05 -0.35 5.14
N ARG B 463 8.48 0.84 4.98
CA ARG B 463 7.92 1.20 3.69
C ARG B 463 8.97 1.58 2.67
N VAL B 464 10.23 1.73 3.05
CA VAL B 464 11.19 2.14 2.05
C VAL B 464 11.49 0.98 1.10
N MET B 465 11.27 -0.26 1.50
CA MET B 465 11.37 -1.31 0.49
C MET B 465 10.09 -1.39 -0.32
N SER B 466 8.96 -1.03 0.29
CA SER B 466 7.66 -1.14 -0.37
C SER B 466 7.57 -0.24 -1.59
N HIS B 467 8.32 0.85 -1.58
CA HIS B 467 8.64 1.53 -2.83
C HIS B 467 9.52 0.66 -3.71
N LEU B 468 10.63 0.16 -3.14
CA LEU B 468 11.90 -0.03 -3.84
C LEU B 468 11.78 -0.84 -5.13
N GLY B 469 11.08 -1.96 -5.09
CA GLY B 469 11.04 -2.87 -6.21
C GLY B 469 10.17 -2.37 -7.35
N THR B 470 10.63 -1.36 -8.06
CA THR B 470 9.90 -0.77 -9.17
C THR B 470 10.88 -0.40 -10.28
N GLY B 471 10.34 0.22 -11.34
CA GLY B 471 11.17 0.78 -12.39
C GLY B 471 11.35 2.28 -12.20
N PHE B 472 11.57 2.69 -10.95
CA PHE B 472 11.56 4.10 -10.57
C PHE B 472 13.00 4.41 -10.20
N LEU B 473 13.81 4.84 -11.14
CA LEU B 473 15.19 5.14 -10.82
C LEU B 473 15.64 6.39 -11.52
N ASN B 474 14.66 7.21 -11.90
CA ASN B 474 14.78 8.10 -13.04
C ASN B 474 15.86 9.15 -12.82
N MET B 475 15.97 9.65 -11.60
CA MET B 475 17.17 10.35 -11.20
C MET B 475 17.60 9.88 -9.81
N LEU B 476 18.86 9.45 -9.74
CA LEU B 476 19.49 8.97 -8.51
C LEU B 476 20.88 9.59 -8.40
N SER B 477 21.27 9.91 -7.18
CA SER B 477 22.60 10.45 -6.90
C SER B 477 23.19 9.71 -5.71
N SER B 478 24.40 10.10 -5.31
CA SER B 478 25.16 9.29 -4.37
C SER B 478 24.63 9.44 -2.95
N ALA B 479 23.93 10.53 -2.67
CA ALA B 479 23.21 10.56 -1.43
C ALA B 479 22.03 9.61 -1.43
N GLU B 480 21.38 9.40 -2.56
CA GLU B 480 20.20 8.55 -2.54
C GLU B 480 20.52 7.07 -2.52
N VAL B 481 21.78 6.71 -2.70
CA VAL B 481 22.15 5.30 -2.80
C VAL B 481 22.82 4.80 -1.53
N LEU B 482 23.84 5.53 -1.07
CA LEU B 482 24.51 5.19 0.18
C LEU B 482 23.53 5.21 1.34
N ARG B 483 22.61 6.17 1.33
CA ARG B 483 21.54 6.14 2.31
C ARG B 483 20.60 4.98 2.04
N GLY B 484 20.43 4.59 0.78
CA GLY B 484 19.40 3.60 0.56
C GLY B 484 19.40 2.89 -0.77
N THR B 485 18.99 1.63 -0.77
CA THR B 485 18.57 0.95 0.44
C THR B 485 19.59 -0.07 0.73
N LEU B 486 20.84 0.30 0.46
CA LEU B 486 21.94 -0.60 0.74
C LEU B 486 22.06 -0.86 2.23
N ALA B 487 21.71 0.12 3.05
CA ALA B 487 21.52 -0.13 4.47
C ALA B 487 20.45 -1.16 4.74
N LEU B 488 19.39 -1.20 3.93
CA LEU B 488 18.30 -2.12 4.19
C LEU B 488 18.68 -3.57 3.91
N TYR B 489 19.76 -3.82 3.20
CA TYR B 489 20.27 -5.17 3.09
C TYR B 489 21.35 -5.50 4.09
N ASN B 490 21.35 -4.86 5.26
CA ASN B 490 22.48 -4.99 6.17
C ASN B 490 21.98 -5.16 7.59
N TRP B 491 21.83 -6.38 8.03
CA TRP B 491 21.12 -6.63 9.25
C TRP B 491 22.03 -7.22 10.33
N ARG B 492 23.30 -7.42 10.01
CA ARG B 492 24.30 -7.86 10.98
C ARG B 492 25.28 -6.72 11.09
N ASP B 493 24.72 -5.54 11.36
CA ASP B 493 25.30 -4.26 10.97
C ASP B 493 26.58 -4.01 11.73
N ASP B 494 27.71 -4.24 11.05
CA ASP B 494 29.03 -4.17 11.63
C ASP B 494 29.70 -2.83 11.33
N GLU B 495 30.72 -2.55 12.13
CA GLU B 495 31.58 -1.43 11.80
C GLU B 495 32.44 -1.72 10.59
N LEU B 496 32.77 -2.99 10.35
CA LEU B 496 33.37 -3.39 9.09
C LEU B 496 32.45 -3.04 7.94
N ASN B 497 31.19 -3.46 8.05
CA ASN B 497 30.14 -3.07 7.14
C ASN B 497 29.99 -1.56 7.07
N HIS B 498 30.12 -0.89 8.21
CA HIS B 498 30.00 0.56 8.23
C HIS B 498 31.15 1.19 7.45
N ARG B 499 32.32 0.57 7.48
CA ARG B 499 33.40 1.01 6.61
C ARG B 499 33.18 0.61 5.17
N ARG B 500 32.37 -0.41 4.93
CA ARG B 500 32.14 -0.84 3.56
C ARG B 500 31.18 0.09 2.85
N LEU B 501 30.04 0.37 3.45
CA LEU B 501 29.03 1.17 2.78
C LEU B 501 29.48 2.62 2.61
N ASP B 502 30.19 3.16 3.59
CA ASP B 502 30.44 4.59 3.60
C ASP B 502 31.56 5.03 2.69
N ALA B 503 31.97 4.20 1.73
CA ALA B 503 32.99 4.63 0.80
C ALA B 503 32.42 5.58 -0.25
N ILE B 504 31.11 5.54 -0.49
CA ILE B 504 30.56 6.02 -1.75
C ILE B 504 30.38 7.53 -1.72
N LEU B 505 30.73 8.20 -2.82
CA LEU B 505 30.89 9.63 -2.90
C LEU B 505 30.07 10.30 -3.99
N ALA B 506 30.11 9.81 -5.23
CA ALA B 506 29.62 10.63 -6.34
C ALA B 506 28.91 9.80 -7.39
N VAL B 507 27.66 10.16 -7.68
CA VAL B 507 26.82 9.49 -8.68
C VAL B 507 26.21 10.54 -9.58
N GLN B 508 26.31 10.36 -10.89
CA GLN B 508 25.62 11.25 -11.81
C GLN B 508 25.35 10.51 -13.10
N HIS B 509 24.41 11.04 -13.87
CA HIS B 509 23.87 10.39 -15.05
C HIS B 509 24.33 11.10 -16.31
N HIS B 510 24.67 10.35 -17.36
CA HIS B 510 24.61 10.89 -18.70
C HIS B 510 24.03 9.88 -19.66
N ARG B 511 23.97 10.29 -20.91
CA ARG B 511 23.05 9.76 -21.91
C ARG B 511 23.79 9.26 -23.15
N ILE B 512 23.61 7.98 -23.44
CA ILE B 512 24.28 7.29 -24.54
C ILE B 512 23.38 7.37 -25.77
N GLN B 513 23.98 7.56 -26.95
CA GLN B 513 23.17 7.75 -28.15
C GLN B 513 23.68 7.01 -29.37
N ARG B 514 24.36 5.89 -29.21
CA ARG B 514 24.72 5.13 -30.41
C ARG B 514 23.48 4.46 -30.96
N PHE B 515 23.47 4.18 -32.27
CA PHE B 515 22.21 3.84 -32.88
C PHE B 515 22.38 3.23 -34.28
N GLU B 516 21.45 2.33 -34.60
CA GLU B 516 20.83 2.25 -35.91
C GLU B 516 19.66 3.22 -35.99
N LYS B 517 18.87 3.27 -34.92
CA LYS B 517 17.57 3.93 -34.92
C LYS B 517 17.35 4.61 -33.56
N GLY B 518 17.77 5.87 -33.47
CA GLY B 518 17.37 6.76 -32.39
C GLY B 518 18.10 6.50 -31.09
N PHE B 519 17.61 5.51 -30.35
CA PHE B 519 18.22 4.96 -29.13
C PHE B 519 18.52 6.02 -28.08
N LEU B 520 17.44 6.53 -27.50
CA LEU B 520 17.55 7.25 -26.24
C LEU B 520 18.09 6.28 -25.19
N LEU B 521 19.38 6.33 -24.92
CA LEU B 521 19.99 5.38 -23.99
C LEU B 521 20.77 6.19 -22.96
N ARG B 522 21.45 5.54 -22.02
CA ARG B 522 22.16 6.24 -20.96
C ARG B 522 23.15 5.28 -20.31
N GLY B 523 23.77 5.74 -19.23
CA GLY B 523 24.71 4.91 -18.51
C GLY B 523 25.43 5.73 -17.46
N LEU B 524 25.64 5.14 -16.30
CA LEU B 524 26.04 5.90 -15.12
C LEU B 524 27.39 5.45 -14.60
N ASP B 525 27.88 6.22 -13.64
CA ASP B 525 29.27 6.19 -13.21
C ASP B 525 29.33 6.45 -11.71
N VAL B 526 29.91 5.50 -10.99
CA VAL B 526 30.36 5.68 -9.62
C VAL B 526 31.37 4.59 -9.32
N GLU B 527 32.51 5.00 -8.74
CA GLU B 527 33.29 4.15 -7.85
C GLU B 527 34.25 5.06 -7.11
N VAL B 528 34.67 4.60 -5.95
CA VAL B 528 35.12 5.45 -4.86
C VAL B 528 36.34 4.91 -4.16
N THR B 529 36.59 5.44 -2.96
CA THR B 529 37.76 5.25 -2.09
C THR B 529 38.22 3.81 -1.92
N LEU B 530 39.49 3.65 -1.58
CA LEU B 530 40.23 2.41 -1.72
C LEU B 530 40.48 1.70 -0.39
N ASP B 531 39.60 1.84 0.59
CA ASP B 531 39.95 1.38 1.94
C ASP B 531 39.10 0.23 2.46
N GLY B 532 37.80 0.43 2.61
CA GLY B 532 36.97 -0.58 3.24
C GLY B 532 36.69 -1.73 2.31
N ASN B 533 36.24 -1.40 1.11
CA ASN B 533 36.05 -2.40 0.08
C ASN B 533 37.19 -2.25 -0.91
N GLY B 534 38.40 -2.07 -0.38
CA GLY B 534 39.53 -1.61 -1.14
C GLY B 534 40.35 -2.61 -1.94
N PHE B 535 40.25 -3.90 -1.63
CA PHE B 535 41.02 -4.87 -2.40
C PHE B 535 40.39 -5.06 -3.77
N ALA B 536 41.22 -5.15 -4.80
CA ALA B 536 40.72 -5.29 -6.17
C ALA B 536 40.01 -6.61 -6.38
N GLY B 537 40.25 -7.58 -5.51
CA GLY B 537 39.35 -8.70 -5.37
C GLY B 537 37.99 -8.20 -4.93
N GLU B 538 37.84 -7.73 -3.70
CA GLU B 538 36.53 -7.32 -3.20
C GLU B 538 36.00 -6.11 -3.94
N GLY B 539 36.87 -5.28 -4.52
CA GLY B 539 36.43 -4.23 -5.41
C GLY B 539 35.77 -4.76 -6.66
N ASP B 540 36.03 -6.01 -7.03
CA ASP B 540 35.25 -6.64 -8.08
C ASP B 540 34.12 -7.49 -7.50
N ILE B 541 34.32 -8.01 -6.30
CA ILE B 541 33.37 -8.99 -5.77
C ILE B 541 32.12 -8.32 -5.26
N HIS B 542 32.28 -7.36 -4.35
CA HIS B 542 31.14 -6.58 -3.89
C HIS B 542 30.51 -5.79 -5.01
N LEU B 543 31.28 -5.40 -6.01
CA LEU B 543 30.74 -4.97 -7.28
C LEU B 543 29.85 -5.99 -7.95
N PHE B 544 30.24 -7.26 -7.90
CA PHE B 544 29.52 -8.26 -8.67
C PHE B 544 28.13 -8.53 -8.12
N GLY B 545 27.94 -8.37 -6.81
CA GLY B 545 26.61 -8.51 -6.27
C GLY B 545 25.73 -7.38 -6.71
N GLU B 546 26.33 -6.23 -7.03
CA GLU B 546 25.59 -5.01 -7.31
C GLU B 546 25.02 -4.98 -8.71
N MET B 547 25.75 -5.57 -9.66
CA MET B 547 25.41 -5.40 -11.06
C MET B 547 24.12 -6.10 -11.43
N LEU B 548 23.91 -7.28 -10.88
CA LEU B 548 22.69 -8.02 -11.15
C LEU B 548 21.48 -7.38 -10.50
N ASN B 549 21.67 -6.65 -9.39
CA ASN B 549 20.61 -5.74 -8.95
C ASN B 549 20.36 -4.70 -10.01
N ARG B 550 21.41 -4.03 -10.45
CA ARG B 550 21.25 -2.85 -11.29
C ARG B 550 20.69 -3.16 -12.67
N PHE B 551 20.81 -4.39 -13.10
CA PHE B 551 20.22 -4.78 -14.36
C PHE B 551 18.72 -4.91 -14.26
N LEU B 552 18.21 -5.24 -13.07
CA LEU B 552 16.85 -5.70 -12.91
C LEU B 552 15.83 -4.59 -13.09
N ALA B 553 16.05 -3.43 -12.48
CA ALA B 553 15.03 -2.41 -12.37
C ALA B 553 14.90 -1.57 -13.62
N LEU B 554 15.36 -2.08 -14.77
CA LEU B 554 15.73 -1.30 -15.93
C LEU B 554 14.61 -0.47 -16.56
N TYR B 555 13.58 -1.07 -17.15
CA TYR B 555 12.61 -0.18 -17.79
C TYR B 555 11.15 -0.64 -17.72
N ALA B 556 10.27 0.36 -17.61
CA ALA B 556 8.87 0.24 -18.04
C ALA B 556 8.66 0.75 -19.46
N ASP B 557 9.62 1.50 -20.01
CA ASP B 557 9.74 1.78 -21.43
C ASP B 557 11.18 1.62 -21.87
N MET B 558 11.35 0.97 -23.00
CA MET B 558 12.49 0.47 -23.73
C MET B 558 13.58 1.50 -23.95
N ASN B 559 13.37 2.77 -23.61
CA ASN B 559 14.36 3.83 -23.70
C ASN B 559 15.35 3.82 -22.54
N GLN B 560 15.47 2.71 -21.84
CA GLN B 560 16.31 2.69 -20.67
C GLN B 560 17.28 1.53 -20.79
N PHE B 561 18.51 1.80 -20.37
CA PHE B 561 19.70 1.19 -20.92
C PHE B 561 20.84 1.53 -19.98
N ASN B 562 21.48 0.56 -19.33
CA ASN B 562 22.44 0.92 -18.31
C ASN B 562 23.78 0.25 -18.57
N GLN B 563 24.86 1.01 -18.33
CA GLN B 563 26.20 0.48 -18.37
C GLN B 563 27.06 1.23 -17.37
N LEU B 564 27.76 0.49 -16.53
CA LEU B 564 28.48 1.03 -15.40
C LEU B 564 29.95 1.11 -15.72
N THR B 565 30.47 2.31 -15.80
CA THR B 565 31.89 2.55 -15.64
C THR B 565 32.11 3.02 -14.22
N LEU B 566 33.34 2.90 -13.76
CA LEU B 566 33.56 2.95 -12.33
C LEU B 566 35.03 3.22 -12.05
N ILE B 567 35.27 4.32 -11.35
CA ILE B 567 36.60 4.90 -11.17
C ILE B 567 37.19 4.29 -9.91
N VAL B 568 38.23 3.46 -10.10
CA VAL B 568 38.61 2.41 -9.14
C VAL B 568 39.01 3.00 -7.80
N GLN B 569 39.99 3.82 -7.82
CA GLN B 569 40.51 4.53 -6.68
C GLN B 569 40.35 5.98 -7.11
N PRO B 570 40.83 6.98 -6.37
CA PRO B 570 41.00 8.30 -7.01
C PRO B 570 41.99 8.35 -8.18
N GLU B 571 42.63 7.23 -8.55
CA GLU B 571 43.68 7.16 -9.55
C GLU B 571 43.38 6.05 -10.56
N GLY B 572 42.16 5.51 -10.55
CA GLY B 572 41.88 4.27 -11.24
C GLY B 572 40.80 4.39 -12.29
N LYS B 573 40.60 3.29 -13.03
CA LYS B 573 39.61 3.22 -14.10
C LYS B 573 39.08 1.80 -14.22
N CYS B 574 37.77 1.67 -14.45
CA CYS B 574 37.17 0.37 -14.74
C CYS B 574 35.82 0.56 -15.40
N ILE B 575 35.53 -0.31 -16.35
CA ILE B 575 34.17 -0.51 -16.83
C ILE B 575 33.95 -2.01 -16.82
N ARG B 576 32.70 -2.43 -16.73
CA ARG B 576 32.43 -3.85 -16.89
C ARG B 576 31.47 -4.13 -18.03
N TRP B 577 30.29 -3.57 -17.96
CA TRP B 577 29.10 -4.27 -18.37
C TRP B 577 29.00 -4.36 -19.88
N LYS B 578 28.06 -5.16 -20.32
CA LYS B 578 27.67 -5.14 -21.71
C LYS B 578 26.18 -4.83 -21.75
N GLU B 579 25.85 -3.57 -21.52
CA GLU B 579 24.77 -2.86 -22.19
C GLU B 579 23.36 -3.38 -21.88
N ASN B 580 23.25 -4.53 -21.21
CA ASN B 580 22.10 -5.01 -20.45
C ASN B 580 20.74 -4.87 -21.12
N HIS B 581 20.65 -5.26 -22.39
CA HIS B 581 19.41 -5.08 -23.15
C HIS B 581 18.37 -6.03 -22.57
N ASN B 582 17.47 -5.47 -21.78
CA ASN B 582 16.36 -6.30 -21.39
C ASN B 582 15.43 -6.57 -22.55
N PRO B 583 14.87 -7.76 -22.58
CA PRO B 583 13.64 -7.98 -23.33
C PRO B 583 12.55 -7.13 -22.70
N ARG B 584 11.47 -6.99 -23.46
CA ARG B 584 10.49 -5.93 -23.24
C ARG B 584 9.82 -6.07 -21.87
N LEU B 585 9.82 -4.99 -21.13
CA LEU B 585 9.21 -4.94 -19.83
C LEU B 585 8.39 -3.67 -19.82
N PRO B 586 7.07 -3.75 -19.99
CA PRO B 586 6.24 -2.56 -19.92
C PRO B 586 6.19 -1.98 -18.53
N SER C 8 0.47 27.37 28.75
CA SER C 8 0.86 28.76 28.91
C SER C 8 -0.14 29.50 29.80
N GLN C 9 0.25 30.69 30.24
CA GLN C 9 -0.73 31.61 30.81
C GLN C 9 -1.71 32.08 29.76
N SER C 10 -1.22 32.23 28.52
CA SER C 10 -1.99 32.81 27.43
C SER C 10 -3.13 31.92 26.95
N ALA C 11 -2.99 30.59 27.06
CA ALA C 11 -3.99 29.69 26.52
C ALA C 11 -5.31 29.76 27.29
N PRO C 12 -5.37 29.80 28.64
CA PRO C 12 -6.65 30.16 29.26
C PRO C 12 -6.97 31.62 29.00
N ALA C 13 -5.94 32.48 28.98
CA ALA C 13 -6.14 33.89 28.74
C ALA C 13 -6.67 34.18 27.34
N ARG C 14 -6.37 33.32 26.37
CA ARG C 14 -7.05 33.46 25.08
C ARG C 14 -8.39 32.77 25.10
N LEU C 15 -8.46 31.54 25.59
CA LEU C 15 -9.67 30.74 25.36
C LEU C 15 -10.73 31.02 26.42
N ILE C 16 -10.44 30.70 27.68
CA ILE C 16 -11.49 30.68 28.68
C ILE C 16 -11.74 32.07 29.26
N THR C 17 -10.82 33.01 29.08
CA THR C 17 -11.14 34.33 29.59
C THR C 17 -11.90 35.15 28.55
N ARG C 18 -11.74 34.84 27.27
CA ARG C 18 -12.38 35.61 26.21
C ARG C 18 -13.65 34.96 25.68
N TYR C 19 -13.58 33.69 25.30
CA TYR C 19 -14.62 33.03 24.53
C TYR C 19 -15.38 32.04 25.40
N ARG C 20 -15.65 32.44 26.64
CA ARG C 20 -16.33 31.61 27.64
C ARG C 20 -17.85 31.72 27.52
N LYS C 21 -18.34 31.38 26.34
CA LYS C 21 -19.77 31.36 26.07
C LYS C 21 -20.20 30.09 25.38
N GLN C 22 -19.25 29.28 24.91
CA GLN C 22 -19.56 28.03 24.26
C GLN C 22 -19.11 26.83 25.07
N LEU C 23 -18.46 27.03 26.22
CA LEU C 23 -18.03 25.96 27.12
C LEU C 23 -19.13 25.00 27.60
N PRO C 24 -20.39 25.41 27.79
CA PRO C 24 -21.44 24.39 27.97
C PRO C 24 -21.74 23.59 26.73
N TYR C 25 -21.34 24.03 25.54
CA TYR C 25 -21.72 23.35 24.30
C TYR C 25 -20.51 23.21 23.38
N ILE C 26 -19.35 22.93 23.96
CA ILE C 26 -18.09 22.84 23.21
C ILE C 26 -17.78 21.38 22.94
N ASN C 27 -17.20 21.13 21.78
CA ASN C 27 -16.68 19.82 21.46
C ASN C 27 -15.25 19.74 21.96
N PHE C 28 -14.96 18.70 22.74
CA PHE C 28 -13.61 18.54 23.28
C PHE C 28 -12.59 18.28 22.19
N TYR C 29 -12.96 17.48 21.20
CA TYR C 29 -12.10 17.25 20.04
C TYR C 29 -11.80 18.55 19.33
N ARG C 30 -12.79 19.42 19.22
CA ARG C 30 -12.56 20.77 18.77
C ARG C 30 -11.71 21.55 19.77
N PHE C 31 -12.03 21.41 21.05
CA PHE C 31 -11.35 22.18 22.10
C PHE C 31 -9.87 21.85 22.16
N CYS C 32 -9.52 20.57 22.17
CA CYS C 32 -8.13 20.24 22.39
C CYS C 32 -7.31 20.48 21.12
N GLN C 33 -7.97 20.49 19.96
CA GLN C 33 -7.33 20.98 18.75
C GLN C 33 -6.99 22.44 18.88
N LEU C 34 -7.97 23.26 19.28
CA LEU C 34 -7.74 24.69 19.38
C LEU C 34 -6.77 25.04 20.50
N LEU C 35 -6.60 24.14 21.46
CA LEU C 35 -5.51 24.26 22.41
C LEU C 35 -4.15 24.19 21.74
N GLU C 36 -3.94 23.22 20.86
CA GLU C 36 -2.63 23.11 20.22
C GLU C 36 -2.44 24.16 19.16
N GLN C 37 -3.51 24.60 18.51
CA GLN C 37 -3.41 25.79 17.68
C GLN C 37 -3.16 27.05 18.49
N SER C 38 -3.52 27.06 19.78
CA SER C 38 -3.32 28.24 20.59
C SER C 38 -1.85 28.45 20.92
N GLN C 39 -1.13 27.36 21.18
CA GLN C 39 0.32 27.43 21.40
C GLN C 39 1.02 26.39 20.55
N PRO C 40 1.23 26.67 19.26
CA PRO C 40 1.82 25.68 18.37
C PRO C 40 3.32 25.83 18.14
N ASP C 41 3.94 26.90 18.61
CA ASP C 41 5.30 27.22 18.15
C ASP C 41 6.32 26.27 18.73
N GLN C 42 6.51 26.32 20.03
CA GLN C 42 7.09 25.22 20.79
C GLN C 42 5.97 24.75 21.68
N PRO C 43 5.14 23.84 21.19
CA PRO C 43 4.04 23.34 22.00
C PRO C 43 4.57 22.39 23.07
N PRO C 44 3.86 22.26 24.16
CA PRO C 44 4.17 21.16 25.09
C PRO C 44 3.69 19.87 24.47
N ILE C 45 4.54 19.26 23.63
CA ILE C 45 4.11 18.21 22.70
C ILE C 45 3.65 16.99 23.48
N GLY C 46 2.41 16.59 23.25
CA GLY C 46 1.78 15.56 24.06
C GLY C 46 2.32 14.17 23.84
N SER C 47 3.15 13.96 22.82
CA SER C 47 3.78 12.66 22.61
C SER C 47 4.83 12.35 23.67
N GLY C 48 5.45 13.37 24.25
CA GLY C 48 6.45 13.16 25.29
C GLY C 48 5.86 13.05 26.67
N TRP C 49 4.60 12.62 26.73
CA TRP C 49 3.88 12.43 27.98
C TRP C 49 4.38 11.24 28.77
N GLN C 50 5.11 10.33 28.11
CA GLN C 50 5.49 9.05 28.68
C GLN C 50 6.59 9.16 29.73
N ALA C 51 7.16 10.35 29.93
CA ALA C 51 7.98 10.57 31.12
C ALA C 51 7.72 11.89 31.84
N ARG C 52 7.18 12.92 31.18
CA ARG C 52 7.38 14.31 31.63
C ARG C 52 6.09 15.13 31.57
N GLN C 53 5.00 14.64 32.18
CA GLN C 53 3.84 15.49 32.41
C GLN C 53 4.14 16.63 33.38
N GLU C 54 5.13 16.44 34.25
CA GLU C 54 5.67 17.55 35.01
C GLU C 54 6.25 18.60 34.06
N ALA C 55 5.96 19.87 34.36
CA ALA C 55 6.22 21.04 33.51
C ALA C 55 5.56 20.90 32.14
N VAL C 56 4.24 20.69 32.18
CA VAL C 56 3.38 20.78 31.02
C VAL C 56 2.23 21.75 31.24
N ARG C 57 1.58 21.68 32.41
CA ARG C 57 0.48 22.53 32.84
C ARG C 57 -0.70 22.42 31.87
N PHE C 58 -1.28 21.24 31.83
CA PHE C 58 -2.32 20.99 30.85
C PHE C 58 -3.66 21.47 31.43
N CYS C 59 -4.74 21.20 30.73
CA CYS C 59 -6.06 21.71 31.03
C CYS C 59 -6.69 21.03 32.25
N PRO C 60 -7.60 21.74 32.94
CA PRO C 60 -8.41 21.12 34.01
C PRO C 60 -9.57 20.28 33.49
N TYR C 61 -9.25 19.24 32.74
CA TYR C 61 -10.16 18.15 32.41
C TYR C 61 -10.29 17.01 33.44
N PRO C 62 -9.25 16.47 34.11
CA PRO C 62 -9.44 15.22 34.83
C PRO C 62 -10.21 15.44 36.12
N GLY C 63 -10.73 14.33 36.65
CA GLY C 63 -11.64 14.37 37.76
C GLY C 63 -13.08 14.57 37.36
N MET C 64 -13.36 14.83 36.08
CA MET C 64 -14.74 15.00 35.65
C MET C 64 -15.46 13.65 35.57
N GLY C 65 -14.75 12.59 35.18
CA GLY C 65 -15.42 11.34 34.88
C GLY C 65 -16.29 11.40 33.66
N PHE C 66 -15.94 12.26 32.70
CA PHE C 66 -16.86 12.51 31.59
C PHE C 66 -16.61 11.56 30.43
N PRO C 67 -17.65 11.31 29.66
CA PRO C 67 -17.44 10.82 28.29
C PRO C 67 -16.97 11.94 27.38
N ALA C 68 -16.90 11.65 26.08
CA ALA C 68 -16.29 12.57 25.13
C ALA C 68 -17.17 13.80 24.89
N SER C 69 -16.51 14.96 24.80
CA SER C 69 -17.12 16.28 24.53
C SER C 69 -18.21 16.62 25.54
N GLU C 70 -18.03 16.16 26.78
CA GLU C 70 -18.98 16.38 27.85
C GLU C 70 -18.54 17.52 28.74
N ILE C 71 -17.41 18.14 28.44
CA ILE C 71 -16.78 19.11 29.32
C ILE C 71 -17.58 20.39 29.25
N LYS C 72 -18.27 20.69 30.35
CA LYS C 72 -19.07 21.90 30.48
C LYS C 72 -18.59 22.61 31.74
N ASP C 73 -18.18 21.81 32.72
CA ASP C 73 -17.45 22.33 33.86
C ASP C 73 -16.12 22.91 33.39
N ALA C 74 -15.78 24.08 33.94
CA ALA C 74 -14.56 24.76 33.51
C ALA C 74 -14.08 25.67 34.64
N VAL C 75 -13.11 25.17 35.42
CA VAL C 75 -12.52 25.92 36.52
C VAL C 75 -11.01 25.90 36.37
N ILE C 76 -10.40 27.06 36.13
CA ILE C 76 -8.96 27.18 35.95
C ILE C 76 -8.43 28.14 37.02
N PRO C 77 -7.66 27.65 37.99
CA PRO C 77 -6.98 28.54 38.94
C PRO C 77 -5.74 29.17 38.31
N GLU C 78 -4.95 29.87 39.14
CA GLU C 78 -3.75 30.55 38.67
C GLU C 78 -2.54 30.40 39.57
N GLU C 79 -2.63 29.69 40.69
CA GLU C 79 -1.73 30.00 41.79
C GLU C 79 -0.74 28.87 42.11
N SER C 80 -1.19 27.62 42.05
CA SER C 80 -0.37 26.48 42.45
C SER C 80 0.47 25.90 41.32
N HIS C 81 0.78 26.71 40.31
CA HIS C 81 1.61 26.39 39.13
C HIS C 81 1.03 25.28 38.27
N LEU C 82 -0.22 24.86 38.48
CA LEU C 82 -0.88 23.89 37.63
C LEU C 82 -2.35 24.25 37.51
N PRO C 83 -2.86 24.36 36.29
CA PRO C 83 -4.31 24.51 36.08
C PRO C 83 -5.13 23.35 36.61
N PRO C 84 -4.79 22.01 36.33
CA PRO C 84 -5.84 20.99 36.58
C PRO C 84 -6.15 20.71 38.04
N ILE C 85 -7.25 21.30 38.51
CA ILE C 85 -7.85 20.96 39.79
C ILE C 85 -9.36 20.89 39.51
N VAL C 86 -9.86 19.69 39.20
CA VAL C 86 -11.28 19.46 38.94
C VAL C 86 -11.68 18.13 39.57
N HIS C 87 -12.76 18.15 40.36
CA HIS C 87 -13.36 16.92 40.87
C HIS C 87 -14.87 17.10 40.80
N VAL C 88 -15.49 16.63 39.72
CA VAL C 88 -16.94 16.66 39.59
C VAL C 88 -17.50 15.60 40.53
N THR C 89 -18.07 16.04 41.64
CA THR C 89 -18.46 15.13 42.72
C THR C 89 -19.84 14.56 42.46
N PHE C 90 -20.02 13.30 42.86
CA PHE C 90 -21.24 12.48 42.79
C PHE C 90 -21.71 12.21 41.35
N MET C 91 -20.99 12.68 40.34
CA MET C 91 -21.29 12.43 38.94
C MET C 91 -19.98 12.09 38.26
N GLY C 92 -20.06 11.52 37.07
CA GLY C 92 -18.84 11.13 36.41
C GLY C 92 -18.28 9.83 36.94
N LEU C 93 -18.99 8.73 36.69
CA LEU C 93 -18.62 7.43 37.24
C LEU C 93 -18.07 6.62 36.09
N TYR C 94 -17.14 7.24 35.38
CA TYR C 94 -16.56 6.76 34.14
C TYR C 94 -15.75 5.52 34.45
N GLY C 95 -16.39 4.35 34.37
CA GLY C 95 -15.80 3.11 34.79
C GLY C 95 -15.71 2.91 36.29
N VAL C 96 -16.24 3.84 37.08
CA VAL C 96 -16.13 3.78 38.53
C VAL C 96 -17.16 2.78 39.05
N THR C 97 -16.69 1.78 39.80
CA THR C 97 -17.53 0.65 40.18
C THR C 97 -17.72 0.51 41.68
N SER C 98 -16.64 0.40 42.44
CA SER C 98 -16.72 -0.13 43.80
C SER C 98 -16.25 0.89 44.84
N PRO C 99 -16.50 0.65 46.15
CA PRO C 99 -15.88 1.51 47.17
C PRO C 99 -14.36 1.37 47.27
N LEU C 100 -13.77 2.20 48.10
CA LEU C 100 -12.32 2.24 48.25
C LEU C 100 -11.85 1.09 49.14
N PRO C 101 -10.61 0.61 48.94
CA PRO C 101 -10.11 -0.46 49.81
C PRO C 101 -9.71 0.02 51.20
N ALA C 102 -9.31 -0.91 52.05
CA ALA C 102 -9.23 -0.67 53.50
C ALA C 102 -8.08 0.25 53.88
N HIS C 103 -6.88 0.00 53.35
CA HIS C 103 -5.71 0.75 53.82
C HIS C 103 -5.76 2.20 53.35
N TYR C 104 -6.40 2.47 52.22
CA TYR C 104 -6.38 3.83 51.72
C TYR C 104 -7.51 4.65 52.32
N ILE C 105 -8.62 4.00 52.72
CA ILE C 105 -9.59 4.69 53.55
C ILE C 105 -8.96 5.11 54.86
N SER C 106 -8.18 4.22 55.48
CA SER C 106 -7.40 4.56 56.67
C SER C 106 -6.35 5.61 56.39
N ASP C 107 -5.85 5.69 55.16
CA ASP C 107 -5.02 6.80 54.74
C ASP C 107 -5.80 8.10 54.60
N ILE C 108 -7.12 8.04 54.37
CA ILE C 108 -7.88 9.26 54.17
C ILE C 108 -8.80 9.56 55.36
N ALA C 109 -9.28 8.52 56.06
CA ALA C 109 -9.88 8.62 57.38
C ALA C 109 -11.13 9.52 57.45
N GLN C 110 -12.28 9.04 56.98
CA GLN C 110 -12.62 7.64 56.71
C GLN C 110 -13.48 7.44 55.46
N GLN C 111 -13.04 7.92 54.29
CA GLN C 111 -13.89 8.39 53.17
C GLN C 111 -14.71 9.59 53.62
N ARG C 112 -13.96 10.66 53.86
CA ARG C 112 -14.45 11.87 54.49
C ARG C 112 -14.08 13.00 53.54
N GLU C 113 -14.16 14.24 53.99
CA GLU C 113 -13.83 15.40 53.18
C GLU C 113 -12.35 15.49 52.80
N GLY C 114 -11.49 14.65 53.38
CA GLY C 114 -10.11 14.51 52.92
C GLY C 114 -9.96 13.81 51.59
N HIS C 115 -11.01 13.13 51.12
CA HIS C 115 -11.04 12.60 49.75
C HIS C 115 -11.00 13.72 48.71
N GLU C 116 -11.46 14.91 49.07
CA GLU C 116 -11.38 16.06 48.19
C GLU C 116 -9.95 16.51 47.95
N ALA C 117 -9.02 16.15 48.83
CA ALA C 117 -7.59 16.35 48.60
C ALA C 117 -6.88 15.06 48.23
N ALA C 118 -7.63 13.99 48.00
CA ALA C 118 -7.08 12.70 47.63
C ALA C 118 -7.41 12.28 46.20
N ALA C 119 -8.51 12.78 45.66
CA ALA C 119 -8.89 12.52 44.28
C ALA C 119 -7.88 13.07 43.29
N ASP C 120 -7.11 14.09 43.69
CA ASP C 120 -6.01 14.59 42.86
C ASP C 120 -4.98 13.50 42.61
N PHE C 121 -4.56 12.80 43.66
CA PHE C 121 -3.73 11.62 43.47
C PHE C 121 -4.49 10.54 42.72
N LEU C 122 -5.75 10.33 43.09
CA LEU C 122 -6.47 9.15 42.62
C LEU C 122 -6.74 9.22 41.13
N ASP C 123 -6.81 10.44 40.58
CA ASP C 123 -7.07 10.66 39.16
C ASP C 123 -5.80 10.78 38.34
N ILE C 124 -4.66 10.30 38.88
CA ILE C 124 -3.39 10.35 38.15
C ILE C 124 -3.45 9.53 36.87
N PHE C 125 -4.24 8.47 36.84
CA PHE C 125 -4.27 7.64 35.67
C PHE C 125 -5.16 8.26 34.62
N SER C 126 -6.38 8.63 35.03
CA SER C 126 -7.34 9.28 34.15
C SER C 126 -6.85 10.63 33.65
N HIS C 127 -5.83 11.21 34.27
CA HIS C 127 -5.12 12.31 33.61
C HIS C 127 -4.48 11.81 32.32
N ARG C 128 -3.56 10.85 32.42
CA ARG C 128 -2.74 10.48 31.29
C ARG C 128 -3.48 9.62 30.26
N LEU C 129 -4.63 9.06 30.61
CA LEU C 129 -5.30 8.21 29.65
C LEU C 129 -6.04 9.00 28.58
N ILE C 130 -6.82 9.99 29.00
CA ILE C 130 -7.62 10.77 28.07
C ILE C 130 -6.76 11.66 27.18
N THR C 131 -5.49 11.86 27.55
CA THR C 131 -4.51 12.39 26.62
C THR C 131 -4.45 11.54 25.37
N GLN C 132 -4.03 10.29 25.52
CA GLN C 132 -3.79 9.48 24.36
C GLN C 132 -5.07 9.02 23.70
N TYR C 133 -6.17 9.00 24.46
CA TYR C 133 -7.47 8.77 23.84
C TYR C 133 -7.80 9.87 22.84
N TYR C 134 -7.51 11.11 23.21
CA TYR C 134 -7.65 12.18 22.25
C TYR C 134 -6.66 12.04 21.12
N ARG C 135 -5.44 11.66 21.46
CA ARG C 135 -4.36 11.59 20.49
C ARG C 135 -4.64 10.58 19.39
N ILE C 136 -5.29 9.47 19.73
CA ILE C 136 -5.81 8.55 18.72
C ILE C 136 -6.80 9.26 17.82
N TRP C 137 -7.79 9.91 18.42
CA TRP C 137 -8.92 10.45 17.67
C TRP C 137 -8.53 11.60 16.76
N ARG C 138 -7.46 12.30 17.07
CA ARG C 138 -7.26 13.49 16.27
C ARG C 138 -5.97 13.39 15.50
N LYS C 139 -4.92 12.85 16.09
CA LYS C 139 -3.66 12.88 15.36
C LYS C 139 -3.12 11.52 15.01
N TYR C 140 -3.42 10.48 15.78
CA TYR C 140 -2.64 9.27 15.59
C TYR C 140 -3.08 8.41 14.41
N SER C 141 -4.35 8.03 14.34
CA SER C 141 -4.79 7.17 13.25
C SER C 141 -6.08 7.60 12.60
N TYR C 142 -6.75 8.62 13.08
CA TYR C 142 -7.89 9.16 12.35
C TYR C 142 -7.62 10.13 11.21
N PRO C 143 -6.65 11.05 11.31
CA PRO C 143 -6.89 12.45 10.93
C PRO C 143 -7.31 12.80 9.52
N ALA C 144 -7.56 11.80 8.67
CA ALA C 144 -8.05 11.93 7.31
C ALA C 144 -7.08 12.66 6.40
N THR C 145 -5.82 12.80 6.84
CA THR C 145 -4.82 13.72 6.29
C THR C 145 -5.35 15.15 6.15
N PHE C 146 -6.33 15.48 6.98
CA PHE C 146 -7.11 16.70 6.94
C PHE C 146 -7.16 17.33 8.31
N GLU C 147 -7.10 16.51 9.35
CA GLU C 147 -6.83 17.06 10.66
C GLU C 147 -5.34 17.18 10.89
N ALA C 148 -4.59 16.15 10.48
CA ALA C 148 -3.13 16.18 10.60
C ALA C 148 -2.56 17.31 9.79
N GLY C 149 -3.08 17.48 8.57
CA GLY C 149 -3.10 18.73 7.83
C GLY C 149 -1.83 19.54 7.74
N GLY C 150 -0.70 18.86 7.82
CA GLY C 150 0.57 19.55 8.02
C GLY C 150 1.09 20.22 6.78
N GLN C 151 2.39 20.43 6.78
CA GLN C 151 3.05 21.15 5.71
C GLN C 151 4.12 20.26 5.12
N ASP C 152 3.71 19.03 4.78
CA ASP C 152 4.58 17.89 4.54
C ASP C 152 5.50 17.66 5.74
N LYS C 153 4.90 17.38 6.87
CA LYS C 153 5.65 16.84 7.99
C LYS C 153 4.98 15.62 8.58
N THR C 154 3.65 15.54 8.46
CA THR C 154 2.91 14.51 9.18
C THR C 154 3.23 13.13 8.66
N SER C 155 3.27 12.19 9.61
CA SER C 155 3.50 10.80 9.26
C SER C 155 2.42 10.28 8.34
N GLN C 156 1.18 10.79 8.44
CA GLN C 156 0.15 10.54 7.43
C GLN C 156 0.59 10.87 6.02
N TYR C 157 1.16 12.05 5.83
CA TYR C 157 1.62 12.44 4.52
C TYR C 157 2.76 11.56 4.07
N LEU C 158 3.70 11.26 4.96
CA LEU C 158 4.83 10.44 4.56
C LEU C 158 4.42 9.01 4.27
N LEU C 159 3.40 8.49 4.94
CA LEU C 159 2.93 7.17 4.60
C LEU C 159 2.15 7.19 3.29
N GLY C 160 1.14 8.05 3.18
CA GLY C 160 0.25 8.04 2.05
C GLY C 160 0.76 8.81 0.86
N LEU C 161 2.03 9.19 0.92
CA LEU C 161 2.70 9.76 -0.22
C LEU C 161 3.80 8.89 -0.76
N ALA C 162 4.41 8.07 0.06
CA ALA C 162 5.58 7.32 -0.40
C ALA C 162 5.24 6.20 -1.37
N ARG C 163 3.97 5.90 -1.58
CA ARG C 163 3.59 4.87 -2.53
C ARG C 163 3.75 5.33 -3.95
N LEU C 164 3.77 6.63 -4.18
CA LEU C 164 4.24 7.15 -5.45
C LEU C 164 5.72 6.89 -5.61
N GLY C 165 6.45 6.82 -4.52
CA GLY C 165 7.83 6.46 -4.57
C GLY C 165 8.78 7.62 -4.41
N ILE C 166 8.54 8.49 -3.43
CA ILE C 166 9.54 9.47 -3.03
C ILE C 166 9.80 9.43 -1.51
N PRO C 167 10.50 8.40 -0.96
CA PRO C 167 11.20 8.61 0.32
C PRO C 167 12.70 8.82 0.17
N GLY C 168 13.29 9.65 1.03
CA GLY C 168 14.73 9.85 1.01
C GLY C 168 15.25 10.78 -0.07
N CYS C 169 14.42 11.02 -1.08
CA CYS C 169 14.81 11.74 -2.29
C CYS C 169 14.65 13.24 -2.17
N ALA C 170 14.78 13.79 -0.96
CA ALA C 170 14.68 15.23 -0.75
C ALA C 170 15.83 16.02 -1.39
N GLN C 171 16.83 15.34 -1.94
CA GLN C 171 17.87 15.98 -2.71
C GLN C 171 17.30 16.59 -3.99
N ASN C 172 17.74 17.81 -4.29
CA ASN C 172 17.56 18.53 -5.54
C ASN C 172 16.10 18.84 -5.84
N ILE C 173 15.27 19.03 -4.83
CA ILE C 173 13.89 19.45 -5.02
C ILE C 173 13.76 20.83 -4.42
N ALA C 174 13.81 21.85 -5.29
CA ALA C 174 13.77 23.23 -4.83
C ALA C 174 12.40 23.61 -4.28
N THR C 175 11.35 23.55 -5.10
CA THR C 175 10.03 23.70 -4.54
C THR C 175 9.62 22.38 -3.94
N PRO C 176 9.51 22.31 -2.65
CA PRO C 176 9.57 21.01 -1.98
C PRO C 176 8.26 20.27 -2.12
N VAL C 177 8.29 18.98 -1.81
CA VAL C 177 7.31 18.02 -2.34
C VAL C 177 5.99 18.27 -1.61
N SER C 178 5.11 19.00 -2.26
CA SER C 178 3.79 19.24 -1.73
C SER C 178 2.73 19.19 -2.80
N ARG C 179 3.13 19.23 -4.07
CA ARG C 179 2.16 19.29 -5.16
C ARG C 179 1.79 17.92 -5.65
N PHE C 180 1.78 16.94 -4.76
CA PHE C 180 1.17 15.65 -5.06
C PHE C 180 -0.32 15.80 -5.35
N LEU C 181 -0.98 16.79 -4.72
CA LEU C 181 -2.42 16.79 -4.50
C LEU C 181 -3.26 16.63 -5.75
N ALA C 182 -2.73 16.96 -6.90
CA ALA C 182 -3.44 16.59 -8.13
C ALA C 182 -2.77 15.38 -8.73
N LEU C 183 -1.46 15.35 -8.62
CA LEU C 183 -0.67 14.41 -9.41
C LEU C 183 -0.67 13.01 -8.81
N LEU C 184 -1.39 12.77 -7.72
CA LEU C 184 -1.25 11.49 -7.04
C LEU C 184 -1.83 10.31 -7.81
N PRO C 185 -3.05 10.33 -8.38
CA PRO C 185 -3.43 9.18 -9.19
C PRO C 185 -2.70 9.15 -10.52
N LEU C 186 -2.35 10.31 -11.05
CA LEU C 186 -1.80 10.36 -12.40
C LEU C 186 -0.34 9.96 -12.43
N MET C 187 0.38 10.13 -11.34
CA MET C 187 1.76 9.66 -11.27
C MET C 187 1.85 8.19 -10.96
N LEU C 188 0.72 7.50 -10.87
CA LEU C 188 0.72 6.13 -10.43
C LEU C 188 0.59 5.13 -11.56
N LEU C 189 -0.10 5.46 -12.63
CA LEU C 189 -0.17 4.51 -13.73
C LEU C 189 1.13 4.49 -14.52
N PRO C 190 1.78 3.33 -14.61
CA PRO C 190 3.18 3.28 -15.03
C PRO C 190 3.38 3.47 -16.53
N GLY C 191 4.48 4.14 -16.87
CA GLY C 191 4.84 4.32 -18.26
C GLY C 191 4.00 5.35 -18.97
N ARG C 192 3.33 6.22 -18.22
CA ARG C 192 2.23 7.02 -18.71
C ARG C 192 2.49 8.44 -18.22
N THR C 193 1.88 9.47 -18.84
CA THR C 193 0.96 9.50 -19.96
C THR C 193 1.11 10.79 -20.75
N ALA C 194 0.14 11.08 -21.61
CA ALA C 194 0.03 12.36 -22.28
C ALA C 194 -0.91 13.33 -21.60
N GLU C 195 -2.02 12.86 -21.02
CA GLU C 195 -3.04 13.75 -20.47
C GLU C 195 -2.57 14.54 -19.28
N GLY C 196 -1.70 13.95 -18.45
CA GLY C 196 -1.34 14.54 -17.17
C GLY C 196 -0.61 15.84 -17.29
N LEU C 197 0.06 16.08 -18.42
CA LEU C 197 0.73 17.34 -18.61
C LEU C 197 -0.22 18.50 -18.75
N THR C 198 -1.43 18.24 -19.26
CA THR C 198 -2.41 19.30 -19.30
C THR C 198 -2.91 19.64 -17.90
N SER C 199 -3.07 18.62 -17.06
CA SER C 199 -3.40 18.85 -15.66
C SER C 199 -2.29 19.58 -14.94
N LEU C 200 -1.04 19.29 -15.32
CA LEU C 200 0.12 19.97 -14.78
C LEU C 200 0.08 21.46 -15.06
N VAL C 201 -0.50 21.86 -16.16
CA VAL C 201 -0.72 23.26 -16.45
C VAL C 201 -1.90 23.81 -15.68
N THR C 202 -2.99 23.04 -15.66
CA THR C 202 -4.26 23.53 -15.16
C THR C 202 -4.23 23.76 -13.65
N LEU C 203 -3.50 22.92 -12.93
CA LEU C 203 -3.20 23.21 -11.53
C LEU C 203 -2.46 24.52 -11.40
N LEU C 204 -1.35 24.64 -12.08
CA LEU C 204 -0.36 25.63 -11.72
C LEU C 204 -0.77 27.02 -12.18
N ALA C 205 -1.62 27.11 -13.18
CA ALA C 205 -2.15 28.41 -13.58
C ALA C 205 -3.52 28.24 -14.23
N PRO C 206 -4.56 28.89 -13.72
CA PRO C 206 -5.87 28.79 -14.35
C PRO C 206 -5.91 29.56 -15.65
N GLY C 207 -7.02 29.37 -16.38
CA GLY C 207 -7.28 30.09 -17.60
C GLY C 207 -6.34 29.81 -18.76
N THR C 208 -5.42 28.88 -18.60
CA THR C 208 -4.37 28.63 -19.56
C THR C 208 -4.66 27.31 -20.26
N GLN C 209 -4.74 27.35 -21.58
CA GLN C 209 -5.15 26.19 -22.34
C GLN C 209 -4.01 25.73 -23.25
N ALA C 210 -4.00 24.44 -23.55
CA ALA C 210 -2.84 23.82 -24.16
C ALA C 210 -3.23 22.59 -24.97
N ARG C 211 -2.38 22.25 -25.94
CA ARG C 211 -2.55 21.06 -26.77
C ARG C 211 -1.17 20.45 -26.99
N VAL C 212 -1.12 19.13 -27.14
CA VAL C 212 0.14 18.42 -27.27
C VAL C 212 0.17 17.69 -28.61
N TRP C 213 1.23 17.90 -29.37
CA TRP C 213 1.47 17.21 -30.63
C TRP C 213 2.44 16.06 -30.39
N HIS C 214 2.15 14.89 -30.99
CA HIS C 214 2.84 13.67 -30.59
C HIS C 214 4.26 13.54 -31.09
N HIS C 215 4.60 14.17 -32.21
CA HIS C 215 5.95 14.05 -32.72
C HIS C 215 6.42 15.32 -33.40
N ASP C 216 7.74 15.49 -33.45
CA ASP C 216 8.33 16.65 -34.10
C ASP C 216 9.47 16.23 -35.00
N ARG C 217 9.83 17.14 -35.91
CA ARG C 217 11.00 17.00 -36.75
C ARG C 217 12.22 17.41 -35.93
N ARG C 218 12.62 16.56 -34.99
CA ARG C 218 13.89 16.89 -34.37
C ARG C 218 15.01 16.50 -35.33
N ARG C 219 16.13 17.19 -35.19
CA ARG C 219 17.24 17.20 -36.13
C ARG C 219 18.46 17.08 -35.23
N ILE C 220 19.56 17.74 -35.56
CA ILE C 220 20.89 17.33 -36.01
C ILE C 220 21.40 15.90 -35.85
N PRO C 221 21.25 15.21 -34.73
CA PRO C 221 22.43 14.78 -33.96
C PRO C 221 23.60 14.37 -34.83
N LEU C 222 24.70 15.09 -34.69
CA LEU C 222 25.80 14.96 -35.63
C LEU C 222 26.65 13.75 -35.27
N LYS C 223 26.91 12.92 -36.27
CA LYS C 223 27.56 11.64 -36.06
C LYS C 223 29.00 11.68 -36.53
N THR C 224 29.88 11.05 -35.76
CA THR C 224 31.31 11.12 -36.03
C THR C 224 31.81 10.29 -37.21
N PRO C 225 31.24 9.15 -37.59
CA PRO C 225 31.58 8.63 -38.91
C PRO C 225 30.65 9.21 -39.97
N LEU C 226 31.23 9.66 -41.06
CA LEU C 226 30.43 10.33 -42.07
C LEU C 226 29.95 9.35 -43.14
N THR C 227 30.82 8.43 -43.54
CA THR C 227 30.53 7.21 -44.30
C THR C 227 29.82 7.43 -45.63
N MET C 228 30.01 8.58 -46.27
CA MET C 228 29.43 8.81 -47.58
C MET C 228 30.44 8.46 -48.68
N ARG C 229 31.62 8.04 -48.27
CA ARG C 229 32.51 7.29 -49.13
C ARG C 229 32.37 5.81 -48.84
N VAL C 230 32.40 4.99 -49.89
CA VAL C 230 32.15 3.57 -49.76
C VAL C 230 33.39 2.92 -49.16
N HIS C 231 33.22 1.76 -48.56
CA HIS C 231 34.33 0.88 -48.24
C HIS C 231 34.57 -0.10 -49.36
N HIS C 232 35.81 -0.46 -49.54
CA HIS C 232 36.05 -1.79 -50.08
C HIS C 232 35.95 -2.89 -49.01
N PRO C 233 36.75 -2.89 -47.88
CA PRO C 233 36.83 -4.14 -47.10
C PRO C 233 35.58 -4.45 -46.29
N VAL C 234 34.96 -3.43 -45.71
CA VAL C 234 33.79 -3.63 -44.86
C VAL C 234 32.72 -2.65 -45.28
N SER C 235 31.95 -3.04 -46.28
CA SER C 235 30.92 -2.18 -46.83
C SER C 235 29.59 -2.89 -46.68
N LEU C 236 28.71 -2.30 -45.87
CA LEU C 236 27.45 -2.92 -45.53
C LEU C 236 26.34 -1.91 -45.74
N LYS C 237 25.11 -2.41 -45.86
CA LYS C 237 24.07 -1.57 -46.40
C LYS C 237 22.91 -1.31 -45.45
N SER C 238 22.41 -2.34 -44.78
CA SER C 238 20.98 -2.59 -44.59
C SER C 238 20.07 -1.39 -44.30
N ARG C 239 20.23 -0.75 -43.15
CA ARG C 239 19.41 0.42 -42.84
C ARG C 239 19.86 1.81 -43.32
N PRO C 240 21.12 2.27 -43.08
CA PRO C 240 21.35 3.72 -43.08
C PRO C 240 21.32 4.46 -44.40
N VAL C 241 20.16 4.98 -44.77
CA VAL C 241 20.03 5.84 -45.94
C VAL C 241 19.95 7.31 -45.49
N MET C 242 21.03 8.07 -45.74
CA MET C 242 21.14 9.44 -45.24
C MET C 242 22.32 10.12 -45.94
N GLY C 243 22.52 11.40 -45.61
CA GLY C 243 23.70 12.15 -45.99
C GLY C 243 24.66 12.43 -44.85
N ASP C 244 24.56 13.61 -44.22
CA ASP C 244 25.44 14.00 -43.11
C ASP C 244 24.71 14.43 -41.82
N HIS C 245 23.46 14.85 -41.93
CA HIS C 245 22.64 15.15 -40.76
C HIS C 245 21.45 14.21 -40.71
N ALA C 246 21.06 13.84 -39.51
CA ALA C 246 19.96 12.91 -39.34
C ALA C 246 18.84 13.56 -38.53
N THR C 247 17.64 13.05 -38.76
CA THR C 247 16.45 13.49 -38.05
C THR C 247 15.95 12.36 -37.18
N ASP C 248 15.68 12.66 -35.92
CA ASP C 248 15.26 11.65 -34.96
C ASP C 248 13.90 12.08 -34.42
N VAL C 249 12.85 11.33 -34.73
CA VAL C 249 11.53 11.86 -34.45
C VAL C 249 11.13 11.52 -33.02
N ASN C 250 10.81 10.25 -32.77
CA ASN C 250 11.12 9.49 -31.57
C ASN C 250 11.25 10.21 -30.23
N GLY C 251 10.28 11.02 -29.85
CA GLY C 251 10.30 11.42 -28.46
C GLY C 251 10.91 12.77 -28.12
N GLN C 252 10.47 13.83 -28.79
CA GLN C 252 10.77 15.17 -28.34
C GLN C 252 9.50 15.99 -28.43
N VAL C 253 8.45 15.53 -27.74
CA VAL C 253 7.10 16.04 -27.96
C VAL C 253 6.96 17.53 -27.64
N LEU C 254 5.90 18.13 -28.17
CA LEU C 254 5.81 19.57 -28.36
C LEU C 254 4.50 20.13 -27.81
N LEU C 255 4.60 21.28 -27.15
CA LEU C 255 3.49 21.87 -26.42
C LEU C 255 3.31 23.32 -26.83
N GLN C 256 2.07 23.75 -27.02
CA GLN C 256 1.75 25.17 -27.11
C GLN C 256 0.72 25.54 -26.06
N LEU C 257 0.63 26.84 -25.78
CA LEU C 257 -0.14 27.36 -24.67
C LEU C 257 -1.08 28.46 -25.13
N SER C 258 -2.12 28.71 -24.34
CA SER C 258 -3.13 29.72 -24.70
C SER C 258 -3.53 30.48 -23.45
N THR C 259 -3.08 31.73 -23.34
CA THR C 259 -3.54 32.66 -22.31
C THR C 259 -4.10 33.91 -22.94
N GLN C 260 -4.67 34.76 -22.09
CA GLN C 260 -5.17 36.05 -22.54
C GLN C 260 -4.83 37.21 -21.61
N THR C 261 -4.38 36.95 -20.38
CA THR C 261 -4.17 38.00 -19.39
C THR C 261 -2.68 38.25 -19.22
N GLY C 262 -2.29 39.52 -19.32
CA GLY C 262 -0.88 39.91 -19.30
C GLY C 262 -0.18 39.64 -18.00
N SER C 263 -0.93 39.51 -16.90
CA SER C 263 -0.37 39.00 -15.67
C SER C 263 0.17 37.59 -15.84
N GLU C 264 -0.63 36.69 -16.38
CA GLU C 264 -0.17 35.36 -16.70
C GLU C 264 0.89 35.36 -17.79
N VAL C 265 0.80 36.28 -18.75
CA VAL C 265 1.82 36.38 -19.79
C VAL C 265 3.15 36.76 -19.18
N GLN C 266 3.15 37.76 -18.33
CA GLN C 266 4.35 38.04 -17.57
C GLN C 266 4.48 37.14 -16.36
N GLY C 267 3.52 36.26 -16.12
CA GLY C 267 3.73 35.14 -15.24
C GLY C 267 4.44 34.01 -15.96
N TRP C 268 4.36 34.01 -17.30
CA TRP C 268 5.14 33.05 -18.06
C TRP C 268 6.36 33.65 -18.71
N LEU C 269 6.85 34.78 -18.22
CA LEU C 269 8.18 35.19 -18.59
C LEU C 269 9.20 34.24 -17.98
N PRO C 270 10.42 34.23 -18.50
CA PRO C 270 11.51 33.65 -17.72
C PRO C 270 11.73 34.52 -16.49
N GLY C 271 11.34 33.98 -15.34
CA GLY C 271 11.35 34.72 -14.09
C GLY C 271 10.12 34.43 -13.28
N GLY C 272 9.01 34.13 -13.95
CA GLY C 272 7.75 34.01 -13.25
C GLY C 272 7.48 32.58 -12.86
N HIS C 273 6.52 31.97 -13.53
CA HIS C 273 6.14 30.61 -13.22
C HIS C 273 6.73 29.61 -14.18
N LEU C 274 7.58 30.08 -15.09
CA LEU C 274 8.30 29.19 -16.00
C LEU C 274 9.19 28.21 -15.26
N TYR C 275 9.79 28.61 -14.15
CA TYR C 275 10.64 27.70 -13.42
C TYR C 275 9.86 26.66 -12.64
N SER C 276 8.57 26.88 -12.46
CA SER C 276 7.76 25.92 -11.74
C SER C 276 7.56 24.66 -12.54
N ASP C 277 7.19 24.79 -13.81
CA ASP C 277 7.03 23.64 -14.67
C ASP C 277 8.36 22.95 -14.91
N LEU C 278 9.43 23.72 -14.96
CA LEU C 278 10.75 23.16 -15.14
C LEU C 278 11.17 22.29 -13.98
N LEU C 279 10.77 22.64 -12.77
CA LEU C 279 10.98 21.72 -11.67
C LEU C 279 10.03 20.55 -11.72
N ALA C 280 8.74 20.79 -11.97
CA ALA C 280 7.76 19.73 -11.88
C ALA C 280 7.89 18.69 -12.99
N LEU C 281 8.67 18.97 -14.03
CA LEU C 281 9.02 17.89 -14.93
C LEU C 281 10.19 17.08 -14.41
N LEU C 282 11.36 17.72 -14.34
CA LEU C 282 12.64 17.01 -14.49
C LEU C 282 13.04 16.21 -13.28
N HIS C 283 12.25 16.19 -12.25
CA HIS C 283 12.55 15.30 -11.15
C HIS C 283 11.30 14.60 -10.69
N VAL C 284 10.14 15.00 -11.19
CA VAL C 284 8.87 14.51 -10.69
C VAL C 284 8.27 13.52 -11.65
N TYR C 285 8.00 13.95 -12.87
CA TYR C 285 7.09 13.17 -13.68
C TYR C 285 7.76 12.52 -14.87
N LEU C 286 8.85 13.08 -15.36
CA LEU C 286 9.46 12.57 -16.57
C LEU C 286 10.85 12.00 -16.36
N GLY C 287 11.75 12.77 -15.77
CA GLY C 287 13.10 12.29 -15.59
C GLY C 287 13.84 12.23 -16.90
N SER C 288 14.05 11.01 -17.39
CA SER C 288 14.90 10.77 -18.54
C SER C 288 14.15 10.10 -19.67
N ARG C 289 12.82 10.14 -19.64
CA ARG C 289 12.06 9.56 -20.73
C ARG C 289 12.24 10.37 -22.00
N LEU C 290 11.93 11.67 -21.94
CA LEU C 290 11.71 12.48 -23.12
C LEU C 290 12.40 13.83 -22.96
N ASP C 291 12.05 14.74 -23.85
CA ASP C 291 12.44 16.13 -23.83
C ASP C 291 11.25 16.96 -24.32
N VAL C 292 10.98 18.05 -23.62
CA VAL C 292 9.73 18.77 -23.81
C VAL C 292 10.02 20.16 -24.36
N ARG C 293 9.49 20.42 -25.55
CA ARG C 293 9.69 21.67 -26.25
C ARG C 293 8.47 22.57 -26.07
N LEU C 294 8.71 23.84 -25.81
CA LEU C 294 7.68 24.75 -25.34
C LEU C 294 7.52 25.94 -26.26
N GLN C 295 6.33 26.53 -26.23
CA GLN C 295 5.98 27.59 -27.15
C GLN C 295 4.70 28.25 -26.64
N LEU C 296 4.54 29.52 -26.99
CA LEU C 296 3.31 30.24 -26.71
C LEU C 296 2.88 30.96 -27.97
N CYS C 297 1.57 31.17 -28.12
CA CYS C 297 1.05 31.97 -29.21
C CYS C 297 0.04 32.99 -28.68
N VAL C 298 0.41 34.27 -28.75
CA VAL C 298 -0.35 35.38 -28.19
C VAL C 298 -0.36 36.53 -29.20
N GLU C 299 -0.81 37.69 -28.73
CA GLU C 299 -1.06 38.85 -29.57
C GLU C 299 0.21 39.56 -30.00
N ARG C 300 0.00 40.81 -30.44
CA ARG C 300 0.92 41.62 -31.22
C ARG C 300 2.30 41.83 -30.57
N SER C 301 2.35 42.25 -29.29
CA SER C 301 3.56 42.66 -28.60
C SER C 301 3.26 43.00 -27.15
N LEU C 302 4.14 42.57 -26.23
CA LEU C 302 4.25 43.10 -24.87
C LEU C 302 5.77 43.14 -24.60
N LEU C 303 6.43 44.23 -25.01
CA LEU C 303 7.88 44.21 -25.25
C LEU C 303 8.65 45.40 -24.70
N PRO C 304 9.80 45.17 -24.03
CA PRO C 304 10.71 46.27 -23.65
C PRO C 304 11.74 46.65 -24.71
N ASP C 305 12.73 47.46 -24.31
CA ASP C 305 13.77 47.96 -25.21
C ASP C 305 15.08 47.21 -25.00
N ALA C 306 16.13 47.63 -25.73
CA ALA C 306 17.38 46.89 -25.82
C ALA C 306 18.41 47.27 -24.76
N ARG C 307 17.95 47.77 -23.62
CA ARG C 307 18.88 48.35 -22.67
C ARG C 307 19.56 47.31 -21.78
N LEU C 308 20.12 47.75 -20.66
CA LEU C 308 21.28 47.11 -20.04
C LEU C 308 21.01 45.83 -19.26
N SER C 309 21.95 45.52 -18.35
CA SER C 309 22.59 44.22 -18.17
C SER C 309 21.72 42.96 -18.37
N CYS C 310 20.70 42.74 -17.55
CA CYS C 310 20.15 41.38 -17.57
C CYS C 310 18.62 41.38 -17.53
N ARG C 311 18.02 41.49 -18.72
CA ARG C 311 16.83 40.80 -19.23
C ARG C 311 16.87 40.72 -20.77
N PRO C 312 17.93 40.16 -21.41
CA PRO C 312 18.01 40.30 -22.88
C PRO C 312 17.03 39.40 -23.61
N ALA C 313 16.94 38.18 -23.11
CA ALA C 313 16.53 37.06 -23.92
C ALA C 313 15.14 36.57 -23.52
N ALA C 314 14.22 36.65 -24.46
CA ALA C 314 12.96 35.91 -24.40
C ALA C 314 13.13 34.59 -25.14
N GLY C 315 14.13 33.85 -24.71
CA GLY C 315 14.80 32.93 -25.59
C GLY C 315 15.49 33.78 -26.65
N SER C 316 15.49 33.32 -27.87
CA SER C 316 15.99 34.16 -28.95
C SER C 316 15.14 35.41 -29.21
N PRO C 317 13.86 35.31 -29.64
CA PRO C 317 13.28 36.36 -30.46
C PRO C 317 13.01 37.68 -29.74
N GLN C 318 13.32 38.76 -30.46
CA GLN C 318 13.13 40.12 -29.98
C GLN C 318 12.53 40.95 -31.10
N LEU C 319 11.39 41.55 -30.83
CA LEU C 319 10.70 42.46 -31.73
C LEU C 319 10.05 43.50 -30.84
N GLY C 320 9.02 44.17 -31.35
CA GLY C 320 8.12 44.88 -30.46
C GLY C 320 8.35 46.37 -30.31
N ARG C 321 8.78 47.04 -31.37
CA ARG C 321 8.68 48.48 -31.46
C ARG C 321 8.34 48.92 -32.87
N THR C 322 8.24 47.98 -33.82
CA THR C 322 7.83 48.26 -35.18
C THR C 322 6.39 48.77 -35.25
N ALA C 323 5.52 48.28 -34.40
CA ALA C 323 4.16 48.81 -34.29
C ALA C 323 4.23 50.19 -33.66
N VAL C 324 4.16 51.23 -34.50
CA VAL C 324 4.16 52.60 -34.02
C VAL C 324 2.84 53.23 -34.47
N MET C 325 2.09 52.53 -35.32
CA MET C 325 1.09 53.19 -36.16
C MET C 325 -0.32 52.67 -35.94
N ARG C 326 -0.52 51.36 -35.82
CA ARG C 326 -1.83 50.76 -36.02
C ARG C 326 -2.65 50.81 -34.73
N THR C 327 -3.96 51.02 -34.90
CA THR C 327 -4.86 51.17 -33.76
C THR C 327 -5.35 49.82 -33.24
N GLN C 328 -5.20 48.76 -34.02
CA GLN C 328 -5.63 47.45 -33.55
C GLN C 328 -4.54 46.40 -33.81
N ALA C 329 -4.84 45.14 -33.49
CA ALA C 329 -3.76 44.16 -33.41
C ALA C 329 -4.09 42.86 -34.14
N LYS C 330 -3.19 41.89 -33.94
CA LYS C 330 -3.28 40.54 -34.47
C LYS C 330 -2.57 39.62 -33.50
N ILE C 331 -2.82 38.33 -33.60
CA ILE C 331 -2.11 37.36 -32.76
C ILE C 331 -0.89 36.86 -33.51
N ALA C 332 0.05 36.28 -32.76
CA ALA C 332 1.26 35.71 -33.33
C ALA C 332 1.63 34.48 -32.52
N THR C 333 2.80 33.92 -32.78
CA THR C 333 3.38 32.98 -31.84
C THR C 333 4.52 33.64 -31.07
N SER C 334 4.76 33.18 -29.85
CA SER C 334 5.60 33.99 -28.99
C SER C 334 7.08 33.68 -29.16
N ALA C 335 7.49 32.48 -28.77
CA ALA C 335 8.90 32.19 -28.62
C ALA C 335 9.03 30.70 -28.38
N ALA C 336 10.25 30.28 -28.13
CA ALA C 336 10.52 28.93 -27.71
C ALA C 336 10.94 28.93 -26.26
N ARG C 337 10.87 27.74 -25.68
CA ARG C 337 11.63 27.43 -24.49
C ARG C 337 12.20 26.04 -24.70
N VAL C 338 13.33 25.79 -24.07
CA VAL C 338 14.17 24.67 -24.44
C VAL C 338 13.60 23.35 -23.97
N MET C 339 14.21 22.27 -24.41
CA MET C 339 13.87 20.96 -23.92
C MET C 339 14.30 20.80 -22.46
N THR C 340 13.52 20.04 -21.72
CA THR C 340 13.84 19.71 -20.35
C THR C 340 14.78 18.52 -20.35
N ILE C 341 16.08 18.79 -20.44
CA ILE C 341 17.04 17.76 -20.80
C ILE C 341 17.99 17.45 -19.64
N SER C 342 18.67 16.30 -19.75
CA SER C 342 19.70 15.90 -18.80
C SER C 342 20.60 14.88 -19.50
N LEU C 343 21.79 15.30 -19.95
CA LEU C 343 22.60 14.48 -20.83
C LEU C 343 24.06 14.90 -20.75
N GLY C 344 24.91 14.21 -21.52
CA GLY C 344 26.34 14.46 -21.57
C GLY C 344 27.10 13.20 -21.97
N ARG C 345 28.41 13.20 -21.72
CA ARG C 345 29.27 12.08 -22.11
C ARG C 345 30.32 11.68 -21.08
N TYR C 346 30.54 12.50 -20.06
CA TYR C 346 31.41 12.46 -18.87
C TYR C 346 32.90 12.64 -19.05
N GLN C 347 33.58 11.89 -19.95
CA GLN C 347 34.64 12.35 -20.84
C GLN C 347 35.01 11.38 -21.95
N ARG C 348 34.99 10.07 -21.65
CA ARG C 348 36.20 9.28 -21.86
C ARG C 348 35.98 7.85 -22.30
N VAL C 349 37.11 7.15 -22.36
CA VAL C 349 37.21 5.73 -22.68
C VAL C 349 37.87 5.02 -21.49
N GLN C 350 37.84 3.69 -21.51
CA GLN C 350 38.00 2.88 -20.32
C GLN C 350 39.24 1.99 -20.41
N GLU C 351 39.41 1.09 -19.43
CA GLU C 351 40.60 0.24 -19.40
C GLU C 351 40.36 -1.23 -19.09
N HIS C 352 39.28 -1.65 -18.45
CA HIS C 352 39.22 -3.00 -17.90
C HIS C 352 37.86 -3.61 -18.17
N TYR C 353 37.68 -4.85 -17.72
CA TYR C 353 36.62 -5.68 -18.26
C TYR C 353 35.90 -6.46 -17.18
N GLN C 354 34.82 -7.11 -17.62
CA GLN C 354 33.76 -7.63 -16.75
C GLN C 354 34.02 -9.01 -16.19
N ARG C 355 33.89 -10.06 -17.01
CA ARG C 355 33.94 -11.43 -16.52
C ARG C 355 33.99 -12.48 -17.64
N LYS C 356 34.75 -13.55 -17.42
CA LYS C 356 34.81 -14.73 -18.27
C LYS C 356 33.84 -15.75 -17.69
N GLU C 357 32.87 -16.16 -18.49
CA GLU C 357 31.98 -17.23 -18.05
C GLU C 357 31.84 -18.28 -19.14
N VAL D 23 -1.79 -2.97 68.97
CA VAL D 23 -2.04 -3.67 67.71
C VAL D 23 -2.63 -2.72 66.68
N GLY D 24 -1.96 -1.59 66.46
CA GLY D 24 -2.44 -0.60 65.52
C GLY D 24 -2.54 -1.15 64.10
N GLU D 25 -1.55 -1.92 63.68
CA GLU D 25 -1.56 -2.51 62.36
C GLU D 25 -2.73 -3.48 62.21
N GLU D 26 -2.98 -4.24 63.27
CA GLU D 26 -4.10 -5.18 63.30
C GLU D 26 -5.42 -4.42 63.19
N GLU D 27 -5.51 -3.28 63.89
CA GLU D 27 -6.72 -2.47 63.80
C GLU D 27 -6.90 -2.00 62.37
N GLN D 28 -5.82 -1.56 61.73
CA GLN D 28 -5.94 -1.10 60.36
C GLN D 28 -6.41 -2.24 59.48
N VAL D 29 -5.84 -3.43 59.65
CA VAL D 29 -6.30 -4.53 58.81
C VAL D 29 -7.77 -4.89 59.06
N ILE D 30 -8.20 -4.91 60.33
CA ILE D 30 -9.59 -5.25 60.59
C ILE D 30 -10.51 -4.19 60.01
N LEU D 31 -10.13 -2.92 60.11
CA LEU D 31 -10.96 -1.86 59.56
C LEU D 31 -11.07 -2.02 58.05
N SER D 32 -9.94 -2.33 57.40
CA SER D 32 -9.94 -2.49 55.96
C SER D 32 -10.87 -3.63 55.59
N VAL D 33 -10.76 -4.75 56.31
CA VAL D 33 -11.61 -5.88 55.99
C VAL D 33 -13.07 -5.54 56.22
N LEU D 34 -13.37 -4.82 57.29
CA LEU D 34 -14.75 -4.48 57.56
C LEU D 34 -15.30 -3.64 56.42
N ASP D 35 -14.54 -2.66 55.95
CA ASP D 35 -15.05 -1.83 54.87
C ASP D 35 -15.28 -2.66 53.62
N ASN D 36 -14.31 -3.53 53.32
CA ASN D 36 -14.43 -4.35 52.13
C ASN D 36 -15.64 -5.27 52.21
N MET D 37 -15.83 -5.86 53.38
CA MET D 37 -16.92 -6.79 53.61
C MET D 37 -18.22 -6.07 53.47
N GLN D 38 -18.30 -4.87 54.02
CA GLN D 38 -19.53 -4.13 53.95
C GLN D 38 -19.85 -3.83 52.49
N ARG D 39 -18.85 -3.41 51.74
CA ARG D 39 -19.12 -3.11 50.34
C ARG D 39 -19.58 -4.36 49.58
N ILE D 40 -18.92 -5.49 49.79
CA ILE D 40 -19.32 -6.71 49.07
C ILE D 40 -20.72 -7.17 49.48
N LEU D 41 -21.03 -7.06 50.77
CA LEU D 41 -22.33 -7.46 51.27
C LEU D 41 -23.41 -6.59 50.65
N ASN D 42 -23.13 -5.30 50.55
CA ASN D 42 -24.04 -4.36 49.96
C ASN D 42 -24.25 -4.64 48.47
N THR D 43 -23.19 -5.05 47.76
CA THR D 43 -23.34 -5.26 46.32
C THR D 43 -24.10 -6.50 45.81
N ARG D 44 -24.92 -7.14 46.64
CA ARG D 44 -25.68 -8.22 46.09
C ARG D 44 -24.89 -8.79 44.98
N ALA D 45 -24.96 -10.12 44.81
CA ALA D 45 -24.10 -10.78 43.88
C ALA D 45 -24.29 -10.29 42.47
N GLY D 46 -25.50 -10.24 41.92
CA GLY D 46 -25.76 -9.88 40.55
C GLY D 46 -25.61 -8.42 40.26
N SER D 47 -25.77 -7.55 41.28
CA SER D 47 -25.91 -6.13 41.13
C SER D 47 -24.85 -5.47 40.28
N LEU D 48 -23.56 -5.76 40.51
CA LEU D 48 -22.53 -5.04 39.81
C LEU D 48 -22.47 -5.56 38.40
N LYS D 49 -22.77 -4.68 37.42
CA LYS D 49 -22.84 -5.07 36.04
C LYS D 49 -21.50 -5.49 35.55
N HIS D 50 -20.46 -4.69 35.89
CA HIS D 50 -19.14 -4.96 35.39
C HIS D 50 -18.74 -6.32 35.84
N LEU D 51 -18.92 -6.63 37.13
CA LEU D 51 -18.56 -7.94 37.60
C LEU D 51 -19.78 -8.56 38.20
N PRO D 52 -20.40 -9.44 37.48
CA PRO D 52 -21.57 -10.08 38.01
C PRO D 52 -21.23 -11.01 39.12
N ASP D 53 -19.97 -11.49 39.17
CA ASP D 53 -19.53 -12.42 40.16
C ASP D 53 -19.41 -11.79 41.52
N TYR D 54 -19.02 -10.50 41.57
CA TYR D 54 -18.77 -9.82 42.81
C TYR D 54 -19.97 -9.82 43.71
N GLY D 55 -19.73 -10.03 45.03
CA GLY D 55 -20.82 -9.98 45.98
C GLY D 55 -21.21 -11.33 46.46
N LEU D 56 -22.19 -11.34 47.40
CA LEU D 56 -22.70 -12.53 48.03
C LEU D 56 -24.15 -12.67 47.71
N PRO D 57 -24.58 -13.87 47.45
CA PRO D 57 -25.99 -14.07 47.26
C PRO D 57 -26.68 -14.01 48.59
N ASP D 58 -27.58 -13.03 48.79
CA ASP D 58 -28.25 -12.93 50.05
C ASP D 58 -29.67 -12.58 49.73
N ILE D 59 -30.43 -13.55 49.23
CA ILE D 59 -31.79 -13.33 48.86
C ILE D 59 -32.61 -13.11 50.09
N THR D 60 -33.68 -12.32 49.96
CA THR D 60 -34.54 -12.04 51.08
C THR D 60 -35.11 -13.32 51.57
N THR D 61 -35.39 -14.26 50.64
CA THR D 61 -36.00 -15.50 51.02
C THR D 61 -35.11 -16.21 51.99
N ILE D 62 -33.77 -16.16 51.80
CA ILE D 62 -32.93 -16.90 52.69
C ILE D 62 -33.14 -16.36 54.08
N LEU D 63 -33.24 -15.04 54.22
CA LEU D 63 -33.43 -14.45 55.51
C LEU D 63 -34.78 -14.86 56.02
N GLN D 64 -35.77 -14.92 55.14
CA GLN D 64 -37.10 -15.29 55.58
C GLN D 64 -37.13 -16.78 55.68
N GLY D 65 -36.96 -17.30 56.91
CA GLY D 65 -36.94 -18.73 57.10
C GLY D 65 -35.51 -19.15 57.14
N MET D 66 -35.21 -20.34 57.70
CA MET D 66 -33.84 -20.75 57.75
C MET D 66 -33.71 -22.09 57.11
N PRO D 67 -32.97 -22.08 56.03
CA PRO D 67 -32.66 -23.27 55.28
C PRO D 67 -31.54 -24.08 55.84
N GLY D 68 -30.95 -23.74 57.00
CA GLY D 68 -29.73 -24.44 57.27
C GLY D 68 -28.79 -23.63 56.46
N THR D 69 -29.21 -22.36 56.34
CA THR D 69 -28.64 -21.31 55.57
C THR D 69 -27.27 -21.05 56.07
N ALA D 70 -27.03 -21.29 57.38
CA ALA D 70 -25.76 -20.98 57.94
C ALA D 70 -24.70 -21.70 57.17
N HIS D 71 -24.93 -22.98 56.86
CA HIS D 71 -23.94 -23.74 56.16
C HIS D 71 -23.69 -23.17 54.80
N GLN D 72 -24.75 -22.96 54.00
CA GLN D 72 -24.54 -22.51 52.65
C GLN D 72 -24.02 -21.12 52.64
N LEU D 73 -24.51 -20.26 53.54
CA LEU D 73 -24.11 -18.89 53.58
C LEU D 73 -22.65 -18.85 53.93
N MET D 74 -22.19 -19.75 54.82
CA MET D 74 -20.80 -19.70 55.18
C MET D 74 -19.97 -19.96 53.96
N ARG D 75 -20.36 -20.96 53.16
CA ARG D 75 -19.58 -21.30 52.00
C ARG D 75 -19.60 -20.17 51.03
N VAL D 76 -20.78 -19.53 50.83
CA VAL D 76 -20.85 -18.49 49.84
C VAL D 76 -19.93 -17.37 50.23
N LEU D 77 -19.93 -16.99 51.52
CA LEU D 77 -19.12 -15.90 51.98
C LEU D 77 -17.68 -16.26 51.79
N SER D 78 -17.31 -17.51 52.13
CA SER D 78 -15.94 -17.90 52.07
C SER D 78 -15.46 -17.78 50.67
N ASP D 79 -16.28 -18.23 49.71
CA ASP D 79 -15.87 -18.22 48.33
C ASP D 79 -15.67 -16.81 47.88
N VAL D 80 -16.59 -15.89 48.25
CA VAL D 80 -16.47 -14.55 47.77
C VAL D 80 -15.23 -13.92 48.32
N LEU D 81 -14.95 -14.16 49.62
CA LEU D 81 -13.79 -13.59 50.24
C LEU D 81 -12.55 -14.08 49.56
N LEU D 82 -12.50 -15.39 49.26
CA LEU D 82 -11.30 -15.90 48.68
C LEU D 82 -11.07 -15.24 47.36
N LYS D 83 -12.13 -15.10 46.55
CA LYS D 83 -11.98 -14.51 45.25
C LYS D 83 -11.63 -13.05 45.35
N TYR D 84 -12.41 -12.30 46.15
CA TYR D 84 -12.33 -10.87 46.28
C TYR D 84 -11.23 -10.31 47.13
N GLU D 85 -10.81 -10.95 48.23
CA GLU D 85 -9.78 -10.33 49.02
C GLU D 85 -8.64 -11.28 49.24
N PRO D 86 -7.61 -11.13 48.46
CA PRO D 86 -6.43 -11.96 48.53
C PRO D 86 -5.57 -11.73 49.73
N ARG D 87 -5.72 -10.57 50.40
CA ARG D 87 -4.89 -10.22 51.52
C ARG D 87 -5.14 -11.14 52.67
N ILE D 88 -6.37 -11.68 52.79
CA ILE D 88 -6.70 -12.52 53.90
C ILE D 88 -6.06 -13.86 53.72
N LYS D 89 -5.49 -14.40 54.81
CA LYS D 89 -4.88 -15.70 54.71
C LYS D 89 -5.80 -16.67 55.36
N ARG D 90 -5.64 -16.89 56.68
CA ARG D 90 -6.48 -17.82 57.38
C ARG D 90 -7.86 -17.25 57.43
N VAL D 91 -8.89 -18.08 57.13
CA VAL D 91 -10.23 -17.56 57.16
C VAL D 91 -11.15 -18.58 57.73
N ASP D 92 -12.11 -18.12 58.56
CA ASP D 92 -13.11 -18.99 59.13
C ASP D 92 -14.37 -18.18 59.20
N VAL D 93 -15.48 -18.67 58.61
CA VAL D 93 -16.71 -17.93 58.68
C VAL D 93 -17.73 -18.76 59.39
N THR D 94 -18.46 -18.14 60.34
CA THR D 94 -19.49 -18.86 61.04
C THR D 94 -20.74 -18.04 60.97
N MET D 95 -21.89 -18.70 60.69
CA MET D 95 -23.12 -17.99 60.63
C MET D 95 -23.98 -18.43 61.76
N GLN D 96 -24.57 -17.46 62.49
CA GLN D 96 -25.48 -17.79 63.53
C GLN D 96 -26.80 -17.25 63.07
N GLU D 97 -27.77 -18.14 62.85
CA GLU D 97 -29.03 -17.66 62.37
C GLU D 97 -29.93 -17.43 63.53
N GLN D 98 -30.47 -16.19 63.62
CA GLN D 98 -31.37 -15.91 64.68
C GLN D 98 -32.75 -15.92 64.11
N THR D 99 -33.47 -17.02 64.37
CA THR D 99 -34.82 -17.22 63.96
C THR D 99 -35.66 -16.30 64.78
N GLN D 100 -35.17 -16.01 66.00
CA GLN D 100 -35.89 -15.22 66.96
C GLN D 100 -36.25 -13.92 66.32
N PRO D 101 -35.39 -13.33 65.54
CA PRO D 101 -35.79 -12.10 64.91
C PRO D 101 -36.87 -12.36 63.94
N GLY D 102 -37.84 -11.44 63.83
CA GLY D 102 -38.95 -11.63 62.94
C GLY D 102 -39.24 -10.30 62.34
N GLU D 103 -40.17 -10.25 61.35
CA GLU D 103 -40.47 -9.01 60.72
C GLU D 103 -39.27 -8.69 59.90
N LEU D 104 -39.06 -7.40 59.58
CA LEU D 104 -37.86 -7.09 58.85
C LEU D 104 -36.76 -7.19 59.84
N HIS D 105 -36.25 -8.42 60.00
CA HIS D 105 -35.21 -8.75 60.94
C HIS D 105 -34.77 -10.11 60.54
N TYR D 106 -34.91 -11.09 61.47
CA TYR D 106 -34.49 -12.45 61.23
C TYR D 106 -33.07 -12.32 60.79
N VAL D 107 -32.27 -11.66 61.65
CA VAL D 107 -30.92 -11.33 61.37
C VAL D 107 -30.07 -12.54 61.39
N ILE D 108 -28.98 -12.50 60.60
CA ILE D 108 -28.00 -13.53 60.53
C ILE D 108 -26.76 -12.92 61.08
N ASP D 109 -26.07 -13.65 61.97
CA ASP D 109 -24.86 -13.11 62.53
C ASP D 109 -23.73 -13.70 61.75
N ALA D 110 -22.89 -12.85 61.14
CA ALA D 110 -21.78 -13.38 60.42
C ALA D 110 -20.56 -13.06 61.21
N GLU D 111 -19.77 -14.11 61.56
CA GLU D 111 -18.56 -13.87 62.28
C GLU D 111 -17.46 -14.28 61.36
N LEU D 112 -16.53 -13.36 61.08
CA LEU D 112 -15.45 -13.71 60.22
C LEU D 112 -14.18 -13.64 61.00
N LYS D 113 -13.43 -14.76 61.01
CA LYS D 113 -12.15 -14.84 61.65
C LYS D 113 -11.18 -14.69 60.52
N ASP D 114 -10.06 -13.98 60.75
CA ASP D 114 -9.23 -13.66 59.62
C ASP D 114 -7.78 -13.61 59.99
N ALA D 115 -6.92 -13.85 58.97
CA ALA D 115 -5.49 -13.78 59.07
C ALA D 115 -5.06 -12.91 57.92
N GLY D 116 -3.94 -12.18 58.06
CA GLY D 116 -3.51 -11.31 57.01
C GLY D 116 -2.27 -11.89 56.40
N LEU D 117 -2.31 -12.09 55.07
CA LEU D 117 -1.28 -12.60 54.21
C LEU D 117 -0.20 -11.58 54.06
N VAL D 118 -0.60 -10.30 54.14
CA VAL D 118 0.20 -9.13 53.92
C VAL D 118 1.53 -9.28 54.60
N ARG D 119 2.51 -8.44 54.21
CA ARG D 119 3.85 -8.55 54.70
C ARG D 119 3.82 -8.54 56.18
N TYR D 120 3.00 -7.66 56.81
CA TYR D 120 2.97 -7.73 58.24
C TYR D 120 2.47 -9.10 58.56
N GLY D 121 1.34 -9.50 57.94
CA GLY D 121 0.88 -10.85 58.09
C GLY D 121 0.73 -11.17 59.53
N THR D 122 0.11 -10.27 60.30
CA THR D 122 0.04 -10.51 61.70
C THR D 122 -1.21 -11.24 62.02
N THR D 123 -1.19 -12.59 61.90
CA THR D 123 -2.37 -13.36 62.16
C THR D 123 -2.04 -14.76 62.55
N PHE D 124 -3.06 -15.64 62.56
CA PHE D 124 -2.83 -16.99 62.95
C PHE D 124 -1.95 -17.67 61.94
N ILE D 125 -2.43 -17.86 60.68
CA ILE D 125 -1.57 -18.54 59.75
C ILE D 125 -0.46 -17.67 59.26
N PRO D 126 -0.64 -16.45 58.78
CA PRO D 126 0.57 -15.73 58.53
C PRO D 126 0.93 -15.47 59.93
N GLU D 127 2.14 -15.83 60.37
CA GLU D 127 2.34 -15.66 61.76
C GLU D 127 2.29 -14.20 62.05
N GLY D 128 3.22 -13.44 61.45
CA GLY D 128 3.33 -12.03 61.70
C GLY D 128 3.33 -11.95 63.19
N ARG D 129 2.58 -10.98 63.73
CA ARG D 129 2.37 -11.05 65.14
C ARG D 129 1.18 -11.94 65.20
N VAL D 130 0.99 -12.73 66.26
CA VAL D 130 -0.15 -13.59 66.15
C VAL D 130 -1.38 -12.79 66.44
N LEU D 131 -2.18 -12.51 65.39
CA LEU D 131 -3.37 -11.77 65.64
C LEU D 131 -4.48 -12.34 64.82
N LEU D 132 -5.52 -12.86 65.50
CA LEU D 132 -6.64 -13.34 64.75
C LEU D 132 -7.58 -12.19 64.75
N ARG D 133 -7.77 -11.55 63.58
CA ARG D 133 -8.67 -10.43 63.56
C ARG D 133 -10.03 -10.97 63.28
N HIS D 134 -11.08 -10.26 63.76
CA HIS D 134 -12.39 -10.76 63.50
C HIS D 134 -13.31 -9.59 63.28
N LEU D 135 -14.39 -9.83 62.52
CA LEU D 135 -15.39 -8.84 62.28
C LEU D 135 -16.70 -9.51 62.49
N LYS D 136 -17.67 -8.80 63.10
CA LYS D 136 -18.98 -9.35 63.30
C LYS D 136 -19.96 -8.44 62.64
N GLN D 137 -20.94 -9.02 61.92
CA GLN D 137 -21.92 -8.20 61.29
C GLN D 137 -23.24 -8.89 61.41
N GLN D 138 -24.34 -8.12 61.26
CA GLN D 138 -25.65 -8.69 61.28
C GLN D 138 -26.22 -8.48 59.92
N ARG D 139 -27.02 -9.46 59.44
CA ARG D 139 -27.58 -9.36 58.14
C ARG D 139 -29.03 -9.04 58.30
N TYR D 140 -29.59 -8.31 57.32
CA TYR D 140 -30.95 -7.88 57.38
C TYR D 140 -31.57 -8.22 56.06
N VAL D 141 -32.87 -7.97 55.91
CA VAL D 141 -33.52 -8.25 54.67
C VAL D 141 -34.08 -6.96 54.15
N GLN D 142 -34.25 -6.89 52.82
CA GLN D 142 -34.80 -5.71 52.21
C GLN D 142 -36.26 -5.96 52.02
N THR D 143 -37.09 -4.95 52.34
CA THR D 143 -38.50 -5.12 52.16
C THR D 143 -38.87 -4.43 50.86
#